data_1H1H
# 
_entry.id   1H1H 
# 
_audit_conform.dict_name       mmcif_pdbx.dic 
_audit_conform.dict_version    5.399 
_audit_conform.dict_location   http://mmcif.pdb.org/dictionaries/ascii/mmcif_pdbx.dic 
# 
loop_
_database_2.database_id 
_database_2.database_code 
_database_2.pdbx_database_accession 
_database_2.pdbx_DOI 
PDB   1H1H         pdb_00001h1h 10.2210/pdb1h1h/pdb 
PDBE  EBI-11114    ?            ?                   
WWPDB D_1290011114 ?            ?                   
# 
loop_
_pdbx_audit_revision_history.ordinal 
_pdbx_audit_revision_history.data_content_type 
_pdbx_audit_revision_history.major_revision 
_pdbx_audit_revision_history.minor_revision 
_pdbx_audit_revision_history.revision_date 
1 'Structure model' 1 0 2002-10-03 
2 'Structure model' 1 1 2011-05-08 
3 'Structure model' 1 2 2011-07-13 
4 'Structure model' 1 3 2019-10-16 
5 'Structure model' 1 4 2023-12-13 
6 'Structure model' 1 5 2024-11-20 
# 
_pdbx_audit_revision_details.ordinal             1 
_pdbx_audit_revision_details.revision_ordinal    1 
_pdbx_audit_revision_details.data_content_type   'Structure model' 
_pdbx_audit_revision_details.provider            repository 
_pdbx_audit_revision_details.type                'Initial release' 
_pdbx_audit_revision_details.description         ? 
_pdbx_audit_revision_details.details             ? 
# 
loop_
_pdbx_audit_revision_group.ordinal 
_pdbx_audit_revision_group.revision_ordinal 
_pdbx_audit_revision_group.data_content_type 
_pdbx_audit_revision_group.group 
1 2 'Structure model' 'Version format compliance' 
2 3 'Structure model' 'Version format compliance' 
3 4 'Structure model' 'Data collection'           
4 5 'Structure model' 'Data collection'           
5 5 'Structure model' 'Database references'       
6 5 'Structure model' 'Refinement description'    
7 6 'Structure model' 'Structure summary'         
# 
loop_
_pdbx_audit_revision_category.ordinal 
_pdbx_audit_revision_category.revision_ordinal 
_pdbx_audit_revision_category.data_content_type 
_pdbx_audit_revision_category.category 
1 4 'Structure model' reflns_shell                  
2 5 'Structure model' chem_comp_atom                
3 5 'Structure model' chem_comp_bond                
4 5 'Structure model' database_2                    
5 5 'Structure model' pdbx_initial_refinement_model 
6 6 'Structure model' pdbx_entry_details            
7 6 'Structure model' pdbx_modification_feature     
# 
loop_
_pdbx_audit_revision_item.ordinal 
_pdbx_audit_revision_item.revision_ordinal 
_pdbx_audit_revision_item.data_content_type 
_pdbx_audit_revision_item.item 
1 4 'Structure model' '_reflns_shell.Rmerge_I_obs'                   
2 5 'Structure model' '_database_2.pdbx_DOI'                         
3 5 'Structure model' '_database_2.pdbx_database_accession'          
4 6 'Structure model' '_pdbx_entry_details.has_protein_modification' 
# 
_pdbx_database_status.status_code                     REL 
_pdbx_database_status.entry_id                        1H1H 
_pdbx_database_status.deposit_site                    PDBE 
_pdbx_database_status.process_site                    PDBE 
_pdbx_database_status.SG_entry                        . 
_pdbx_database_status.recvd_initial_deposition_date   2002-07-15 
_pdbx_database_status.pdb_format_compatible           Y 
_pdbx_database_status.status_code_sf                  ? 
_pdbx_database_status.status_code_mr                  ? 
_pdbx_database_status.status_code_cs                  ? 
_pdbx_database_status.methods_development_category    ? 
_pdbx_database_status.status_code_nmr_data            ? 
# 
loop_
_pdbx_database_related.db_name 
_pdbx_database_related.db_id 
_pdbx_database_related.content_type 
_pdbx_database_related.details 
PDB 1DYT unspecified 'X-RAY CRYSTAL STRUCTURE OF ECP (RNASE 3) AT 1.75 A' 
PDB 1QMT unspecified 'RECOMBINANT HUMAN EOSINOPHIL CATIONIC PROTEIN'      
# 
loop_
_audit_author.name 
_audit_author.pdbx_ordinal 
'Mohan, C.G.'    1 
'Boix, E.'       2 
'Evans, H.R.'    3 
'Nikolovski, Z.' 4 
'Nogues, M.V.'   5 
'Cuchillo, C.M.' 6 
'Acharya, K.R.'  7 
# 
_citation.id                        primary 
_citation.title                     
;The Crystal Structure of Eosinophil Cationic Protein in Complex with 2'5'-Adp at 2.0 A Resolution Reveals the Details of the Ribonucleolytic Active Site
;
_citation.journal_abbrev            Biochemistry 
_citation.journal_volume            41 
_citation.page_first                12100 
_citation.page_last                 ? 
_citation.year                      2002 
_citation.journal_id_ASTM           BICHAW 
_citation.country                   US 
_citation.journal_id_ISSN           0006-2960 
_citation.journal_id_CSD            0033 
_citation.book_publisher            ? 
_citation.pdbx_database_id_PubMed   12356310 
_citation.pdbx_database_id_DOI      10.1021/BI0264521 
# 
loop_
_citation_author.citation_id 
_citation_author.name 
_citation_author.ordinal 
_citation_author.identifier_ORCID 
primary 'Mohan, C.G.'    1 ? 
primary 'Boix, E.'       2 ? 
primary 'Evans, H.R.'    3 ? 
primary 'Nikolovski, Z.' 4 ? 
primary 'Nogues, M.V.'   5 ? 
primary 'Cuchillo, C.M.' 6 ? 
primary 'Acharya, K.R.'  7 ? 
# 
loop_
_entity.id 
_entity.type 
_entity.src_method 
_entity.pdbx_description 
_entity.formula_weight 
_entity.pdbx_number_of_molecules 
_entity.pdbx_ec 
_entity.pdbx_mutation 
_entity.pdbx_fragment 
_entity.details 
1 polymer     man 'EOSINOPHIL CATIONIC PROTEIN' 15730.072 1  3.1.27.- ? ? ? 
2 non-polymer syn "ADENOSINE-2'-5'-DIPHOSPHATE" 427.201   1  ?        ? ? ? 
3 water       nat water                         18.015    54 ?        ? ? ? 
# 
_entity_name_com.entity_id   1 
_entity_name_com.name        'ECP, RIBONUCLEASE 3, RNASE 3' 
# 
_entity_poly.entity_id                      1 
_entity_poly.type                           'polypeptide(L)' 
_entity_poly.nstd_linkage                   no 
_entity_poly.nstd_monomer                   no 
_entity_poly.pdbx_seq_one_letter_code       
;MRPPQFTRAQWFAIQHISLNPPRCTIAMRAINNYRWRCKNQNTFLRTTFANVVNVCGNQSIRCPHNRTLNNCHRSRFRVP
LLHCDLINPGAQNISNCRYADRPGRRFYVVACDNRDPRDSPRYPVVPVHLDTTI
;
_entity_poly.pdbx_seq_one_letter_code_can   
;MRPPQFTRAQWFAIQHISLNPPRCTIAMRAINNYRWRCKNQNTFLRTTFANVVNVCGNQSIRCPHNRTLNNCHRSRFRVP
LLHCDLINPGAQNISNCRYADRPGRRFYVVACDNRDPRDSPRYPVVPVHLDTTI
;
_entity_poly.pdbx_strand_id                 A 
_entity_poly.pdbx_target_identifier         ? 
# 
loop_
_pdbx_entity_nonpoly.entity_id 
_pdbx_entity_nonpoly.name 
_pdbx_entity_nonpoly.comp_id 
2 "ADENOSINE-2'-5'-DIPHOSPHATE" A2P 
3 water                         HOH 
# 
loop_
_entity_poly_seq.entity_id 
_entity_poly_seq.num 
_entity_poly_seq.mon_id 
_entity_poly_seq.hetero 
1 1   MET n 
1 2   ARG n 
1 3   PRO n 
1 4   PRO n 
1 5   GLN n 
1 6   PHE n 
1 7   THR n 
1 8   ARG n 
1 9   ALA n 
1 10  GLN n 
1 11  TRP n 
1 12  PHE n 
1 13  ALA n 
1 14  ILE n 
1 15  GLN n 
1 16  HIS n 
1 17  ILE n 
1 18  SER n 
1 19  LEU n 
1 20  ASN n 
1 21  PRO n 
1 22  PRO n 
1 23  ARG n 
1 24  CYS n 
1 25  THR n 
1 26  ILE n 
1 27  ALA n 
1 28  MET n 
1 29  ARG n 
1 30  ALA n 
1 31  ILE n 
1 32  ASN n 
1 33  ASN n 
1 34  TYR n 
1 35  ARG n 
1 36  TRP n 
1 37  ARG n 
1 38  CYS n 
1 39  LYS n 
1 40  ASN n 
1 41  GLN n 
1 42  ASN n 
1 43  THR n 
1 44  PHE n 
1 45  LEU n 
1 46  ARG n 
1 47  THR n 
1 48  THR n 
1 49  PHE n 
1 50  ALA n 
1 51  ASN n 
1 52  VAL n 
1 53  VAL n 
1 54  ASN n 
1 55  VAL n 
1 56  CYS n 
1 57  GLY n 
1 58  ASN n 
1 59  GLN n 
1 60  SER n 
1 61  ILE n 
1 62  ARG n 
1 63  CYS n 
1 64  PRO n 
1 65  HIS n 
1 66  ASN n 
1 67  ARG n 
1 68  THR n 
1 69  LEU n 
1 70  ASN n 
1 71  ASN n 
1 72  CYS n 
1 73  HIS n 
1 74  ARG n 
1 75  SER n 
1 76  ARG n 
1 77  PHE n 
1 78  ARG n 
1 79  VAL n 
1 80  PRO n 
1 81  LEU n 
1 82  LEU n 
1 83  HIS n 
1 84  CYS n 
1 85  ASP n 
1 86  LEU n 
1 87  ILE n 
1 88  ASN n 
1 89  PRO n 
1 90  GLY n 
1 91  ALA n 
1 92  GLN n 
1 93  ASN n 
1 94  ILE n 
1 95  SER n 
1 96  ASN n 
1 97  CYS n 
1 98  ARG n 
1 99  TYR n 
1 100 ALA n 
1 101 ASP n 
1 102 ARG n 
1 103 PRO n 
1 104 GLY n 
1 105 ARG n 
1 106 ARG n 
1 107 PHE n 
1 108 TYR n 
1 109 VAL n 
1 110 VAL n 
1 111 ALA n 
1 112 CYS n 
1 113 ASP n 
1 114 ASN n 
1 115 ARG n 
1 116 ASP n 
1 117 PRO n 
1 118 ARG n 
1 119 ASP n 
1 120 SER n 
1 121 PRO n 
1 122 ARG n 
1 123 TYR n 
1 124 PRO n 
1 125 VAL n 
1 126 VAL n 
1 127 PRO n 
1 128 VAL n 
1 129 HIS n 
1 130 LEU n 
1 131 ASP n 
1 132 THR n 
1 133 THR n 
1 134 ILE n 
# 
_entity_src_gen.entity_id                          1 
_entity_src_gen.pdbx_src_id                        1 
_entity_src_gen.pdbx_alt_source_flag               sample 
_entity_src_gen.pdbx_seq_type                      ? 
_entity_src_gen.pdbx_beg_seq_num                   ? 
_entity_src_gen.pdbx_end_seq_num                   ? 
_entity_src_gen.gene_src_common_name               ? 
_entity_src_gen.gene_src_genus                     ? 
_entity_src_gen.pdbx_gene_src_gene                 ? 
_entity_src_gen.gene_src_species                   ? 
_entity_src_gen.gene_src_strain                    ? 
_entity_src_gen.gene_src_tissue                    ? 
_entity_src_gen.gene_src_tissue_fraction           ? 
_entity_src_gen.gene_src_details                   ? 
_entity_src_gen.pdbx_gene_src_fragment             ? 
_entity_src_gen.pdbx_gene_src_scientific_name      'HOMO SAPIENS' 
_entity_src_gen.pdbx_gene_src_ncbi_taxonomy_id     9606 
_entity_src_gen.pdbx_gene_src_variant              ? 
_entity_src_gen.pdbx_gene_src_cell_line            ? 
_entity_src_gen.pdbx_gene_src_atcc                 ? 
_entity_src_gen.pdbx_gene_src_organ                ? 
_entity_src_gen.pdbx_gene_src_organelle            ? 
_entity_src_gen.pdbx_gene_src_cell                 ? 
_entity_src_gen.pdbx_gene_src_cellular_location    ? 
_entity_src_gen.host_org_common_name               ? 
_entity_src_gen.pdbx_host_org_scientific_name      'ESCHERICHIA COLI' 
_entity_src_gen.pdbx_host_org_ncbi_taxonomy_id     469008 
_entity_src_gen.host_org_genus                     ? 
_entity_src_gen.pdbx_host_org_gene                 ? 
_entity_src_gen.pdbx_host_org_organ                ? 
_entity_src_gen.host_org_species                   ? 
_entity_src_gen.pdbx_host_org_tissue               ? 
_entity_src_gen.pdbx_host_org_tissue_fraction      ? 
_entity_src_gen.pdbx_host_org_strain               'BL21(DE3)' 
_entity_src_gen.pdbx_host_org_variant              ? 
_entity_src_gen.pdbx_host_org_cell_line            ? 
_entity_src_gen.pdbx_host_org_atcc                 ? 
_entity_src_gen.pdbx_host_org_culture_collection   ? 
_entity_src_gen.pdbx_host_org_cell                 ? 
_entity_src_gen.pdbx_host_org_organelle            ? 
_entity_src_gen.pdbx_host_org_cellular_location    ? 
_entity_src_gen.pdbx_host_org_vector_type          ? 
_entity_src_gen.pdbx_host_org_vector               ? 
_entity_src_gen.host_org_details                   ? 
_entity_src_gen.expression_system_id               ? 
_entity_src_gen.plasmid_name                       ? 
_entity_src_gen.plasmid_details                    ? 
_entity_src_gen.pdbx_description                   ? 
# 
loop_
_chem_comp.id 
_chem_comp.type 
_chem_comp.mon_nstd_flag 
_chem_comp.name 
_chem_comp.pdbx_synonyms 
_chem_comp.formula 
_chem_comp.formula_weight 
A2P non-polymer         . "ADENOSINE-2'-5'-DIPHOSPHATE" ? 'C10 H15 N5 O10 P2' 427.201 
ALA 'L-peptide linking' y ALANINE                       ? 'C3 H7 N O2'        89.093  
ARG 'L-peptide linking' y ARGININE                      ? 'C6 H15 N4 O2 1'    175.209 
ASN 'L-peptide linking' y ASPARAGINE                    ? 'C4 H8 N2 O3'       132.118 
ASP 'L-peptide linking' y 'ASPARTIC ACID'               ? 'C4 H7 N O4'        133.103 
CYS 'L-peptide linking' y CYSTEINE                      ? 'C3 H7 N O2 S'      121.158 
GLN 'L-peptide linking' y GLUTAMINE                     ? 'C5 H10 N2 O3'      146.144 
GLY 'peptide linking'   y GLYCINE                       ? 'C2 H5 N O2'        75.067  
HIS 'L-peptide linking' y HISTIDINE                     ? 'C6 H10 N3 O2 1'    156.162 
HOH non-polymer         . WATER                         ? 'H2 O'              18.015  
ILE 'L-peptide linking' y ISOLEUCINE                    ? 'C6 H13 N O2'       131.173 
LEU 'L-peptide linking' y LEUCINE                       ? 'C6 H13 N O2'       131.173 
LYS 'L-peptide linking' y LYSINE                        ? 'C6 H15 N2 O2 1'    147.195 
MET 'L-peptide linking' y METHIONINE                    ? 'C5 H11 N O2 S'     149.211 
PHE 'L-peptide linking' y PHENYLALANINE                 ? 'C9 H11 N O2'       165.189 
PRO 'L-peptide linking' y PROLINE                       ? 'C5 H9 N O2'        115.130 
SER 'L-peptide linking' y SERINE                        ? 'C3 H7 N O3'        105.093 
THR 'L-peptide linking' y THREONINE                     ? 'C4 H9 N O3'        119.119 
TRP 'L-peptide linking' y TRYPTOPHAN                    ? 'C11 H12 N2 O2'     204.225 
TYR 'L-peptide linking' y TYROSINE                      ? 'C9 H11 N O3'       181.189 
VAL 'L-peptide linking' y VALINE                        ? 'C5 H11 N O2'       117.146 
# 
loop_
_pdbx_poly_seq_scheme.asym_id 
_pdbx_poly_seq_scheme.entity_id 
_pdbx_poly_seq_scheme.seq_id 
_pdbx_poly_seq_scheme.mon_id 
_pdbx_poly_seq_scheme.ndb_seq_num 
_pdbx_poly_seq_scheme.pdb_seq_num 
_pdbx_poly_seq_scheme.auth_seq_num 
_pdbx_poly_seq_scheme.pdb_mon_id 
_pdbx_poly_seq_scheme.auth_mon_id 
_pdbx_poly_seq_scheme.pdb_strand_id 
_pdbx_poly_seq_scheme.pdb_ins_code 
_pdbx_poly_seq_scheme.hetero 
A 1 1   MET 1   0   0   MET MET A . n 
A 1 2   ARG 2   1   1   ARG ARG A . n 
A 1 3   PRO 3   2   2   PRO PRO A . n 
A 1 4   PRO 4   3   3   PRO PRO A . n 
A 1 5   GLN 5   4   4   GLN GLN A . n 
A 1 6   PHE 6   5   5   PHE PHE A . n 
A 1 7   THR 7   6   6   THR THR A . n 
A 1 8   ARG 8   7   7   ARG ARG A . n 
A 1 9   ALA 9   8   8   ALA ALA A . n 
A 1 10  GLN 10  9   9   GLN GLN A . n 
A 1 11  TRP 11  10  10  TRP TRP A . n 
A 1 12  PHE 12  11  11  PHE PHE A . n 
A 1 13  ALA 13  12  12  ALA ALA A . n 
A 1 14  ILE 14  13  13  ILE ILE A . n 
A 1 15  GLN 15  14  14  GLN GLN A . n 
A 1 16  HIS 16  15  15  HIS HIS A . n 
A 1 17  ILE 17  16  16  ILE ILE A . n 
A 1 18  SER 18  17  17  SER SER A . n 
A 1 19  LEU 19  18  18  LEU LEU A . n 
A 1 20  ASN 20  19  19  ASN ASN A . n 
A 1 21  PRO 21  20  20  PRO PRO A . n 
A 1 22  PRO 22  21  21  PRO PRO A . n 
A 1 23  ARG 23  22  22  ARG ARG A . n 
A 1 24  CYS 24  23  23  CYS CYS A . n 
A 1 25  THR 25  24  24  THR THR A . n 
A 1 26  ILE 26  25  25  ILE ILE A . n 
A 1 27  ALA 27  26  26  ALA ALA A . n 
A 1 28  MET 28  27  27  MET MET A . n 
A 1 29  ARG 29  28  28  ARG ARG A . n 
A 1 30  ALA 30  29  29  ALA ALA A . n 
A 1 31  ILE 31  30  30  ILE ILE A . n 
A 1 32  ASN 32  31  31  ASN ASN A . n 
A 1 33  ASN 33  32  32  ASN ASN A . n 
A 1 34  TYR 34  33  33  TYR TYR A . n 
A 1 35  ARG 35  34  34  ARG ARG A . n 
A 1 36  TRP 36  35  35  TRP TRP A . n 
A 1 37  ARG 37  36  36  ARG ARG A . n 
A 1 38  CYS 38  37  37  CYS CYS A . n 
A 1 39  LYS 39  38  38  LYS LYS A . n 
A 1 40  ASN 40  39  39  ASN ASN A . n 
A 1 41  GLN 41  40  40  GLN GLN A . n 
A 1 42  ASN 42  41  41  ASN ASN A . n 
A 1 43  THR 43  42  42  THR THR A . n 
A 1 44  PHE 44  43  43  PHE PHE A . n 
A 1 45  LEU 45  44  44  LEU LEU A . n 
A 1 46  ARG 46  45  45  ARG ARG A . n 
A 1 47  THR 47  46  46  THR THR A . n 
A 1 48  THR 48  47  47  THR THR A . n 
A 1 49  PHE 49  48  48  PHE PHE A . n 
A 1 50  ALA 50  49  49  ALA ALA A . n 
A 1 51  ASN 51  50  50  ASN ASN A . n 
A 1 52  VAL 52  51  51  VAL VAL A . n 
A 1 53  VAL 53  52  52  VAL VAL A . n 
A 1 54  ASN 54  53  53  ASN ASN A . n 
A 1 55  VAL 55  54  54  VAL VAL A . n 
A 1 56  CYS 56  55  55  CYS CYS A . n 
A 1 57  GLY 57  56  56  GLY GLY A . n 
A 1 58  ASN 58  57  57  ASN ASN A . n 
A 1 59  GLN 59  58  58  GLN GLN A . n 
A 1 60  SER 60  59  59  SER SER A . n 
A 1 61  ILE 61  60  60  ILE ILE A . n 
A 1 62  ARG 62  61  61  ARG ARG A . n 
A 1 63  CYS 63  62  62  CYS CYS A . n 
A 1 64  PRO 64  63  63  PRO PRO A . n 
A 1 65  HIS 65  64  64  HIS HIS A . n 
A 1 66  ASN 66  65  65  ASN ASN A . n 
A 1 67  ARG 67  66  66  ARG ARG A . n 
A 1 68  THR 68  67  67  THR THR A . n 
A 1 69  LEU 69  68  68  LEU LEU A . n 
A 1 70  ASN 70  69  69  ASN ASN A . n 
A 1 71  ASN 71  70  70  ASN ASN A . n 
A 1 72  CYS 72  71  71  CYS CYS A . n 
A 1 73  HIS 73  72  72  HIS HIS A . n 
A 1 74  ARG 74  73  73  ARG ARG A . n 
A 1 75  SER 75  74  74  SER SER A . n 
A 1 76  ARG 76  75  75  ARG ARG A . n 
A 1 77  PHE 77  76  76  PHE PHE A . n 
A 1 78  ARG 78  77  77  ARG ARG A . n 
A 1 79  VAL 79  78  78  VAL VAL A . n 
A 1 80  PRO 80  79  79  PRO PRO A . n 
A 1 81  LEU 81  80  80  LEU LEU A . n 
A 1 82  LEU 82  81  81  LEU LEU A . n 
A 1 83  HIS 83  82  82  HIS HIS A . n 
A 1 84  CYS 84  83  83  CYS CYS A . n 
A 1 85  ASP 85  84  84  ASP ASP A . n 
A 1 86  LEU 86  85  85  LEU LEU A . n 
A 1 87  ILE 87  86  86  ILE ILE A . n 
A 1 88  ASN 88  87  87  ASN ASN A . n 
A 1 89  PRO 89  88  88  PRO PRO A . n 
A 1 90  GLY 90  89  89  GLY GLY A . n 
A 1 91  ALA 91  90  90  ALA ALA A . n 
A 1 92  GLN 92  91  91  GLN GLN A . n 
A 1 93  ASN 93  92  92  ASN ASN A . n 
A 1 94  ILE 94  93  93  ILE ILE A . n 
A 1 95  SER 95  94  94  SER SER A . n 
A 1 96  ASN 96  95  95  ASN ASN A . n 
A 1 97  CYS 97  96  96  CYS CYS A . n 
A 1 98  ARG 98  97  97  ARG ARG A . n 
A 1 99  TYR 99  98  98  TYR TYR A . n 
A 1 100 ALA 100 99  99  ALA ALA A . n 
A 1 101 ASP 101 100 100 ASP ASP A . n 
A 1 102 ARG 102 101 101 ARG ARG A . n 
A 1 103 PRO 103 102 102 PRO PRO A . n 
A 1 104 GLY 104 103 103 GLY GLY A . n 
A 1 105 ARG 105 104 104 ARG ARG A . n 
A 1 106 ARG 106 105 105 ARG ARG A . n 
A 1 107 PHE 107 106 106 PHE PHE A . n 
A 1 108 TYR 108 107 107 TYR TYR A . n 
A 1 109 VAL 109 108 108 VAL VAL A . n 
A 1 110 VAL 110 109 109 VAL VAL A . n 
A 1 111 ALA 111 110 110 ALA ALA A . n 
A 1 112 CYS 112 111 111 CYS CYS A . n 
A 1 113 ASP 113 112 112 ASP ASP A . n 
A 1 114 ASN 114 113 113 ASN ASN A . n 
A 1 115 ARG 115 114 114 ARG ARG A . n 
A 1 116 ASP 116 115 115 ASP ASP A . n 
A 1 117 PRO 117 116 116 PRO PRO A . n 
A 1 118 ARG 118 117 117 ARG ARG A . n 
A 1 119 ASP 119 118 118 ASP ASP A . n 
A 1 120 SER 120 119 119 SER SER A . n 
A 1 121 PRO 121 120 120 PRO PRO A . n 
A 1 122 ARG 122 121 121 ARG ARG A . n 
A 1 123 TYR 123 122 122 TYR TYR A . n 
A 1 124 PRO 124 123 123 PRO PRO A . n 
A 1 125 VAL 125 124 124 VAL VAL A . n 
A 1 126 VAL 126 125 125 VAL VAL A . n 
A 1 127 PRO 127 126 126 PRO PRO A . n 
A 1 128 VAL 128 127 127 VAL VAL A . n 
A 1 129 HIS 129 128 128 HIS HIS A . n 
A 1 130 LEU 130 129 129 LEU LEU A . n 
A 1 131 ASP 131 130 130 ASP ASP A . n 
A 1 132 THR 132 131 131 THR THR A . n 
A 1 133 THR 133 132 132 THR THR A . n 
A 1 134 ILE 134 133 133 ILE ILE A . n 
# 
loop_
_pdbx_nonpoly_scheme.asym_id 
_pdbx_nonpoly_scheme.entity_id 
_pdbx_nonpoly_scheme.mon_id 
_pdbx_nonpoly_scheme.ndb_seq_num 
_pdbx_nonpoly_scheme.pdb_seq_num 
_pdbx_nonpoly_scheme.auth_seq_num 
_pdbx_nonpoly_scheme.pdb_mon_id 
_pdbx_nonpoly_scheme.auth_mon_id 
_pdbx_nonpoly_scheme.pdb_strand_id 
_pdbx_nonpoly_scheme.pdb_ins_code 
B 2 A2P 1  1134 1134 A2P A2P A . 
C 3 HOH 1  2001 2001 HOH HOH A . 
C 3 HOH 2  2002 2002 HOH HOH A . 
C 3 HOH 3  2003 2003 HOH HOH A . 
C 3 HOH 4  2004 2004 HOH HOH A . 
C 3 HOH 5  2005 2005 HOH HOH A . 
C 3 HOH 6  2006 2006 HOH HOH A . 
C 3 HOH 7  2007 2007 HOH HOH A . 
C 3 HOH 8  2008 2008 HOH HOH A . 
C 3 HOH 9  2009 2009 HOH HOH A . 
C 3 HOH 10 2010 2010 HOH HOH A . 
C 3 HOH 11 2011 2011 HOH HOH A . 
C 3 HOH 12 2012 2012 HOH HOH A . 
C 3 HOH 13 2013 2013 HOH HOH A . 
C 3 HOH 14 2014 2014 HOH HOH A . 
C 3 HOH 15 2015 2015 HOH HOH A . 
C 3 HOH 16 2016 2016 HOH HOH A . 
C 3 HOH 17 2017 2017 HOH HOH A . 
C 3 HOH 18 2018 2018 HOH HOH A . 
C 3 HOH 19 2019 2019 HOH HOH A . 
C 3 HOH 20 2020 2020 HOH HOH A . 
C 3 HOH 21 2021 2021 HOH HOH A . 
C 3 HOH 22 2022 2022 HOH HOH A . 
C 3 HOH 23 2023 2023 HOH HOH A . 
C 3 HOH 24 2024 2024 HOH HOH A . 
C 3 HOH 25 2025 2025 HOH HOH A . 
C 3 HOH 26 2026 2026 HOH HOH A . 
C 3 HOH 27 2027 2027 HOH HOH A . 
C 3 HOH 28 2028 2028 HOH HOH A . 
C 3 HOH 29 2029 2029 HOH HOH A . 
C 3 HOH 30 2030 2030 HOH HOH A . 
C 3 HOH 31 2031 2031 HOH HOH A . 
C 3 HOH 32 2032 2032 HOH HOH A . 
C 3 HOH 33 2033 2033 HOH HOH A . 
C 3 HOH 34 2034 2034 HOH HOH A . 
C 3 HOH 35 2035 2035 HOH HOH A . 
C 3 HOH 36 2036 2036 HOH HOH A . 
C 3 HOH 37 2037 2037 HOH HOH A . 
C 3 HOH 38 2038 2038 HOH HOH A . 
C 3 HOH 39 2039 2039 HOH HOH A . 
C 3 HOH 40 2040 2040 HOH HOH A . 
C 3 HOH 41 2041 2041 HOH HOH A . 
C 3 HOH 42 2042 2042 HOH HOH A . 
C 3 HOH 43 2043 2043 HOH HOH A . 
C 3 HOH 44 2044 2044 HOH HOH A . 
C 3 HOH 45 2045 2045 HOH HOH A . 
C 3 HOH 46 2046 2046 HOH HOH A . 
C 3 HOH 47 2047 2047 HOH HOH A . 
C 3 HOH 48 2048 2048 HOH HOH A . 
C 3 HOH 49 2049 2049 HOH HOH A . 
C 3 HOH 50 2050 2050 HOH HOH A . 
C 3 HOH 51 2051 2051 HOH HOH A . 
C 3 HOH 52 2052 2052 HOH HOH A . 
C 3 HOH 53 2053 2053 HOH HOH A . 
C 3 HOH 54 2054 2054 HOH HOH A . 
# 
loop_
_software.name 
_software.classification 
_software.version 
_software.citation_id 
_software.pdbx_ordinal 
CNS       refinement       1.0 ? 1 
DENZO     'data reduction' .   ? 2 
SCALEPACK 'data scaling'   .   ? 3 
AMoRE     phasing          .   ? 4 
# 
_cell.entry_id           1H1H 
_cell.length_a           100.700 
_cell.length_b           100.700 
_cell.length_c           31.700 
_cell.angle_alpha        90.00 
_cell.angle_beta         90.00 
_cell.angle_gamma        120.00 
_cell.Z_PDB              6 
_cell.pdbx_unique_axis   ? 
# 
_symmetry.entry_id                         1H1H 
_symmetry.space_group_name_H-M             'P 63' 
_symmetry.pdbx_full_space_group_name_H-M   ? 
_symmetry.cell_setting                     ? 
_symmetry.Int_Tables_number                173 
# 
_exptl.entry_id          1H1H 
_exptl.method            'X-RAY DIFFRACTION' 
_exptl.crystals_number   1 
# 
_exptl_crystal.id                    1 
_exptl_crystal.density_meas          ? 
_exptl_crystal.density_Matthews      2.95 
_exptl_crystal.density_percent_sol   58.30 
_exptl_crystal.description           ? 
# 
_exptl_crystal_grow.crystal_id      1 
_exptl_crystal_grow.method          ? 
_exptl_crystal_grow.temp            ? 
_exptl_crystal_grow.temp_details    ? 
_exptl_crystal_grow.pH              8.00 
_exptl_crystal_grow.pdbx_pH_range   ? 
_exptl_crystal_grow.pdbx_details    '0.5 M SODIUM CHLORIDE, 10% 2-PROPANOL AND 0.1 M HEPES-NAOH PH 8.0.' 
# 
_diffrn.id                     1 
_diffrn.ambient_temp           293.0 
_diffrn.ambient_temp_details   ? 
_diffrn.crystal_id             1 
# 
_diffrn_detector.diffrn_id              1 
_diffrn_detector.detector               CCD 
_diffrn_detector.type                   'ADSC CCD' 
_diffrn_detector.pdbx_collection_date   2000-08-15 
_diffrn_detector.details                ? 
# 
_diffrn_radiation.diffrn_id                        1 
_diffrn_radiation.wavelength_id                    1 
_diffrn_radiation.pdbx_monochromatic_or_laue_m_l   M 
_diffrn_radiation.monochromator                    ? 
_diffrn_radiation.pdbx_diffrn_protocol             'SINGLE WAVELENGTH' 
_diffrn_radiation.pdbx_scattering_type             x-ray 
# 
_diffrn_radiation_wavelength.id           1 
_diffrn_radiation_wavelength.wavelength   0.8756 
_diffrn_radiation_wavelength.wt           1.0 
# 
_diffrn_source.diffrn_id                   1 
_diffrn_source.source                      SYNCHROTRON 
_diffrn_source.type                        'SRS BEAMLINE PX9.6' 
_diffrn_source.pdbx_synchrotron_site       SRS 
_diffrn_source.pdbx_synchrotron_beamline   PX9.6 
_diffrn_source.pdbx_wavelength             0.8756 
_diffrn_source.pdbx_wavelength_list        ? 
# 
_reflns.pdbx_diffrn_id               1 
_reflns.pdbx_ordinal                 1 
_reflns.entry_id                     1H1H 
_reflns.observed_criterion_sigma_I   2.000 
_reflns.observed_criterion_sigma_F   ? 
_reflns.d_resolution_low             40.000 
_reflns.d_resolution_high            2.000 
_reflns.number_obs                   12663 
_reflns.number_all                   ? 
_reflns.percent_possible_obs         99.4 
_reflns.pdbx_Rmerge_I_obs            0.07800 
_reflns.pdbx_Rsym_value              ? 
_reflns.pdbx_netI_over_sigmaI        14.7000 
_reflns.B_iso_Wilson_estimate        23.1 
_reflns.pdbx_redundancy              4.800 
_reflns.pdbx_CC_half                 ? 
_reflns.pdbx_Rpim_I_all              ? 
_reflns.pdbx_Rrim_I_all              ? 
# 
_reflns_shell.pdbx_diffrn_id         1 
_reflns_shell.pdbx_ordinal           1 
_reflns_shell.d_res_high             2.00 
_reflns_shell.d_res_low              2.10 
_reflns_shell.percent_possible_all   99.9 
_reflns_shell.Rmerge_I_obs           0.3700 
_reflns_shell.pdbx_Rsym_value        ? 
_reflns_shell.meanI_over_sigI_obs    2.920 
_reflns_shell.pdbx_redundancy        ? 
_reflns_shell.number_measured_obs    ? 
_reflns_shell.number_unique_all      ? 
_reflns_shell.number_unique_obs      ? 
_reflns_shell.pdbx_CC_half           ? 
_reflns_shell.pdbx_Rpim_I_all        ? 
_reflns_shell.pdbx_Rrim_I_all        ? 
# 
_refine.pdbx_refine_id                           'X-RAY DIFFRACTION' 
_refine.entry_id                                 1H1H 
_refine.pdbx_diffrn_id                           1 
_refine.pdbx_TLS_residual_ADP_flag               ? 
_refine.ls_number_reflns_obs                     12190 
_refine.ls_number_reflns_all                     ? 
_refine.pdbx_ls_sigma_I                          ? 
_refine.pdbx_ls_sigma_F                          0.0 
_refine.pdbx_data_cutoff_high_absF               ? 
_refine.pdbx_data_cutoff_low_absF                ? 
_refine.pdbx_data_cutoff_high_rms_absF           ? 
_refine.ls_d_res_low                             32.95 
_refine.ls_d_res_high                            2.0 
_refine.ls_percent_reflns_obs                    95.6 
_refine.ls_R_factor_obs                          0.205 
_refine.ls_R_factor_all                          ? 
_refine.ls_R_factor_R_work                       0.205 
_refine.ls_R_factor_R_free                       0.210 
_refine.ls_R_factor_R_free_error                 0.008 
_refine.ls_R_factor_R_free_error_details         ? 
_refine.ls_percent_reflns_R_free                 5.1 
_refine.ls_number_reflns_R_free                  625 
_refine.ls_number_parameters                     ? 
_refine.ls_number_restraints                     ? 
_refine.occupancy_min                            ? 
_refine.occupancy_max                            ? 
_refine.correlation_coeff_Fo_to_Fc               ? 
_refine.correlation_coeff_Fo_to_Fc_free          ? 
_refine.B_iso_mean                               41.5 
_refine.aniso_B[1][1]                            -1.13 
_refine.aniso_B[2][2]                            -1.13 
_refine.aniso_B[3][3]                            2.26 
_refine.aniso_B[1][2]                            0.11 
_refine.aniso_B[1][3]                            0.00 
_refine.aniso_B[2][3]                            0.00 
_refine.solvent_model_details                    ? 
_refine.solvent_model_param_ksol                 ? 
_refine.solvent_model_param_bsol                 ? 
_refine.pdbx_solvent_vdw_probe_radii             ? 
_refine.pdbx_solvent_ion_probe_radii             ? 
_refine.pdbx_solvent_shrinkage_radii             ? 
_refine.pdbx_ls_cross_valid_method               THROUGHOUT 
_refine.details                                  ? 
_refine.pdbx_starting_model                      'PDB ENTRY 1QMT' 
_refine.pdbx_method_to_determine_struct          'MOLECULAR REPLACEMENT' 
_refine.pdbx_isotropic_thermal_model             RESTRAINED 
_refine.pdbx_stereochemistry_target_values       ? 
_refine.pdbx_stereochem_target_val_spec_case     ? 
_refine.pdbx_R_Free_selection_details            ? 
_refine.pdbx_overall_ESU_R                       ? 
_refine.pdbx_overall_ESU_R_Free                  ? 
_refine.overall_SU_ML                            ? 
_refine.pdbx_overall_phase_error                 ? 
_refine.overall_SU_B                             ? 
_refine.overall_SU_R_Cruickshank_DPI             ? 
_refine.pdbx_overall_SU_R_free_Cruickshank_DPI   ? 
_refine.pdbx_overall_SU_R_Blow_DPI               ? 
_refine.pdbx_overall_SU_R_free_Blow_DPI          ? 
# 
_refine_analyze.pdbx_refine_id                  'X-RAY DIFFRACTION' 
_refine_analyze.entry_id                        1H1H 
_refine_analyze.Luzzati_coordinate_error_obs    0.24 
_refine_analyze.Luzzati_sigma_a_obs             0.18 
_refine_analyze.Luzzati_d_res_low_obs           5.00 
_refine_analyze.Luzzati_coordinate_error_free   0.26 
_refine_analyze.Luzzati_sigma_a_free            0.22 
_refine_analyze.Luzzati_d_res_low_free          ? 
_refine_analyze.number_disordered_residues      ? 
_refine_analyze.occupancy_sum_hydrogen          ? 
_refine_analyze.occupancy_sum_non_hydrogen      ? 
# 
_refine_hist.pdbx_refine_id                   'X-RAY DIFFRACTION' 
_refine_hist.cycle_id                         LAST 
_refine_hist.pdbx_number_atoms_protein        1101 
_refine_hist.pdbx_number_atoms_nucleic_acid   0 
_refine_hist.pdbx_number_atoms_ligand         27 
_refine_hist.number_atoms_solvent             54 
_refine_hist.number_atoms_total               1182 
_refine_hist.d_res_high                       2.0 
_refine_hist.d_res_low                        32.95 
# 
loop_
_refine_ls_restr.type 
_refine_ls_restr.dev_ideal 
_refine_ls_restr.dev_ideal_target 
_refine_ls_restr.weight 
_refine_ls_restr.number 
_refine_ls_restr.pdbx_refine_id 
_refine_ls_restr.pdbx_restraint_function 
c_bond_d                0.006 ? ? ? 'X-RAY DIFFRACTION' ? 
c_bond_d_na             ?     ? ? ? 'X-RAY DIFFRACTION' ? 
c_bond_d_prot           ?     ? ? ? 'X-RAY DIFFRACTION' ? 
c_angle_d               ?     ? ? ? 'X-RAY DIFFRACTION' ? 
c_angle_d_na            ?     ? ? ? 'X-RAY DIFFRACTION' ? 
c_angle_d_prot          ?     ? ? ? 'X-RAY DIFFRACTION' ? 
c_angle_deg             1.2   ? ? ? 'X-RAY DIFFRACTION' ? 
c_angle_deg_na          ?     ? ? ? 'X-RAY DIFFRACTION' ? 
c_angle_deg_prot        ?     ? ? ? 'X-RAY DIFFRACTION' ? 
c_dihedral_angle_d      23.9  ? ? ? 'X-RAY DIFFRACTION' ? 
c_dihedral_angle_d_na   ?     ? ? ? 'X-RAY DIFFRACTION' ? 
c_dihedral_angle_d_prot ?     ? ? ? 'X-RAY DIFFRACTION' ? 
c_improper_angle_d      0.83  ? ? ? 'X-RAY DIFFRACTION' ? 
c_improper_angle_d_na   ?     ? ? ? 'X-RAY DIFFRACTION' ? 
c_improper_angle_d_prot ?     ? ? ? 'X-RAY DIFFRACTION' ? 
c_mcbond_it             ?     ? ? ? 'X-RAY DIFFRACTION' ? 
c_mcangle_it            ?     ? ? ? 'X-RAY DIFFRACTION' ? 
c_scbond_it             ?     ? ? ? 'X-RAY DIFFRACTION' ? 
c_scangle_it            ?     ? ? ? 'X-RAY DIFFRACTION' ? 
# 
_refine_ls_shell.pdbx_refine_id                   'X-RAY DIFFRACTION' 
_refine_ls_shell.pdbx_total_number_of_bins_used   6 
_refine_ls_shell.d_res_high                       2.0 
_refine_ls_shell.d_res_low                        2.13 
_refine_ls_shell.number_reflns_R_work             1796 
_refine_ls_shell.R_factor_R_work                  0.239 
_refine_ls_shell.percent_reflns_obs               90.4 
_refine_ls_shell.R_factor_R_free                  0.297 
_refine_ls_shell.R_factor_R_free_error            0.030 
_refine_ls_shell.percent_reflns_R_free            5.2 
_refine_ls_shell.number_reflns_R_free             99 
_refine_ls_shell.number_reflns_all                ? 
_refine_ls_shell.R_factor_all                     ? 
_refine_ls_shell.R_factor_obs                     ? 
_refine_ls_shell.number_reflns_obs                ? 
# 
loop_
_pdbx_xplor_file.pdbx_refine_id 
_pdbx_xplor_file.serial_no 
_pdbx_xplor_file.param_file 
_pdbx_xplor_file.topol_file 
'X-RAY DIFFRACTION' 1 PROTEIN_REP.PARAM PROTEIN.TOP 
'X-RAY DIFFRACTION' 2 WATER_REP.PARAM   ?           
'X-RAY DIFFRACTION' 3 A2P_XPLOR_PAR.TXT ?           
# 
_struct.entry_id                  1H1H 
_struct.title                     
;Crystal Structure of Eosinophil Cationic Protein in Complex with 2',5'-ADP at 2.0 A resolution Reveals the Details of the Ribonucleolytic Active site
;
_struct.pdbx_model_details        ? 
_struct.pdbx_CASP_flag            ? 
_struct.pdbx_model_type_details   ? 
# 
_struct_keywords.entry_id        1H1H 
_struct_keywords.pdbx_keywords   HYDROLASE 
_struct_keywords.text            
;HYDROLASE, EOSINOPHIL CATIONIC PROTEIN, EOSINOPHIL DERIVED NEUROTOXIN, ADENOSINE-2', 5'-DIPHOSPHATE, RIBONUCLEASE, TOXIN
;
# 
loop_
_struct_asym.id 
_struct_asym.pdbx_blank_PDB_chainid_flag 
_struct_asym.pdbx_modified 
_struct_asym.entity_id 
_struct_asym.details 
A N N 1 ? 
B N N 2 ? 
C N N 3 ? 
# 
loop_
_struct_ref.id 
_struct_ref.db_name 
_struct_ref.db_code 
_struct_ref.entity_id 
_struct_ref.pdbx_seq_one_letter_code 
_struct_ref.pdbx_align_begin 
_struct_ref.pdbx_db_accession 
_struct_ref.pdbx_db_isoform 
1 PDB 1H1H      1 ? ? 1H1H   ? 
2 UNP ECP_HUMAN 1 ? ? P12724 ? 
# 
loop_
_struct_ref_seq.align_id 
_struct_ref_seq.ref_id 
_struct_ref_seq.pdbx_PDB_id_code 
_struct_ref_seq.pdbx_strand_id 
_struct_ref_seq.seq_align_beg 
_struct_ref_seq.pdbx_seq_align_beg_ins_code 
_struct_ref_seq.seq_align_end 
_struct_ref_seq.pdbx_seq_align_end_ins_code 
_struct_ref_seq.pdbx_db_accession 
_struct_ref_seq.db_align_beg 
_struct_ref_seq.pdbx_db_align_beg_ins_code 
_struct_ref_seq.db_align_end 
_struct_ref_seq.pdbx_db_align_end_ins_code 
_struct_ref_seq.pdbx_auth_seq_align_beg 
_struct_ref_seq.pdbx_auth_seq_align_end 
1 1 1H1H A 1 ? 1   ? 1H1H   0  ? 0   ? 0 0   
2 2 1H1H A 2 ? 134 ? P12724 28 ? 160 ? 1 133 
# 
_pdbx_struct_assembly.id                   1 
_pdbx_struct_assembly.details              author_and_software_defined_assembly 
_pdbx_struct_assembly.method_details       PQS 
_pdbx_struct_assembly.oligomeric_details   monomeric 
_pdbx_struct_assembly.oligomeric_count     1 
# 
_pdbx_struct_assembly_gen.assembly_id       1 
_pdbx_struct_assembly_gen.oper_expression   1 
_pdbx_struct_assembly_gen.asym_id_list      A,B,C 
# 
_pdbx_struct_oper_list.id                   1 
_pdbx_struct_oper_list.type                 'identity operation' 
_pdbx_struct_oper_list.name                 1_555 
_pdbx_struct_oper_list.symmetry_operation   x,y,z 
_pdbx_struct_oper_list.matrix[1][1]         1.0000000000 
_pdbx_struct_oper_list.matrix[1][2]         0.0000000000 
_pdbx_struct_oper_list.matrix[1][3]         0.0000000000 
_pdbx_struct_oper_list.vector[1]            0.0000000000 
_pdbx_struct_oper_list.matrix[2][1]         0.0000000000 
_pdbx_struct_oper_list.matrix[2][2]         1.0000000000 
_pdbx_struct_oper_list.matrix[2][3]         0.0000000000 
_pdbx_struct_oper_list.vector[2]            0.0000000000 
_pdbx_struct_oper_list.matrix[3][1]         0.0000000000 
_pdbx_struct_oper_list.matrix[3][2]         0.0000000000 
_pdbx_struct_oper_list.matrix[3][3]         1.0000000000 
_pdbx_struct_oper_list.vector[3]            0.0000000000 
# 
loop_
_struct_conf.conf_type_id 
_struct_conf.id 
_struct_conf.pdbx_PDB_helix_id 
_struct_conf.beg_label_comp_id 
_struct_conf.beg_label_asym_id 
_struct_conf.beg_label_seq_id 
_struct_conf.pdbx_beg_PDB_ins_code 
_struct_conf.end_label_comp_id 
_struct_conf.end_label_asym_id 
_struct_conf.end_label_seq_id 
_struct_conf.pdbx_end_PDB_ins_code 
_struct_conf.beg_auth_comp_id 
_struct_conf.beg_auth_asym_id 
_struct_conf.beg_auth_seq_id 
_struct_conf.end_auth_comp_id 
_struct_conf.end_auth_asym_id 
_struct_conf.end_auth_seq_id 
_struct_conf.pdbx_PDB_helix_class 
_struct_conf.details 
_struct_conf.pdbx_PDB_helix_length 
HELX_P HELX_P1 1 THR A 7  ? ILE A 17 ? THR A 6  ILE A 16 1 ? 11 
HELX_P HELX_P2 2 ARG A 23 ? MET A 28 ? ARG A 22 MET A 27 1 ? 6  
HELX_P HELX_P3 3 MET A 28 ? ASN A 33 ? MET A 27 ASN A 32 1 ? 6  
HELX_P HELX_P4 4 THR A 48 ? GLY A 57 ? THR A 47 GLY A 56 1 ? 10 
# 
_struct_conf_type.id          HELX_P 
_struct_conf_type.criteria    ? 
_struct_conf_type.reference   ? 
# 
loop_
_struct_conn.id 
_struct_conn.conn_type_id 
_struct_conn.pdbx_leaving_atom_flag 
_struct_conn.pdbx_PDB_id 
_struct_conn.ptnr1_label_asym_id 
_struct_conn.ptnr1_label_comp_id 
_struct_conn.ptnr1_label_seq_id 
_struct_conn.ptnr1_label_atom_id 
_struct_conn.pdbx_ptnr1_label_alt_id 
_struct_conn.pdbx_ptnr1_PDB_ins_code 
_struct_conn.pdbx_ptnr1_standard_comp_id 
_struct_conn.ptnr1_symmetry 
_struct_conn.ptnr2_label_asym_id 
_struct_conn.ptnr2_label_comp_id 
_struct_conn.ptnr2_label_seq_id 
_struct_conn.ptnr2_label_atom_id 
_struct_conn.pdbx_ptnr2_label_alt_id 
_struct_conn.pdbx_ptnr2_PDB_ins_code 
_struct_conn.ptnr1_auth_asym_id 
_struct_conn.ptnr1_auth_comp_id 
_struct_conn.ptnr1_auth_seq_id 
_struct_conn.ptnr2_auth_asym_id 
_struct_conn.ptnr2_auth_comp_id 
_struct_conn.ptnr2_auth_seq_id 
_struct_conn.ptnr2_symmetry 
_struct_conn.pdbx_ptnr3_label_atom_id 
_struct_conn.pdbx_ptnr3_label_seq_id 
_struct_conn.pdbx_ptnr3_label_comp_id 
_struct_conn.pdbx_ptnr3_label_asym_id 
_struct_conn.pdbx_ptnr3_label_alt_id 
_struct_conn.pdbx_ptnr3_PDB_ins_code 
_struct_conn.details 
_struct_conn.pdbx_dist_value 
_struct_conn.pdbx_value_order 
_struct_conn.pdbx_role 
disulf1 disulf ? ? A CYS 24 SG ? ? ? 1_555 A CYS 84  SG ? ? A CYS 23 A CYS 83  1_555 ? ? ? ? ? ? ? 2.033 ? ? 
disulf2 disulf ? ? A CYS 38 SG ? ? ? 1_555 A CYS 97  SG ? ? A CYS 37 A CYS 96  1_555 ? ? ? ? ? ? ? 2.011 ? ? 
disulf3 disulf ? ? A CYS 56 SG ? ? ? 1_555 A CYS 112 SG ? ? A CYS 55 A CYS 111 1_555 ? ? ? ? ? ? ? 2.030 ? ? 
disulf4 disulf ? ? A CYS 63 SG ? ? ? 1_555 A CYS 72  SG ? ? A CYS 62 A CYS 71  1_555 ? ? ? ? ? ? ? 2.031 ? ? 
# 
_struct_conn_type.id          disulf 
_struct_conn_type.criteria    ? 
_struct_conn_type.reference   ? 
# 
loop_
_pdbx_modification_feature.ordinal 
_pdbx_modification_feature.label_comp_id 
_pdbx_modification_feature.label_asym_id 
_pdbx_modification_feature.label_seq_id 
_pdbx_modification_feature.label_alt_id 
_pdbx_modification_feature.modified_residue_label_comp_id 
_pdbx_modification_feature.modified_residue_label_asym_id 
_pdbx_modification_feature.modified_residue_label_seq_id 
_pdbx_modification_feature.modified_residue_label_alt_id 
_pdbx_modification_feature.auth_comp_id 
_pdbx_modification_feature.auth_asym_id 
_pdbx_modification_feature.auth_seq_id 
_pdbx_modification_feature.PDB_ins_code 
_pdbx_modification_feature.symmetry 
_pdbx_modification_feature.modified_residue_auth_comp_id 
_pdbx_modification_feature.modified_residue_auth_asym_id 
_pdbx_modification_feature.modified_residue_auth_seq_id 
_pdbx_modification_feature.modified_residue_PDB_ins_code 
_pdbx_modification_feature.modified_residue_symmetry 
_pdbx_modification_feature.comp_id_linking_atom 
_pdbx_modification_feature.modified_residue_id_linking_atom 
_pdbx_modification_feature.modified_residue_id 
_pdbx_modification_feature.ref_pcm_id 
_pdbx_modification_feature.ref_comp_id 
_pdbx_modification_feature.type 
_pdbx_modification_feature.category 
1 CYS A 24 ? CYS A 84  ? CYS A 23 ? 1_555 CYS A 83  ? 1_555 SG SG . . . None 'Disulfide bridge' 
2 CYS A 38 ? CYS A 97  ? CYS A 37 ? 1_555 CYS A 96  ? 1_555 SG SG . . . None 'Disulfide bridge' 
3 CYS A 56 ? CYS A 112 ? CYS A 55 ? 1_555 CYS A 111 ? 1_555 SG SG . . . None 'Disulfide bridge' 
4 CYS A 63 ? CYS A 72  ? CYS A 62 ? 1_555 CYS A 71  ? 1_555 SG SG . . . None 'Disulfide bridge' 
# 
loop_
_struct_sheet.id 
_struct_sheet.type 
_struct_sheet.number_strands 
_struct_sheet.details 
AA ? 4 ? 
AB ? 4 ? 
# 
loop_
_struct_sheet_order.sheet_id 
_struct_sheet_order.range_id_1 
_struct_sheet_order.range_id_2 
_struct_sheet_order.offset 
_struct_sheet_order.sense 
AA 1 2 ? anti-parallel 
AA 2 3 ? anti-parallel 
AA 3 4 ? anti-parallel 
AB 1 2 ? anti-parallel 
AB 2 3 ? anti-parallel 
AB 3 4 ? anti-parallel 
# 
loop_
_struct_sheet_range.sheet_id 
_struct_sheet_range.id 
_struct_sheet_range.beg_label_comp_id 
_struct_sheet_range.beg_label_asym_id 
_struct_sheet_range.beg_label_seq_id 
_struct_sheet_range.pdbx_beg_PDB_ins_code 
_struct_sheet_range.end_label_comp_id 
_struct_sheet_range.end_label_asym_id 
_struct_sheet_range.end_label_seq_id 
_struct_sheet_range.pdbx_end_PDB_ins_code 
_struct_sheet_range.beg_auth_comp_id 
_struct_sheet_range.beg_auth_asym_id 
_struct_sheet_range.beg_auth_seq_id 
_struct_sheet_range.end_auth_comp_id 
_struct_sheet_range.end_auth_asym_id 
_struct_sheet_range.end_auth_seq_id 
AA 1 GLN A 41  ? LEU A 45  ? GLN A 40  LEU A 44  
AA 2 VAL A 79  ? LEU A 86  ? VAL A 78  LEU A 85  
AA 3 TYR A 99  ? ASN A 114 ? TYR A 98  ASN A 113 
AA 4 CYS A 72  ? ARG A 74  ? CYS A 71  ARG A 73  
AB 1 GLN A 41  ? LEU A 45  ? GLN A 40  LEU A 44  
AB 2 VAL A 79  ? LEU A 86  ? VAL A 78  LEU A 85  
AB 3 TYR A 99  ? ASN A 114 ? TYR A 98  ASN A 113 
AB 4 VAL A 125 ? ILE A 134 ? VAL A 124 ILE A 133 
# 
loop_
_pdbx_struct_sheet_hbond.sheet_id 
_pdbx_struct_sheet_hbond.range_id_1 
_pdbx_struct_sheet_hbond.range_id_2 
_pdbx_struct_sheet_hbond.range_1_label_atom_id 
_pdbx_struct_sheet_hbond.range_1_label_comp_id 
_pdbx_struct_sheet_hbond.range_1_label_asym_id 
_pdbx_struct_sheet_hbond.range_1_label_seq_id 
_pdbx_struct_sheet_hbond.range_1_PDB_ins_code 
_pdbx_struct_sheet_hbond.range_1_auth_atom_id 
_pdbx_struct_sheet_hbond.range_1_auth_comp_id 
_pdbx_struct_sheet_hbond.range_1_auth_asym_id 
_pdbx_struct_sheet_hbond.range_1_auth_seq_id 
_pdbx_struct_sheet_hbond.range_2_label_atom_id 
_pdbx_struct_sheet_hbond.range_2_label_comp_id 
_pdbx_struct_sheet_hbond.range_2_label_asym_id 
_pdbx_struct_sheet_hbond.range_2_label_seq_id 
_pdbx_struct_sheet_hbond.range_2_PDB_ins_code 
_pdbx_struct_sheet_hbond.range_2_auth_atom_id 
_pdbx_struct_sheet_hbond.range_2_auth_comp_id 
_pdbx_struct_sheet_hbond.range_2_auth_asym_id 
_pdbx_struct_sheet_hbond.range_2_auth_seq_id 
AA 1 2 N PHE A 44  ? N PHE A 43  O LEU A 82  ? O LEU A 81  
AA 2 3 N ASP A 85  ? N ASP A 84  O ALA A 100 ? O ALA A 99  
AA 3 4 N VAL A 110 ? N VAL A 109 O HIS A 73  ? O HIS A 72  
AB 1 2 N PHE A 44  ? N PHE A 43  O LEU A 82  ? O LEU A 81  
AB 2 3 N ASP A 85  ? N ASP A 84  O ALA A 100 ? O ALA A 99  
AB 3 4 N ASP A 113 ? N ASP A 112 O VAL A 126 ? O VAL A 125 
# 
_struct_site.id                   AC1 
_struct_site.pdbx_evidence_code   Software 
_struct_site.pdbx_auth_asym_id    ? 
_struct_site.pdbx_auth_comp_id    ? 
_struct_site.pdbx_auth_seq_id     ? 
_struct_site.pdbx_auth_ins_code   ? 
_struct_site.pdbx_num_residues    13 
_struct_site.details              'BINDING SITE FOR RESIDUE A2P A1134' 
# 
loop_
_struct_site_gen.id 
_struct_site_gen.site_id 
_struct_site_gen.pdbx_num_res 
_struct_site_gen.label_comp_id 
_struct_site_gen.label_asym_id 
_struct_site_gen.label_seq_id 
_struct_site_gen.pdbx_auth_ins_code 
_struct_site_gen.auth_comp_id 
_struct_site_gen.auth_asym_id 
_struct_site_gen.auth_seq_id 
_struct_site_gen.label_atom_id 
_struct_site_gen.label_alt_id 
_struct_site_gen.symmetry 
_struct_site_gen.details 
1  AC1 13 MET A 1   ? MET A 0    . ? 1_555 ? 
2  AC1 13 GLN A 5   ? GLN A 4    . ? 1_555 ? 
3  AC1 13 GLN A 15  ? GLN A 14   . ? 1_555 ? 
4  AC1 13 HIS A 16  ? HIS A 15   . ? 1_555 ? 
5  AC1 13 ASN A 33  ? ASN A 32   . ? 1_555 ? 
6  AC1 13 TYR A 34  ? TYR A 33   . ? 1_555 ? 
7  AC1 13 ARG A 35  ? ARG A 34   . ? 1_555 ? 
8  AC1 13 LYS A 39  ? LYS A 38   . ? 1_555 ? 
9  AC1 13 HIS A 129 ? HIS A 128  . ? 1_555 ? 
10 AC1 13 HOH C .   ? HOH A 2050 . ? 1_555 ? 
11 AC1 13 HOH C .   ? HOH A 2051 . ? 1_555 ? 
12 AC1 13 HOH C .   ? HOH A 2052 . ? 1_555 ? 
13 AC1 13 HOH C .   ? HOH A 2053 . ? 1_555 ? 
# 
_pdbx_entry_details.entry_id                   1H1H 
_pdbx_entry_details.compound_details           
;CYTOTOXIN & HELMINTHOTOXIN WITH RIBONUCLEASE ACTIVITY.
 MEMBER OF THE PANCREATIC RIBONUCLEASE FAMILY.
;
_pdbx_entry_details.source_details             ? 
_pdbx_entry_details.nonpolymer_details         ? 
_pdbx_entry_details.sequence_details           ? 
_pdbx_entry_details.has_ligand_of_interest     ? 
_pdbx_entry_details.has_protein_modification   Y 
# 
_pdbx_validate_symm_contact.id                1 
_pdbx_validate_symm_contact.PDB_model_num     1 
_pdbx_validate_symm_contact.auth_atom_id_1    O 
_pdbx_validate_symm_contact.auth_asym_id_1    A 
_pdbx_validate_symm_contact.auth_comp_id_1    HOH 
_pdbx_validate_symm_contact.auth_seq_id_1     2010 
_pdbx_validate_symm_contact.PDB_ins_code_1    ? 
_pdbx_validate_symm_contact.label_alt_id_1    ? 
_pdbx_validate_symm_contact.site_symmetry_1   1_555 
_pdbx_validate_symm_contact.auth_atom_id_2    O 
_pdbx_validate_symm_contact.auth_asym_id_2    A 
_pdbx_validate_symm_contact.auth_comp_id_2    HOH 
_pdbx_validate_symm_contact.auth_seq_id_2     2010 
_pdbx_validate_symm_contact.PDB_ins_code_2    ? 
_pdbx_validate_symm_contact.label_alt_id_2    ? 
_pdbx_validate_symm_contact.site_symmetry_2   2_665 
_pdbx_validate_symm_contact.dist              1.59 
# 
loop_
_pdbx_validate_torsion.id 
_pdbx_validate_torsion.PDB_model_num 
_pdbx_validate_torsion.auth_comp_id 
_pdbx_validate_torsion.auth_asym_id 
_pdbx_validate_torsion.auth_seq_id 
_pdbx_validate_torsion.PDB_ins_code 
_pdbx_validate_torsion.label_alt_id 
_pdbx_validate_torsion.phi 
_pdbx_validate_torsion.psi 
1 1 SER A 17 ? ? -164.16 112.22  
2 1 ASN A 57 ? ? -100.72 -166.84 
3 1 ASN A 65 ? ? -159.75 81.01   
4 1 ASN A 69 ? ? -108.37 47.63   
5 1 ASN A 87 ? ? -102.75 79.56   
6 1 ALA A 90 ? ? -65.02  -106.02 
# 
_pdbx_database_remark.id     700 
_pdbx_database_remark.text   
;
SHEET
THE SHEET STRUCTURE OF THIS MOLECULE IS BIFURCATED. IN
ORDER TO REPRESENT THIS FEATURE IN THE SHEET RECORDS BELOW,
TWO SHEETS ARE DEFINED.
;
# 
loop_
_chem_comp_atom.comp_id 
_chem_comp_atom.atom_id 
_chem_comp_atom.type_symbol 
_chem_comp_atom.pdbx_aromatic_flag 
_chem_comp_atom.pdbx_stereo_config 
_chem_comp_atom.pdbx_ordinal 
A2P P1     P N N 1   
A2P O1P    O N N 2   
A2P O2P    O N N 3   
A2P O3P    O N N 4   
A2P P2     P N N 5   
A2P O4P    O N N 6   
A2P O5P    O N N 7   
A2P O6P    O N N 8   
A2P "O5'"  O N N 9   
A2P "C5'"  C N N 10  
A2P "C4'"  C N R 11  
A2P "O4'"  O N N 12  
A2P "C3'"  C N R 13  
A2P "O3'"  O N N 14  
A2P "C2'"  C N R 15  
A2P "O2'"  O N N 16  
A2P "C1'"  C N R 17  
A2P N9     N Y N 18  
A2P C8     C Y N 19  
A2P N7     N Y N 20  
A2P C5     C Y N 21  
A2P C6     C Y N 22  
A2P N6     N N N 23  
A2P N1     N Y N 24  
A2P C2     C Y N 25  
A2P N3     N Y N 26  
A2P C4     C Y N 27  
A2P HOP2   H N N 28  
A2P HOP3   H N N 29  
A2P HOP5   H N N 30  
A2P HOP6   H N N 31  
A2P "H5'1" H N N 32  
A2P "H5'2" H N N 33  
A2P "H4'"  H N N 34  
A2P "H3'"  H N N 35  
A2P "HO3'" H N N 36  
A2P "H2'"  H N N 37  
A2P "H1'"  H N N 38  
A2P H8     H N N 39  
A2P HN61   H N N 40  
A2P HN62   H N N 41  
A2P H2     H N N 42  
ALA N      N N N 43  
ALA CA     C N S 44  
ALA C      C N N 45  
ALA O      O N N 46  
ALA CB     C N N 47  
ALA OXT    O N N 48  
ALA H      H N N 49  
ALA H2     H N N 50  
ALA HA     H N N 51  
ALA HB1    H N N 52  
ALA HB2    H N N 53  
ALA HB3    H N N 54  
ALA HXT    H N N 55  
ARG N      N N N 56  
ARG CA     C N S 57  
ARG C      C N N 58  
ARG O      O N N 59  
ARG CB     C N N 60  
ARG CG     C N N 61  
ARG CD     C N N 62  
ARG NE     N N N 63  
ARG CZ     C N N 64  
ARG NH1    N N N 65  
ARG NH2    N N N 66  
ARG OXT    O N N 67  
ARG H      H N N 68  
ARG H2     H N N 69  
ARG HA     H N N 70  
ARG HB2    H N N 71  
ARG HB3    H N N 72  
ARG HG2    H N N 73  
ARG HG3    H N N 74  
ARG HD2    H N N 75  
ARG HD3    H N N 76  
ARG HE     H N N 77  
ARG HH11   H N N 78  
ARG HH12   H N N 79  
ARG HH21   H N N 80  
ARG HH22   H N N 81  
ARG HXT    H N N 82  
ASN N      N N N 83  
ASN CA     C N S 84  
ASN C      C N N 85  
ASN O      O N N 86  
ASN CB     C N N 87  
ASN CG     C N N 88  
ASN OD1    O N N 89  
ASN ND2    N N N 90  
ASN OXT    O N N 91  
ASN H      H N N 92  
ASN H2     H N N 93  
ASN HA     H N N 94  
ASN HB2    H N N 95  
ASN HB3    H N N 96  
ASN HD21   H N N 97  
ASN HD22   H N N 98  
ASN HXT    H N N 99  
ASP N      N N N 100 
ASP CA     C N S 101 
ASP C      C N N 102 
ASP O      O N N 103 
ASP CB     C N N 104 
ASP CG     C N N 105 
ASP OD1    O N N 106 
ASP OD2    O N N 107 
ASP OXT    O N N 108 
ASP H      H N N 109 
ASP H2     H N N 110 
ASP HA     H N N 111 
ASP HB2    H N N 112 
ASP HB3    H N N 113 
ASP HD2    H N N 114 
ASP HXT    H N N 115 
CYS N      N N N 116 
CYS CA     C N R 117 
CYS C      C N N 118 
CYS O      O N N 119 
CYS CB     C N N 120 
CYS SG     S N N 121 
CYS OXT    O N N 122 
CYS H      H N N 123 
CYS H2     H N N 124 
CYS HA     H N N 125 
CYS HB2    H N N 126 
CYS HB3    H N N 127 
CYS HG     H N N 128 
CYS HXT    H N N 129 
GLN N      N N N 130 
GLN CA     C N S 131 
GLN C      C N N 132 
GLN O      O N N 133 
GLN CB     C N N 134 
GLN CG     C N N 135 
GLN CD     C N N 136 
GLN OE1    O N N 137 
GLN NE2    N N N 138 
GLN OXT    O N N 139 
GLN H      H N N 140 
GLN H2     H N N 141 
GLN HA     H N N 142 
GLN HB2    H N N 143 
GLN HB3    H N N 144 
GLN HG2    H N N 145 
GLN HG3    H N N 146 
GLN HE21   H N N 147 
GLN HE22   H N N 148 
GLN HXT    H N N 149 
GLY N      N N N 150 
GLY CA     C N N 151 
GLY C      C N N 152 
GLY O      O N N 153 
GLY OXT    O N N 154 
GLY H      H N N 155 
GLY H2     H N N 156 
GLY HA2    H N N 157 
GLY HA3    H N N 158 
GLY HXT    H N N 159 
HIS N      N N N 160 
HIS CA     C N S 161 
HIS C      C N N 162 
HIS O      O N N 163 
HIS CB     C N N 164 
HIS CG     C Y N 165 
HIS ND1    N Y N 166 
HIS CD2    C Y N 167 
HIS CE1    C Y N 168 
HIS NE2    N Y N 169 
HIS OXT    O N N 170 
HIS H      H N N 171 
HIS H2     H N N 172 
HIS HA     H N N 173 
HIS HB2    H N N 174 
HIS HB3    H N N 175 
HIS HD1    H N N 176 
HIS HD2    H N N 177 
HIS HE1    H N N 178 
HIS HE2    H N N 179 
HIS HXT    H N N 180 
HOH O      O N N 181 
HOH H1     H N N 182 
HOH H2     H N N 183 
ILE N      N N N 184 
ILE CA     C N S 185 
ILE C      C N N 186 
ILE O      O N N 187 
ILE CB     C N S 188 
ILE CG1    C N N 189 
ILE CG2    C N N 190 
ILE CD1    C N N 191 
ILE OXT    O N N 192 
ILE H      H N N 193 
ILE H2     H N N 194 
ILE HA     H N N 195 
ILE HB     H N N 196 
ILE HG12   H N N 197 
ILE HG13   H N N 198 
ILE HG21   H N N 199 
ILE HG22   H N N 200 
ILE HG23   H N N 201 
ILE HD11   H N N 202 
ILE HD12   H N N 203 
ILE HD13   H N N 204 
ILE HXT    H N N 205 
LEU N      N N N 206 
LEU CA     C N S 207 
LEU C      C N N 208 
LEU O      O N N 209 
LEU CB     C N N 210 
LEU CG     C N N 211 
LEU CD1    C N N 212 
LEU CD2    C N N 213 
LEU OXT    O N N 214 
LEU H      H N N 215 
LEU H2     H N N 216 
LEU HA     H N N 217 
LEU HB2    H N N 218 
LEU HB3    H N N 219 
LEU HG     H N N 220 
LEU HD11   H N N 221 
LEU HD12   H N N 222 
LEU HD13   H N N 223 
LEU HD21   H N N 224 
LEU HD22   H N N 225 
LEU HD23   H N N 226 
LEU HXT    H N N 227 
LYS N      N N N 228 
LYS CA     C N S 229 
LYS C      C N N 230 
LYS O      O N N 231 
LYS CB     C N N 232 
LYS CG     C N N 233 
LYS CD     C N N 234 
LYS CE     C N N 235 
LYS NZ     N N N 236 
LYS OXT    O N N 237 
LYS H      H N N 238 
LYS H2     H N N 239 
LYS HA     H N N 240 
LYS HB2    H N N 241 
LYS HB3    H N N 242 
LYS HG2    H N N 243 
LYS HG3    H N N 244 
LYS HD2    H N N 245 
LYS HD3    H N N 246 
LYS HE2    H N N 247 
LYS HE3    H N N 248 
LYS HZ1    H N N 249 
LYS HZ2    H N N 250 
LYS HZ3    H N N 251 
LYS HXT    H N N 252 
MET N      N N N 253 
MET CA     C N S 254 
MET C      C N N 255 
MET O      O N N 256 
MET CB     C N N 257 
MET CG     C N N 258 
MET SD     S N N 259 
MET CE     C N N 260 
MET OXT    O N N 261 
MET H      H N N 262 
MET H2     H N N 263 
MET HA     H N N 264 
MET HB2    H N N 265 
MET HB3    H N N 266 
MET HG2    H N N 267 
MET HG3    H N N 268 
MET HE1    H N N 269 
MET HE2    H N N 270 
MET HE3    H N N 271 
MET HXT    H N N 272 
PHE N      N N N 273 
PHE CA     C N S 274 
PHE C      C N N 275 
PHE O      O N N 276 
PHE CB     C N N 277 
PHE CG     C Y N 278 
PHE CD1    C Y N 279 
PHE CD2    C Y N 280 
PHE CE1    C Y N 281 
PHE CE2    C Y N 282 
PHE CZ     C Y N 283 
PHE OXT    O N N 284 
PHE H      H N N 285 
PHE H2     H N N 286 
PHE HA     H N N 287 
PHE HB2    H N N 288 
PHE HB3    H N N 289 
PHE HD1    H N N 290 
PHE HD2    H N N 291 
PHE HE1    H N N 292 
PHE HE2    H N N 293 
PHE HZ     H N N 294 
PHE HXT    H N N 295 
PRO N      N N N 296 
PRO CA     C N S 297 
PRO C      C N N 298 
PRO O      O N N 299 
PRO CB     C N N 300 
PRO CG     C N N 301 
PRO CD     C N N 302 
PRO OXT    O N N 303 
PRO H      H N N 304 
PRO HA     H N N 305 
PRO HB2    H N N 306 
PRO HB3    H N N 307 
PRO HG2    H N N 308 
PRO HG3    H N N 309 
PRO HD2    H N N 310 
PRO HD3    H N N 311 
PRO HXT    H N N 312 
SER N      N N N 313 
SER CA     C N S 314 
SER C      C N N 315 
SER O      O N N 316 
SER CB     C N N 317 
SER OG     O N N 318 
SER OXT    O N N 319 
SER H      H N N 320 
SER H2     H N N 321 
SER HA     H N N 322 
SER HB2    H N N 323 
SER HB3    H N N 324 
SER HG     H N N 325 
SER HXT    H N N 326 
THR N      N N N 327 
THR CA     C N S 328 
THR C      C N N 329 
THR O      O N N 330 
THR CB     C N R 331 
THR OG1    O N N 332 
THR CG2    C N N 333 
THR OXT    O N N 334 
THR H      H N N 335 
THR H2     H N N 336 
THR HA     H N N 337 
THR HB     H N N 338 
THR HG1    H N N 339 
THR HG21   H N N 340 
THR HG22   H N N 341 
THR HG23   H N N 342 
THR HXT    H N N 343 
TRP N      N N N 344 
TRP CA     C N S 345 
TRP C      C N N 346 
TRP O      O N N 347 
TRP CB     C N N 348 
TRP CG     C Y N 349 
TRP CD1    C Y N 350 
TRP CD2    C Y N 351 
TRP NE1    N Y N 352 
TRP CE2    C Y N 353 
TRP CE3    C Y N 354 
TRP CZ2    C Y N 355 
TRP CZ3    C Y N 356 
TRP CH2    C Y N 357 
TRP OXT    O N N 358 
TRP H      H N N 359 
TRP H2     H N N 360 
TRP HA     H N N 361 
TRP HB2    H N N 362 
TRP HB3    H N N 363 
TRP HD1    H N N 364 
TRP HE1    H N N 365 
TRP HE3    H N N 366 
TRP HZ2    H N N 367 
TRP HZ3    H N N 368 
TRP HH2    H N N 369 
TRP HXT    H N N 370 
TYR N      N N N 371 
TYR CA     C N S 372 
TYR C      C N N 373 
TYR O      O N N 374 
TYR CB     C N N 375 
TYR CG     C Y N 376 
TYR CD1    C Y N 377 
TYR CD2    C Y N 378 
TYR CE1    C Y N 379 
TYR CE2    C Y N 380 
TYR CZ     C Y N 381 
TYR OH     O N N 382 
TYR OXT    O N N 383 
TYR H      H N N 384 
TYR H2     H N N 385 
TYR HA     H N N 386 
TYR HB2    H N N 387 
TYR HB3    H N N 388 
TYR HD1    H N N 389 
TYR HD2    H N N 390 
TYR HE1    H N N 391 
TYR HE2    H N N 392 
TYR HH     H N N 393 
TYR HXT    H N N 394 
VAL N      N N N 395 
VAL CA     C N S 396 
VAL C      C N N 397 
VAL O      O N N 398 
VAL CB     C N N 399 
VAL CG1    C N N 400 
VAL CG2    C N N 401 
VAL OXT    O N N 402 
VAL H      H N N 403 
VAL H2     H N N 404 
VAL HA     H N N 405 
VAL HB     H N N 406 
VAL HG11   H N N 407 
VAL HG12   H N N 408 
VAL HG13   H N N 409 
VAL HG21   H N N 410 
VAL HG22   H N N 411 
VAL HG23   H N N 412 
VAL HXT    H N N 413 
# 
loop_
_chem_comp_bond.comp_id 
_chem_comp_bond.atom_id_1 
_chem_comp_bond.atom_id_2 
_chem_comp_bond.value_order 
_chem_comp_bond.pdbx_aromatic_flag 
_chem_comp_bond.pdbx_stereo_config 
_chem_comp_bond.pdbx_ordinal 
A2P P1    O1P    doub N N 1   
A2P P1    O2P    sing N N 2   
A2P P1    O3P    sing N N 3   
A2P P1    "O2'"  sing N N 4   
A2P O2P   HOP2   sing N N 5   
A2P O3P   HOP3   sing N N 6   
A2P P2    O4P    doub N N 7   
A2P P2    O5P    sing N N 8   
A2P P2    O6P    sing N N 9   
A2P P2    "O5'"  sing N N 10  
A2P O5P   HOP5   sing N N 11  
A2P O6P   HOP6   sing N N 12  
A2P "O5'" "C5'"  sing N N 13  
A2P "C5'" "C4'"  sing N N 14  
A2P "C5'" "H5'1" sing N N 15  
A2P "C5'" "H5'2" sing N N 16  
A2P "C4'" "O4'"  sing N N 17  
A2P "C4'" "C3'"  sing N N 18  
A2P "C4'" "H4'"  sing N N 19  
A2P "O4'" "C1'"  sing N N 20  
A2P "C3'" "O3'"  sing N N 21  
A2P "C3'" "C2'"  sing N N 22  
A2P "C3'" "H3'"  sing N N 23  
A2P "O3'" "HO3'" sing N N 24  
A2P "C2'" "O2'"  sing N N 25  
A2P "C2'" "C1'"  sing N N 26  
A2P "C2'" "H2'"  sing N N 27  
A2P "C1'" N9     sing N N 28  
A2P "C1'" "H1'"  sing N N 29  
A2P N9    C8     sing Y N 30  
A2P N9    C4     sing Y N 31  
A2P C8    N7     doub Y N 32  
A2P C8    H8     sing N N 33  
A2P N7    C5     sing Y N 34  
A2P C5    C6     sing Y N 35  
A2P C5    C4     doub Y N 36  
A2P C6    N6     sing N N 37  
A2P C6    N1     doub Y N 38  
A2P N6    HN61   sing N N 39  
A2P N6    HN62   sing N N 40  
A2P N1    C2     sing Y N 41  
A2P C2    N3     doub Y N 42  
A2P C2    H2     sing N N 43  
A2P N3    C4     sing Y N 44  
ALA N     CA     sing N N 45  
ALA N     H      sing N N 46  
ALA N     H2     sing N N 47  
ALA CA    C      sing N N 48  
ALA CA    CB     sing N N 49  
ALA CA    HA     sing N N 50  
ALA C     O      doub N N 51  
ALA C     OXT    sing N N 52  
ALA CB    HB1    sing N N 53  
ALA CB    HB2    sing N N 54  
ALA CB    HB3    sing N N 55  
ALA OXT   HXT    sing N N 56  
ARG N     CA     sing N N 57  
ARG N     H      sing N N 58  
ARG N     H2     sing N N 59  
ARG CA    C      sing N N 60  
ARG CA    CB     sing N N 61  
ARG CA    HA     sing N N 62  
ARG C     O      doub N N 63  
ARG C     OXT    sing N N 64  
ARG CB    CG     sing N N 65  
ARG CB    HB2    sing N N 66  
ARG CB    HB3    sing N N 67  
ARG CG    CD     sing N N 68  
ARG CG    HG2    sing N N 69  
ARG CG    HG3    sing N N 70  
ARG CD    NE     sing N N 71  
ARG CD    HD2    sing N N 72  
ARG CD    HD3    sing N N 73  
ARG NE    CZ     sing N N 74  
ARG NE    HE     sing N N 75  
ARG CZ    NH1    sing N N 76  
ARG CZ    NH2    doub N N 77  
ARG NH1   HH11   sing N N 78  
ARG NH1   HH12   sing N N 79  
ARG NH2   HH21   sing N N 80  
ARG NH2   HH22   sing N N 81  
ARG OXT   HXT    sing N N 82  
ASN N     CA     sing N N 83  
ASN N     H      sing N N 84  
ASN N     H2     sing N N 85  
ASN CA    C      sing N N 86  
ASN CA    CB     sing N N 87  
ASN CA    HA     sing N N 88  
ASN C     O      doub N N 89  
ASN C     OXT    sing N N 90  
ASN CB    CG     sing N N 91  
ASN CB    HB2    sing N N 92  
ASN CB    HB3    sing N N 93  
ASN CG    OD1    doub N N 94  
ASN CG    ND2    sing N N 95  
ASN ND2   HD21   sing N N 96  
ASN ND2   HD22   sing N N 97  
ASN OXT   HXT    sing N N 98  
ASP N     CA     sing N N 99  
ASP N     H      sing N N 100 
ASP N     H2     sing N N 101 
ASP CA    C      sing N N 102 
ASP CA    CB     sing N N 103 
ASP CA    HA     sing N N 104 
ASP C     O      doub N N 105 
ASP C     OXT    sing N N 106 
ASP CB    CG     sing N N 107 
ASP CB    HB2    sing N N 108 
ASP CB    HB3    sing N N 109 
ASP CG    OD1    doub N N 110 
ASP CG    OD2    sing N N 111 
ASP OD2   HD2    sing N N 112 
ASP OXT   HXT    sing N N 113 
CYS N     CA     sing N N 114 
CYS N     H      sing N N 115 
CYS N     H2     sing N N 116 
CYS CA    C      sing N N 117 
CYS CA    CB     sing N N 118 
CYS CA    HA     sing N N 119 
CYS C     O      doub N N 120 
CYS C     OXT    sing N N 121 
CYS CB    SG     sing N N 122 
CYS CB    HB2    sing N N 123 
CYS CB    HB3    sing N N 124 
CYS SG    HG     sing N N 125 
CYS OXT   HXT    sing N N 126 
GLN N     CA     sing N N 127 
GLN N     H      sing N N 128 
GLN N     H2     sing N N 129 
GLN CA    C      sing N N 130 
GLN CA    CB     sing N N 131 
GLN CA    HA     sing N N 132 
GLN C     O      doub N N 133 
GLN C     OXT    sing N N 134 
GLN CB    CG     sing N N 135 
GLN CB    HB2    sing N N 136 
GLN CB    HB3    sing N N 137 
GLN CG    CD     sing N N 138 
GLN CG    HG2    sing N N 139 
GLN CG    HG3    sing N N 140 
GLN CD    OE1    doub N N 141 
GLN CD    NE2    sing N N 142 
GLN NE2   HE21   sing N N 143 
GLN NE2   HE22   sing N N 144 
GLN OXT   HXT    sing N N 145 
GLY N     CA     sing N N 146 
GLY N     H      sing N N 147 
GLY N     H2     sing N N 148 
GLY CA    C      sing N N 149 
GLY CA    HA2    sing N N 150 
GLY CA    HA3    sing N N 151 
GLY C     O      doub N N 152 
GLY C     OXT    sing N N 153 
GLY OXT   HXT    sing N N 154 
HIS N     CA     sing N N 155 
HIS N     H      sing N N 156 
HIS N     H2     sing N N 157 
HIS CA    C      sing N N 158 
HIS CA    CB     sing N N 159 
HIS CA    HA     sing N N 160 
HIS C     O      doub N N 161 
HIS C     OXT    sing N N 162 
HIS CB    CG     sing N N 163 
HIS CB    HB2    sing N N 164 
HIS CB    HB3    sing N N 165 
HIS CG    ND1    sing Y N 166 
HIS CG    CD2    doub Y N 167 
HIS ND1   CE1    doub Y N 168 
HIS ND1   HD1    sing N N 169 
HIS CD2   NE2    sing Y N 170 
HIS CD2   HD2    sing N N 171 
HIS CE1   NE2    sing Y N 172 
HIS CE1   HE1    sing N N 173 
HIS NE2   HE2    sing N N 174 
HIS OXT   HXT    sing N N 175 
HOH O     H1     sing N N 176 
HOH O     H2     sing N N 177 
ILE N     CA     sing N N 178 
ILE N     H      sing N N 179 
ILE N     H2     sing N N 180 
ILE CA    C      sing N N 181 
ILE CA    CB     sing N N 182 
ILE CA    HA     sing N N 183 
ILE C     O      doub N N 184 
ILE C     OXT    sing N N 185 
ILE CB    CG1    sing N N 186 
ILE CB    CG2    sing N N 187 
ILE CB    HB     sing N N 188 
ILE CG1   CD1    sing N N 189 
ILE CG1   HG12   sing N N 190 
ILE CG1   HG13   sing N N 191 
ILE CG2   HG21   sing N N 192 
ILE CG2   HG22   sing N N 193 
ILE CG2   HG23   sing N N 194 
ILE CD1   HD11   sing N N 195 
ILE CD1   HD12   sing N N 196 
ILE CD1   HD13   sing N N 197 
ILE OXT   HXT    sing N N 198 
LEU N     CA     sing N N 199 
LEU N     H      sing N N 200 
LEU N     H2     sing N N 201 
LEU CA    C      sing N N 202 
LEU CA    CB     sing N N 203 
LEU CA    HA     sing N N 204 
LEU C     O      doub N N 205 
LEU C     OXT    sing N N 206 
LEU CB    CG     sing N N 207 
LEU CB    HB2    sing N N 208 
LEU CB    HB3    sing N N 209 
LEU CG    CD1    sing N N 210 
LEU CG    CD2    sing N N 211 
LEU CG    HG     sing N N 212 
LEU CD1   HD11   sing N N 213 
LEU CD1   HD12   sing N N 214 
LEU CD1   HD13   sing N N 215 
LEU CD2   HD21   sing N N 216 
LEU CD2   HD22   sing N N 217 
LEU CD2   HD23   sing N N 218 
LEU OXT   HXT    sing N N 219 
LYS N     CA     sing N N 220 
LYS N     H      sing N N 221 
LYS N     H2     sing N N 222 
LYS CA    C      sing N N 223 
LYS CA    CB     sing N N 224 
LYS CA    HA     sing N N 225 
LYS C     O      doub N N 226 
LYS C     OXT    sing N N 227 
LYS CB    CG     sing N N 228 
LYS CB    HB2    sing N N 229 
LYS CB    HB3    sing N N 230 
LYS CG    CD     sing N N 231 
LYS CG    HG2    sing N N 232 
LYS CG    HG3    sing N N 233 
LYS CD    CE     sing N N 234 
LYS CD    HD2    sing N N 235 
LYS CD    HD3    sing N N 236 
LYS CE    NZ     sing N N 237 
LYS CE    HE2    sing N N 238 
LYS CE    HE3    sing N N 239 
LYS NZ    HZ1    sing N N 240 
LYS NZ    HZ2    sing N N 241 
LYS NZ    HZ3    sing N N 242 
LYS OXT   HXT    sing N N 243 
MET N     CA     sing N N 244 
MET N     H      sing N N 245 
MET N     H2     sing N N 246 
MET CA    C      sing N N 247 
MET CA    CB     sing N N 248 
MET CA    HA     sing N N 249 
MET C     O      doub N N 250 
MET C     OXT    sing N N 251 
MET CB    CG     sing N N 252 
MET CB    HB2    sing N N 253 
MET CB    HB3    sing N N 254 
MET CG    SD     sing N N 255 
MET CG    HG2    sing N N 256 
MET CG    HG3    sing N N 257 
MET SD    CE     sing N N 258 
MET CE    HE1    sing N N 259 
MET CE    HE2    sing N N 260 
MET CE    HE3    sing N N 261 
MET OXT   HXT    sing N N 262 
PHE N     CA     sing N N 263 
PHE N     H      sing N N 264 
PHE N     H2     sing N N 265 
PHE CA    C      sing N N 266 
PHE CA    CB     sing N N 267 
PHE CA    HA     sing N N 268 
PHE C     O      doub N N 269 
PHE C     OXT    sing N N 270 
PHE CB    CG     sing N N 271 
PHE CB    HB2    sing N N 272 
PHE CB    HB3    sing N N 273 
PHE CG    CD1    doub Y N 274 
PHE CG    CD2    sing Y N 275 
PHE CD1   CE1    sing Y N 276 
PHE CD1   HD1    sing N N 277 
PHE CD2   CE2    doub Y N 278 
PHE CD2   HD2    sing N N 279 
PHE CE1   CZ     doub Y N 280 
PHE CE1   HE1    sing N N 281 
PHE CE2   CZ     sing Y N 282 
PHE CE2   HE2    sing N N 283 
PHE CZ    HZ     sing N N 284 
PHE OXT   HXT    sing N N 285 
PRO N     CA     sing N N 286 
PRO N     CD     sing N N 287 
PRO N     H      sing N N 288 
PRO CA    C      sing N N 289 
PRO CA    CB     sing N N 290 
PRO CA    HA     sing N N 291 
PRO C     O      doub N N 292 
PRO C     OXT    sing N N 293 
PRO CB    CG     sing N N 294 
PRO CB    HB2    sing N N 295 
PRO CB    HB3    sing N N 296 
PRO CG    CD     sing N N 297 
PRO CG    HG2    sing N N 298 
PRO CG    HG3    sing N N 299 
PRO CD    HD2    sing N N 300 
PRO CD    HD3    sing N N 301 
PRO OXT   HXT    sing N N 302 
SER N     CA     sing N N 303 
SER N     H      sing N N 304 
SER N     H2     sing N N 305 
SER CA    C      sing N N 306 
SER CA    CB     sing N N 307 
SER CA    HA     sing N N 308 
SER C     O      doub N N 309 
SER C     OXT    sing N N 310 
SER CB    OG     sing N N 311 
SER CB    HB2    sing N N 312 
SER CB    HB3    sing N N 313 
SER OG    HG     sing N N 314 
SER OXT   HXT    sing N N 315 
THR N     CA     sing N N 316 
THR N     H      sing N N 317 
THR N     H2     sing N N 318 
THR CA    C      sing N N 319 
THR CA    CB     sing N N 320 
THR CA    HA     sing N N 321 
THR C     O      doub N N 322 
THR C     OXT    sing N N 323 
THR CB    OG1    sing N N 324 
THR CB    CG2    sing N N 325 
THR CB    HB     sing N N 326 
THR OG1   HG1    sing N N 327 
THR CG2   HG21   sing N N 328 
THR CG2   HG22   sing N N 329 
THR CG2   HG23   sing N N 330 
THR OXT   HXT    sing N N 331 
TRP N     CA     sing N N 332 
TRP N     H      sing N N 333 
TRP N     H2     sing N N 334 
TRP CA    C      sing N N 335 
TRP CA    CB     sing N N 336 
TRP CA    HA     sing N N 337 
TRP C     O      doub N N 338 
TRP C     OXT    sing N N 339 
TRP CB    CG     sing N N 340 
TRP CB    HB2    sing N N 341 
TRP CB    HB3    sing N N 342 
TRP CG    CD1    doub Y N 343 
TRP CG    CD2    sing Y N 344 
TRP CD1   NE1    sing Y N 345 
TRP CD1   HD1    sing N N 346 
TRP CD2   CE2    doub Y N 347 
TRP CD2   CE3    sing Y N 348 
TRP NE1   CE2    sing Y N 349 
TRP NE1   HE1    sing N N 350 
TRP CE2   CZ2    sing Y N 351 
TRP CE3   CZ3    doub Y N 352 
TRP CE3   HE3    sing N N 353 
TRP CZ2   CH2    doub Y N 354 
TRP CZ2   HZ2    sing N N 355 
TRP CZ3   CH2    sing Y N 356 
TRP CZ3   HZ3    sing N N 357 
TRP CH2   HH2    sing N N 358 
TRP OXT   HXT    sing N N 359 
TYR N     CA     sing N N 360 
TYR N     H      sing N N 361 
TYR N     H2     sing N N 362 
TYR CA    C      sing N N 363 
TYR CA    CB     sing N N 364 
TYR CA    HA     sing N N 365 
TYR C     O      doub N N 366 
TYR C     OXT    sing N N 367 
TYR CB    CG     sing N N 368 
TYR CB    HB2    sing N N 369 
TYR CB    HB3    sing N N 370 
TYR CG    CD1    doub Y N 371 
TYR CG    CD2    sing Y N 372 
TYR CD1   CE1    sing Y N 373 
TYR CD1   HD1    sing N N 374 
TYR CD2   CE2    doub Y N 375 
TYR CD2   HD2    sing N N 376 
TYR CE1   CZ     doub Y N 377 
TYR CE1   HE1    sing N N 378 
TYR CE2   CZ     sing Y N 379 
TYR CE2   HE2    sing N N 380 
TYR CZ    OH     sing N N 381 
TYR OH    HH     sing N N 382 
TYR OXT   HXT    sing N N 383 
VAL N     CA     sing N N 384 
VAL N     H      sing N N 385 
VAL N     H2     sing N N 386 
VAL CA    C      sing N N 387 
VAL CA    CB     sing N N 388 
VAL CA    HA     sing N N 389 
VAL C     O      doub N N 390 
VAL C     OXT    sing N N 391 
VAL CB    CG1    sing N N 392 
VAL CB    CG2    sing N N 393 
VAL CB    HB     sing N N 394 
VAL CG1   HG11   sing N N 395 
VAL CG1   HG12   sing N N 396 
VAL CG1   HG13   sing N N 397 
VAL CG2   HG21   sing N N 398 
VAL CG2   HG22   sing N N 399 
VAL CG2   HG23   sing N N 400 
VAL OXT   HXT    sing N N 401 
# 
_pdbx_initial_refinement_model.id               1 
_pdbx_initial_refinement_model.entity_id_list   ? 
_pdbx_initial_refinement_model.type             'experimental model' 
_pdbx_initial_refinement_model.source_name      PDB 
_pdbx_initial_refinement_model.accession_code   1QMT 
_pdbx_initial_refinement_model.details          'PDB ENTRY 1QMT' 
# 
_atom_sites.entry_id                    1H1H 
_atom_sites.fract_transf_matrix[1][1]   -0.00860543 
_atom_sites.fract_transf_matrix[1][2]   -0.00635754 
_atom_sites.fract_transf_matrix[1][3]   -0.00412318 
_atom_sites.fract_transf_matrix[2][1]   -0.00066034 
_atom_sites.fract_transf_matrix[2][2]   -0.01114460 
_atom_sites.fract_transf_matrix[2][3]   0.00261799 
_atom_sites.fract_transf_matrix[3][1]   -0.01734146 
_atom_sites.fract_transf_matrix[3][2]   0.00699575 
_atom_sites.fract_transf_matrix[3][3]   0.02540636 
_atom_sites.fract_transf_vector[1]      0.366659 
_atom_sites.fract_transf_vector[2]      0.492959 
_atom_sites.fract_transf_vector[3]      0.013061 
# 
loop_
_atom_type.symbol 
C 
N 
O 
P 
S 
# 
loop_
_atom_site.group_PDB 
_atom_site.id 
_atom_site.type_symbol 
_atom_site.label_atom_id 
_atom_site.label_alt_id 
_atom_site.label_comp_id 
_atom_site.label_asym_id 
_atom_site.label_entity_id 
_atom_site.label_seq_id 
_atom_site.pdbx_PDB_ins_code 
_atom_site.Cartn_x 
_atom_site.Cartn_y 
_atom_site.Cartn_z 
_atom_site.occupancy 
_atom_site.B_iso_or_equiv 
_atom_site.pdbx_formal_charge 
_atom_site.auth_seq_id 
_atom_site.auth_comp_id 
_atom_site.auth_asym_id 
_atom_site.auth_atom_id 
_atom_site.pdbx_PDB_model_num 
ATOM   1    N N     . MET A 1 1   ? -11.017 -2.873  -7.410  1.00 58.16 ? 0    MET A N     1 
ATOM   2    C CA    . MET A 1 1   ? -11.612 -1.542  -7.722  1.00 58.36 ? 0    MET A CA    1 
ATOM   3    C C     . MET A 1 1   ? -11.473 -0.554  -6.572  1.00 56.21 ? 0    MET A C     1 
ATOM   4    O O     . MET A 1 1   ? -11.949 -0.803  -5.463  1.00 55.81 ? 0    MET A O     1 
ATOM   5    C CB    . MET A 1 1   ? -13.097 -1.692  -8.064  1.00 60.65 ? 0    MET A CB    1 
ATOM   6    C CG    . MET A 1 1   ? -13.385 -2.108  -9.494  1.00 65.50 ? 0    MET A CG    1 
ATOM   7    S SD    . MET A 1 1   ? -13.202 -0.745  -10.660 1.00 71.12 ? 0    MET A SD    1 
ATOM   8    C CE    . MET A 1 1   ? -14.817 0.056   -10.519 1.00 66.94 ? 0    MET A CE    1 
ATOM   9    N N     . ARG A 1 2   ? -10.811 0.566   -6.840  1.00 53.40 ? 1    ARG A N     1 
ATOM   10   C CA    . ARG A 1 2   ? -10.649 1.608   -5.835  1.00 51.02 ? 1    ARG A CA    1 
ATOM   11   C C     . ARG A 1 2   ? -11.949 2.398   -5.788  1.00 50.58 ? 1    ARG A C     1 
ATOM   12   O O     . ARG A 1 2   ? -12.510 2.737   -6.830  1.00 50.28 ? 1    ARG A O     1 
ATOM   13   C CB    . ARG A 1 2   ? -9.506  2.557   -6.215  1.00 50.52 ? 1    ARG A CB    1 
ATOM   14   C CG    . ARG A 1 2   ? -9.591  3.939   -5.557  1.00 49.25 ? 1    ARG A CG    1 
ATOM   15   C CD    . ARG A 1 2   ? -8.407  4.824   -5.935  1.00 50.33 ? 1    ARG A CD    1 
ATOM   16   N NE    . ARG A 1 2   ? -8.275  4.996   -7.380  1.00 50.41 ? 1    ARG A NE    1 
ATOM   17   C CZ    . ARG A 1 2   ? -9.048  5.783   -8.123  1.00 51.43 ? 1    ARG A CZ    1 
ATOM   18   N NH1   . ARG A 1 2   ? -8.844  5.863   -9.432  1.00 51.85 ? 1    ARG A NH1   1 
ATOM   19   N NH2   . ARG A 1 2   ? -10.015 6.500   -7.562  1.00 51.83 ? 1    ARG A NH2   1 
ATOM   20   N N     . PRO A 1 3   ? -12.462 2.682   -4.581  1.00 50.15 ? 2    PRO A N     1 
ATOM   21   C CA    . PRO A 1 3   ? -13.706 3.453   -4.499  1.00 49.73 ? 2    PRO A CA    1 
ATOM   22   C C     . PRO A 1 3   ? -13.465 4.869   -5.033  1.00 49.85 ? 2    PRO A C     1 
ATOM   23   O O     . PRO A 1 3   ? -12.540 5.558   -4.603  1.00 49.01 ? 2    PRO A O     1 
ATOM   24   C CB    . PRO A 1 3   ? -14.046 3.415   -3.005  1.00 49.73 ? 2    PRO A CB    1 
ATOM   25   C CG    . PRO A 1 3   ? -12.721 3.166   -2.341  1.00 50.71 ? 2    PRO A CG    1 
ATOM   26   C CD    . PRO A 1 3   ? -12.058 2.180   -3.258  1.00 50.12 ? 2    PRO A CD    1 
ATOM   27   N N     . PRO A 1 4   ? -14.297 5.314   -5.989  1.00 50.00 ? 3    PRO A N     1 
ATOM   28   C CA    . PRO A 1 4   ? -14.214 6.635   -6.624  1.00 49.72 ? 3    PRO A CA    1 
ATOM   29   C C     . PRO A 1 4   ? -14.053 7.859   -5.722  1.00 48.87 ? 3    PRO A C     1 
ATOM   30   O O     . PRO A 1 4   ? -13.458 8.856   -6.131  1.00 49.60 ? 3    PRO A O     1 
ATOM   31   C CB    . PRO A 1 4   ? -15.489 6.690   -7.474  1.00 51.52 ? 3    PRO A CB    1 
ATOM   32   C CG    . PRO A 1 4   ? -16.417 5.727   -6.790  1.00 50.65 ? 3    PRO A CG    1 
ATOM   33   C CD    . PRO A 1 4   ? -15.496 4.596   -6.451  1.00 50.72 ? 3    PRO A CD    1 
ATOM   34   N N     . GLN A 1 5   ? -14.567 7.792   -4.499  1.00 47.35 ? 4    GLN A N     1 
ATOM   35   C CA    . GLN A 1 5   ? -14.460 8.917   -3.578  1.00 46.14 ? 4    GLN A CA    1 
ATOM   36   C C     . GLN A 1 5   ? -13.032 9.199   -3.096  1.00 44.45 ? 4    GLN A C     1 
ATOM   37   O O     . GLN A 1 5   ? -12.767 10.263  -2.529  1.00 44.70 ? 4    GLN A O     1 
ATOM   38   C CB    . GLN A 1 5   ? -15.367 8.685   -2.368  1.00 49.56 ? 4    GLN A CB    1 
ATOM   39   C CG    . GLN A 1 5   ? -15.126 7.365   -1.661  1.00 53.09 ? 4    GLN A CG    1 
ATOM   40   C CD    . GLN A 1 5   ? -16.189 6.332   -1.969  1.00 56.74 ? 4    GLN A CD    1 
ATOM   41   O OE1   . GLN A 1 5   ? -16.390 5.941   -3.123  1.00 57.95 ? 4    GLN A OE1   1 
ATOM   42   N NE2   . GLN A 1 5   ? -16.881 5.881   -0.929  1.00 58.32 ? 4    GLN A NE2   1 
ATOM   43   N N     . PHE A 1 6   ? -12.120 8.253   -3.311  1.00 41.01 ? 5    PHE A N     1 
ATOM   44   C CA    . PHE A 1 6   ? -10.724 8.418   -2.887  1.00 38.78 ? 5    PHE A CA    1 
ATOM   45   C C     . PHE A 1 6   ? -9.786  8.513   -4.084  1.00 36.46 ? 5    PHE A C     1 
ATOM   46   O O     . PHE A 1 6   ? -9.966  7.801   -5.074  1.00 35.99 ? 5    PHE A O     1 
ATOM   47   C CB    . PHE A 1 6   ? -10.265 7.233   -2.029  1.00 39.22 ? 5    PHE A CB    1 
ATOM   48   C CG    . PHE A 1 6   ? -11.111 6.986   -0.814  1.00 42.19 ? 5    PHE A CG    1 
ATOM   49   C CD1   . PHE A 1 6   ? -11.825 5.799   -0.682  1.00 44.47 ? 5    PHE A CD1   1 
ATOM   50   C CD2   . PHE A 1 6   ? -11.197 7.933   0.200   1.00 44.14 ? 5    PHE A CD2   1 
ATOM   51   C CE1   . PHE A 1 6   ? -12.616 5.559   0.445   1.00 46.45 ? 5    PHE A CE1   1 
ATOM   52   C CE2   . PHE A 1 6   ? -11.985 7.704   1.331   1.00 44.45 ? 5    PHE A CE2   1 
ATOM   53   C CZ    . PHE A 1 6   ? -12.694 6.516   1.454   1.00 44.88 ? 5    PHE A CZ    1 
ATOM   54   N N     . THR A 1 7   ? -8.789  9.388   -3.997  1.00 34.39 ? 6    THR A N     1 
ATOM   55   C CA    . THR A 1 7   ? -7.818  9.515   -5.080  1.00 33.94 ? 6    THR A CA    1 
ATOM   56   C C     . THR A 1 7   ? -6.890  8.304   -4.983  1.00 33.79 ? 6    THR A C     1 
ATOM   57   O O     . THR A 1 7   ? -6.961  7.543   -4.010  1.00 31.01 ? 6    THR A O     1 
ATOM   58   C CB    . THR A 1 7   ? -6.965  10.784  -4.941  1.00 34.68 ? 6    THR A CB    1 
ATOM   59   O OG1   . THR A 1 7   ? -6.122  10.670  -3.788  1.00 35.48 ? 6    THR A OG1   1 
ATOM   60   C CG2   . THR A 1 7   ? -7.856  12.017  -4.804  1.00 35.81 ? 6    THR A CG2   1 
ATOM   61   N N     . ARG A 1 8   ? -6.029  8.120   -5.980  1.00 32.23 ? 7    ARG A N     1 
ATOM   62   C CA    . ARG A 1 8   ? -5.100  6.994   -5.964  1.00 32.13 ? 7    ARG A CA    1 
ATOM   63   C C     . ARG A 1 8   ? -4.138  7.096   -4.773  1.00 30.59 ? 7    ARG A C     1 
ATOM   64   O O     . ARG A 1 8   ? -3.833  6.096   -4.130  1.00 29.44 ? 7    ARG A O     1 
ATOM   65   C CB    . ARG A 1 8   ? -4.311  6.924   -7.280  1.00 31.90 ? 7    ARG A CB    1 
ATOM   66   C CG    . ARG A 1 8   ? -5.138  6.448   -8.478  1.00 38.28 ? 7    ARG A CG    1 
ATOM   67   C CD    . ARG A 1 8   ? -4.262  6.169   -9.704  1.00 40.32 ? 7    ARG A CD    1 
ATOM   68   N NE    . ARG A 1 8   ? -3.579  7.373   -10.166 1.00 43.32 ? 7    ARG A NE    1 
ATOM   69   C CZ    . ARG A 1 8   ? -2.611  7.397   -11.079 1.00 42.79 ? 7    ARG A CZ    1 
ATOM   70   N NH1   . ARG A 1 8   ? -2.186  6.275   -11.650 1.00 40.79 ? 7    ARG A NH1   1 
ATOM   71   N NH2   . ARG A 1 8   ? -2.069  8.556   -11.424 1.00 43.83 ? 7    ARG A NH2   1 
ATOM   72   N N     . ALA A 1 9   ? -3.677  8.308   -4.475  1.00 30.09 ? 8    ALA A N     1 
ATOM   73   C CA    . ALA A 1 9   ? -2.757  8.532   -3.359  1.00 30.08 ? 8    ALA A CA    1 
ATOM   74   C C     . ALA A 1 9   ? -3.413  8.263   -2.003  1.00 31.37 ? 8    ALA A C     1 
ATOM   75   O O     . ALA A 1 9   ? -2.787  7.712   -1.099  1.00 30.58 ? 8    ALA A O     1 
ATOM   76   C CB    . ALA A 1 9   ? -2.236  9.957   -3.401  1.00 33.12 ? 8    ALA A CB    1 
ATOM   77   N N     . GLN A 1 10  ? -4.670  8.670   -1.854  1.00 31.00 ? 9    GLN A N     1 
ATOM   78   C CA    . GLN A 1 10  ? -5.380  8.451   -0.598  1.00 30.54 ? 9    GLN A CA    1 
ATOM   79   C C     . GLN A 1 10  ? -5.637  6.960   -0.358  1.00 28.03 ? 9    GLN A C     1 
ATOM   80   O O     . GLN A 1 10  ? -5.499  6.478   0.761   1.00 29.32 ? 9    GLN A O     1 
ATOM   81   C CB    . GLN A 1 10  ? -6.708  9.217   -0.596  1.00 33.62 ? 9    GLN A CB    1 
ATOM   82   C CG    . GLN A 1 10  ? -6.549  10.720  -0.782  1.00 38.28 ? 9    GLN A CG    1 
ATOM   83   C CD    . GLN A 1 10  ? -7.873  11.469  -0.722  1.00 41.78 ? 9    GLN A CD    1 
ATOM   84   O OE1   . GLN A 1 10  ? -8.833  11.130  -1.420  1.00 42.20 ? 9    GLN A OE1   1 
ATOM   85   N NE2   . GLN A 1 10  ? -7.925  12.500  0.111   1.00 44.11 ? 9    GLN A NE2   1 
ATOM   86   N N     . TRP A 1 11  ? -6.006  6.234   -1.406  1.00 25.44 ? 10   TRP A N     1 
ATOM   87   C CA    . TRP A 1 11  ? -6.270  4.806   -1.281  1.00 27.15 ? 10   TRP A CA    1 
ATOM   88   C C     . TRP A 1 11  ? -4.960  4.059   -0.973  1.00 27.87 ? 10   TRP A C     1 
ATOM   89   O O     . TRP A 1 11  ? -4.967  3.034   -0.281  1.00 25.77 ? 10   TRP A O     1 
ATOM   90   C CB    . TRP A 1 11  ? -6.904  4.282   -2.577  1.00 30.22 ? 10   TRP A CB    1 
ATOM   91   C CG    . TRP A 1 11  ? -7.486  2.894   -2.486  1.00 28.97 ? 10   TRP A CG    1 
ATOM   92   C CD1   . TRP A 1 11  ? -7.219  1.844   -3.317  1.00 32.34 ? 10   TRP A CD1   1 
ATOM   93   C CD2   . TRP A 1 11  ? -8.446  2.414   -1.533  1.00 30.07 ? 10   TRP A CD2   1 
ATOM   94   N NE1   . TRP A 1 11  ? -7.949  0.742   -2.944  1.00 30.58 ? 10   TRP A NE1   1 
ATOM   95   C CE2   . TRP A 1 11  ? -8.710  1.062   -1.852  1.00 31.59 ? 10   TRP A CE2   1 
ATOM   96   C CE3   . TRP A 1 11  ? -9.109  2.993   -0.444  1.00 32.11 ? 10   TRP A CE3   1 
ATOM   97   C CZ2   . TRP A 1 11  ? -9.613  0.278   -1.120  1.00 33.92 ? 10   TRP A CZ2   1 
ATOM   98   C CZ3   . TRP A 1 11  ? -10.009 2.215   0.288   1.00 33.32 ? 10   TRP A CZ3   1 
ATOM   99   C CH2   . TRP A 1 11  ? -10.251 0.871   -0.056  1.00 35.05 ? 10   TRP A CH2   1 
ATOM   100  N N     . PHE A 1 12  ? -3.844  4.574   -1.489  1.00 27.27 ? 11   PHE A N     1 
ATOM   101  C CA    . PHE A 1 12  ? -2.526  3.973   -1.244  1.00 27.41 ? 11   PHE A CA    1 
ATOM   102  C C     . PHE A 1 12  ? -2.194  4.084   0.244   1.00 26.81 ? 11   PHE A C     1 
ATOM   103  O O     . PHE A 1 12  ? -1.763  3.115   0.863   1.00 27.18 ? 11   PHE A O     1 
ATOM   104  C CB    . PHE A 1 12  ? -1.434  4.690   -2.054  1.00 26.64 ? 11   PHE A CB    1 
ATOM   105  C CG    . PHE A 1 12  ? -0.024  4.226   -1.729  1.00 28.09 ? 11   PHE A CG    1 
ATOM   106  C CD1   . PHE A 1 12  ? 0.495   3.060   -2.295  1.00 28.35 ? 11   PHE A CD1   1 
ATOM   107  C CD2   . PHE A 1 12  ? 0.767   4.941   -0.830  1.00 26.75 ? 11   PHE A CD2   1 
ATOM   108  C CE1   . PHE A 1 12  ? 1.779   2.609   -1.970  1.00 29.15 ? 11   PHE A CE1   1 
ATOM   109  C CE2   . PHE A 1 12  ? 2.054   4.504   -0.493  1.00 28.05 ? 11   PHE A CE2   1 
ATOM   110  C CZ    . PHE A 1 12  ? 2.564   3.335   -1.064  1.00 29.33 ? 11   PHE A CZ    1 
ATOM   111  N N     . ALA A 1 13  ? -2.395  5.274   0.808   1.00 25.30 ? 12   ALA A N     1 
ATOM   112  C CA    . ALA A 1 13  ? -2.114  5.508   2.226   1.00 25.31 ? 12   ALA A CA    1 
ATOM   113  C C     . ALA A 1 13  ? -3.016  4.645   3.109   1.00 24.58 ? 12   ALA A C     1 
ATOM   114  O O     . ALA A 1 13  ? -2.566  4.074   4.105   1.00 27.36 ? 12   ALA A O     1 
ATOM   115  C CB    . ALA A 1 13  ? -2.308  6.987   2.566   1.00 22.43 ? 12   ALA A CB    1 
ATOM   116  N N     . ILE A 1 14  ? -4.293  4.560   2.745   1.00 26.10 ? 13   ILE A N     1 
ATOM   117  C CA    . ILE A 1 14  ? -5.257  3.762   3.497   1.00 25.77 ? 13   ILE A CA    1 
ATOM   118  C C     . ILE A 1 14  ? -4.850  2.281   3.499   1.00 27.74 ? 13   ILE A C     1 
ATOM   119  O O     . ILE A 1 14  ? -4.880  1.619   4.540   1.00 27.05 ? 13   ILE A O     1 
ATOM   120  C CB    . ILE A 1 14  ? -6.684  3.918   2.893   1.00 27.00 ? 13   ILE A CB    1 
ATOM   121  C CG1   . ILE A 1 14  ? -7.227  5.324   3.188   1.00 30.79 ? 13   ILE A CG1   1 
ATOM   122  C CG2   . ILE A 1 14  ? -7.632  2.870   3.462   1.00 27.53 ? 13   ILE A CG2   1 
ATOM   123  C CD1   . ILE A 1 14  ? -8.553  5.633   2.496   1.00 28.58 ? 13   ILE A CD1   1 
ATOM   124  N N     . GLN A 1 15  ? -4.455  1.766   2.339   1.00 24.32 ? 14   GLN A N     1 
ATOM   125  C CA    . GLN A 1 15  ? -4.066  0.361   2.239   1.00 24.61 ? 14   GLN A CA    1 
ATOM   126  C C     . GLN A 1 15  ? -2.642  0.008   2.662   1.00 25.56 ? 14   GLN A C     1 
ATOM   127  O O     . GLN A 1 15  ? -2.403  -1.106  3.129   1.00 28.00 ? 14   GLN A O     1 
ATOM   128  C CB    . GLN A 1 15  ? -4.219  -0.151  0.797   1.00 26.31 ? 14   GLN A CB    1 
ATOM   129  C CG    . GLN A 1 15  ? -5.621  -0.203  0.223   1.00 29.25 ? 14   GLN A CG    1 
ATOM   130  C CD    . GLN A 1 15  ? -5.727  -1.209  -0.916  1.00 31.31 ? 14   GLN A CD    1 
ATOM   131  O OE1   . GLN A 1 15  ? -6.338  -2.271  -0.770  1.00 32.22 ? 14   GLN A OE1   1 
ATOM   132  N NE2   . GLN A 1 15  ? -5.113  -0.887  -2.050  1.00 29.23 ? 14   GLN A NE2   1 
ATOM   133  N N     . HIS A 1 16  ? -1.696  0.932   2.503   1.00 24.03 ? 15   HIS A N     1 
ATOM   134  C CA    . HIS A 1 16  ? -0.299  0.586   2.773   1.00 26.22 ? 15   HIS A CA    1 
ATOM   135  C C     . HIS A 1 16  ? 0.565   1.425   3.719   1.00 25.63 ? 15   HIS A C     1 
ATOM   136  O O     . HIS A 1 16  ? 1.747   1.126   3.874   1.00 27.47 ? 15   HIS A O     1 
ATOM   137  C CB    . HIS A 1 16  ? 0.450   0.477   1.436   1.00 24.44 ? 15   HIS A CB    1 
ATOM   138  C CG    . HIS A 1 16  ? -0.193  -0.440  0.439   1.00 23.71 ? 15   HIS A CG    1 
ATOM   139  N ND1   . HIS A 1 16  ? -0.284  -1.803  0.624   1.00 24.68 ? 15   HIS A ND1   1 
ATOM   140  C CD2   . HIS A 1 16  ? -0.777  -0.184  -0.758  1.00 25.37 ? 15   HIS A CD2   1 
ATOM   141  C CE1   . HIS A 1 16  ? -0.902  -2.346  -0.413  1.00 25.35 ? 15   HIS A CE1   1 
ATOM   142  N NE2   . HIS A 1 16  ? -1.212  -1.384  -1.264  1.00 24.44 ? 15   HIS A NE2   1 
ATOM   143  N N     . ILE A 1 17  ? 0.025   2.466   4.342   1.00 25.34 ? 16   ILE A N     1 
ATOM   144  C CA    . ILE A 1 17  ? 0.854   3.266   5.248   1.00 26.34 ? 16   ILE A CA    1 
ATOM   145  C C     . ILE A 1 17  ? 0.315   3.279   6.672   1.00 26.75 ? 16   ILE A C     1 
ATOM   146  O O     . ILE A 1 17  ? -0.809  3.704   6.905   1.00 28.12 ? 16   ILE A O     1 
ATOM   147  C CB    . ILE A 1 17  ? 0.953   4.750   4.804   1.00 28.62 ? 16   ILE A CB    1 
ATOM   148  C CG1   . ILE A 1 17  ? 1.531   4.861   3.392   1.00 29.02 ? 16   ILE A CG1   1 
ATOM   149  C CG2   . ILE A 1 17  ? 1.829   5.524   5.801   1.00 29.40 ? 16   ILE A CG2   1 
ATOM   150  C CD1   . ILE A 1 17  ? 3.016   4.613   3.315   1.00 37.14 ? 16   ILE A CD1   1 
ATOM   151  N N     . SER A 1 18  ? 1.118   2.822   7.625   1.00 27.65 ? 17   SER A N     1 
ATOM   152  C CA    . SER A 1 18  ? 0.706   2.835   9.025   1.00 28.62 ? 17   SER A CA    1 
ATOM   153  C C     . SER A 1 18  ? 1.906   2.637   9.946   1.00 29.07 ? 17   SER A C     1 
ATOM   154  O O     . SER A 1 18  ? 2.497   1.562   9.988   1.00 29.34 ? 17   SER A O     1 
ATOM   155  C CB    . SER A 1 18  ? -0.337  1.749   9.303   1.00 29.02 ? 17   SER A CB    1 
ATOM   156  O OG    . SER A 1 18  ? -0.756  1.798   10.659  1.00 30.05 ? 17   SER A OG    1 
ATOM   157  N N     . LEU A 1 19  ? 2.247   3.680   10.692  1.00 30.61 ? 18   LEU A N     1 
ATOM   158  C CA    . LEU A 1 19  ? 3.382   3.641   11.610  1.00 32.60 ? 18   LEU A CA    1 
ATOM   159  C C     . LEU A 1 19  ? 3.174   2.642   12.757  1.00 33.13 ? 18   LEU A C     1 
ATOM   160  O O     . LEU A 1 19  ? 4.082   1.886   13.110  1.00 33.86 ? 18   LEU A O     1 
ATOM   161  C CB    . LEU A 1 19  ? 3.625   5.042   12.176  1.00 32.86 ? 18   LEU A CB    1 
ATOM   162  C CG    . LEU A 1 19  ? 5.002   5.340   12.775  1.00 34.84 ? 18   LEU A CG    1 
ATOM   163  C CD1   . LEU A 1 19  ? 6.087   5.104   11.728  1.00 34.24 ? 18   LEU A CD1   1 
ATOM   164  C CD2   . LEU A 1 19  ? 5.036   6.784   13.251  1.00 36.25 ? 18   LEU A CD2   1 
ATOM   165  N N     . ASN A 1 20  ? 1.982   2.656   13.339  1.00 32.75 ? 19   ASN A N     1 
ATOM   166  C CA    . ASN A 1 20  ? 1.636   1.764   14.442  1.00 34.19 ? 19   ASN A CA    1 
ATOM   167  C C     . ASN A 1 20  ? 0.267   1.144   14.180  1.00 35.06 ? 19   ASN A C     1 
ATOM   168  O O     . ASN A 1 20  ? -0.741  1.582   14.733  1.00 33.66 ? 19   ASN A O     1 
ATOM   169  C CB    . ASN A 1 20  ? 1.605   2.544   15.756  1.00 36.10 ? 19   ASN A CB    1 
ATOM   170  C CG    . ASN A 1 20  ? 2.971   3.055   16.153  1.00 38.76 ? 19   ASN A CG    1 
ATOM   171  O OD1   . ASN A 1 20  ? 3.876   2.269   16.446  1.00 41.98 ? 19   ASN A OD1   1 
ATOM   172  N ND2   . ASN A 1 20  ? 3.137   4.375   16.153  1.00 40.03 ? 19   ASN A ND2   1 
ATOM   173  N N     . PRO A 1 21  ? 0.219   0.108   13.328  1.00 35.54 ? 20   PRO A N     1 
ATOM   174  C CA    . PRO A 1 21  ? -1.026  -0.579  12.978  1.00 34.57 ? 20   PRO A CA    1 
ATOM   175  C C     . PRO A 1 21  ? -1.610  -1.432  14.095  1.00 34.92 ? 20   PRO A C     1 
ATOM   176  O O     . PRO A 1 21  ? -0.892  -1.913  14.964  1.00 31.34 ? 20   PRO A O     1 
ATOM   177  C CB    . PRO A 1 21  ? -0.624  -1.468  11.796  1.00 34.82 ? 20   PRO A CB    1 
ATOM   178  C CG    . PRO A 1 21  ? 0.723   -0.953  11.357  1.00 38.92 ? 20   PRO A CG    1 
ATOM   179  C CD    . PRO A 1 21  ? 1.361   -0.500  12.627  1.00 35.52 ? 20   PRO A CD    1 
ATOM   180  N N     . PRO A 1 22  ? -2.942  -1.608  14.093  1.00 35.39 ? 21   PRO A N     1 
ATOM   181  C CA    . PRO A 1 22  ? -3.566  -2.441  15.125  1.00 34.92 ? 21   PRO A CA    1 
ATOM   182  C C     . PRO A 1 22  ? -3.506  -3.854  14.530  1.00 34.22 ? 21   PRO A C     1 
ATOM   183  O O     . PRO A 1 22  ? -2.909  -4.043  13.466  1.00 32.47 ? 21   PRO A O     1 
ATOM   184  C CB    . PRO A 1 22  ? -4.992  -1.898  15.186  1.00 35.22 ? 21   PRO A CB    1 
ATOM   185  C CG    . PRO A 1 22  ? -5.256  -1.520  13.766  1.00 35.59 ? 21   PRO A CG    1 
ATOM   186  C CD    . PRO A 1 22  ? -3.957  -0.841  13.348  1.00 34.89 ? 21   PRO A CD    1 
ATOM   187  N N     . ARG A 1 23  ? -4.104  -4.833  15.194  1.00 32.93 ? 22   ARG A N     1 
ATOM   188  C CA    . ARG A 1 23  ? -4.107  -6.194  14.667  1.00 34.44 ? 22   ARG A CA    1 
ATOM   189  C C     . ARG A 1 23  ? -4.648  -6.160  13.236  1.00 32.55 ? 22   ARG A C     1 
ATOM   190  O O     . ARG A 1 23  ? -5.496  -5.329  12.908  1.00 30.90 ? 22   ARG A O     1 
ATOM   191  C CB    . ARG A 1 23  ? -5.003  -7.096  15.518  1.00 39.79 ? 22   ARG A CB    1 
ATOM   192  C CG    . ARG A 1 23  ? -4.549  -7.266  16.953  1.00 46.45 ? 22   ARG A CG    1 
ATOM   193  C CD    . ARG A 1 23  ? -5.405  -8.301  17.671  1.00 51.24 ? 22   ARG A CD    1 
ATOM   194  N NE    . ARG A 1 23  ? -6.838  -8.075  17.465  1.00 56.72 ? 22   ARG A NE    1 
ATOM   195  C CZ    . ARG A 1 23  ? -7.635  -8.896  16.784  1.00 58.66 ? 22   ARG A CZ    1 
ATOM   196  N NH1   . ARG A 1 23  ? -7.145  -10.006 16.241  1.00 59.57 ? 22   ARG A NH1   1 
ATOM   197  N NH2   . ARG A 1 23  ? -8.924  -8.612  16.647  1.00 58.09 ? 22   ARG A NH2   1 
ATOM   198  N N     . CYS A 1 24  ? -4.165  -7.067  12.394  1.00 30.78 ? 23   CYS A N     1 
ATOM   199  C CA    . CYS A 1 24  ? -4.599  -7.122  11.000  1.00 29.84 ? 23   CYS A CA    1 
ATOM   200  C C     . CYS A 1 24  ? -6.107  -7.304  10.837  1.00 30.95 ? 23   CYS A C     1 
ATOM   201  O O     . CYS A 1 24  ? -6.724  -6.667  9.987   1.00 30.27 ? 23   CYS A O     1 
ATOM   202  C CB    . CYS A 1 24  ? -3.875  -8.247  10.267  1.00 27.40 ? 23   CYS A CB    1 
ATOM   203  S SG    . CYS A 1 24  ? -2.152  -7.890  9.777   1.00 27.54 ? 23   CYS A SG    1 
ATOM   204  N N     . THR A 1 25  ? -6.702  -8.172  11.647  1.00 30.95 ? 24   THR A N     1 
ATOM   205  C CA    . THR A 1 25  ? -8.133  -8.411  11.539  1.00 31.93 ? 24   THR A CA    1 
ATOM   206  C C     . THR A 1 25  ? -8.933  -7.121  11.687  1.00 33.47 ? 24   THR A C     1 
ATOM   207  O O     . THR A 1 25  ? -9.969  -6.953  11.045  1.00 34.43 ? 24   THR A O     1 
ATOM   208  C CB    . THR A 1 25  ? -8.601  -9.453  12.572  1.00 31.53 ? 24   THR A CB    1 
ATOM   209  O OG1   . THR A 1 25  ? -8.093  -10.738 12.193  1.00 30.68 ? 24   THR A OG1   1 
ATOM   210  C CG2   . THR A 1 25  ? -10.133 -9.521  12.625  1.00 32.82 ? 24   THR A CG2   1 
ATOM   211  N N     . ILE A 1 26  ? -8.436  -6.202  12.509  1.00 32.60 ? 25   ILE A N     1 
ATOM   212  C CA    . ILE A 1 26  ? -9.108  -4.926  12.721  1.00 32.65 ? 25   ILE A CA    1 
ATOM   213  C C     . ILE A 1 26  ? -8.821  -3.901  11.615  1.00 32.81 ? 25   ILE A C     1 
ATOM   214  O O     . ILE A 1 26  ? -9.730  -3.223  11.130  1.00 31.05 ? 25   ILE A O     1 
ATOM   215  C CB    . ILE A 1 26  ? -8.698  -4.319  14.077  1.00 34.82 ? 25   ILE A CB    1 
ATOM   216  C CG1   . ILE A 1 26  ? -9.221  -5.208  15.213  1.00 38.47 ? 25   ILE A CG1   1 
ATOM   217  C CG2   . ILE A 1 26  ? -9.240  -2.902  14.205  1.00 34.83 ? 25   ILE A CG2   1 
ATOM   218  C CD1   . ILE A 1 26  ? -8.867  -4.708  16.599  1.00 42.00 ? 25   ILE A CD1   1 
ATOM   219  N N     . ALA A 1 27  ? -7.556  -3.788  11.223  1.00 31.08 ? 26   ALA A N     1 
ATOM   220  C CA    . ALA A 1 27  ? -7.148  -2.834  10.190  1.00 31.14 ? 26   ALA A CA    1 
ATOM   221  C C     . ALA A 1 27  ? -7.763  -3.114  8.818   1.00 31.47 ? 26   ALA A C     1 
ATOM   222  O O     . ALA A 1 27  ? -8.128  -2.189  8.088   1.00 32.22 ? 26   ALA A O     1 
ATOM   223  C CB    . ALA A 1 27  ? -5.623  -2.820  10.078  1.00 32.03 ? 26   ALA A CB    1 
ATOM   224  N N     . MET A 1 28  ? -7.881  -4.390  8.471   1.00 29.40 ? 27   MET A N     1 
ATOM   225  C CA    . MET A 1 28  ? -8.422  -4.779  7.177   1.00 29.61 ? 27   MET A CA    1 
ATOM   226  C C     . MET A 1 28  ? -9.923  -4.547  6.963   1.00 31.26 ? 27   MET A C     1 
ATOM   227  O O     . MET A 1 28  ? -10.381 -4.498  5.823   1.00 30.68 ? 27   MET A O     1 
ATOM   228  C CB    . MET A 1 28  ? -8.098  -6.252  6.912   1.00 28.55 ? 27   MET A CB    1 
ATOM   229  C CG    . MET A 1 28  ? -6.601  -6.553  6.753   1.00 30.78 ? 27   MET A CG    1 
ATOM   230  S SD    . MET A 1 28  ? -5.815  -5.627  5.394   1.00 29.38 ? 27   MET A SD    1 
ATOM   231  C CE    . MET A 1 28  ? -6.657  -6.354  3.963   1.00 28.84 ? 27   MET A CE    1 
ATOM   232  N N     . ARG A 1 29  ? -10.690 -4.393  8.037   1.00 33.15 ? 28   ARG A N     1 
ATOM   233  C CA    . ARG A 1 29  ? -12.134 -4.204  7.887   1.00 34.71 ? 28   ARG A CA    1 
ATOM   234  C C     . ARG A 1 29  ? -12.542 -3.039  6.984   1.00 34.40 ? 28   ARG A C     1 
ATOM   235  O O     . ARG A 1 29  ? -13.439 -3.180  6.147   1.00 31.26 ? 28   ARG A O     1 
ATOM   236  C CB    . ARG A 1 29  ? -12.792 -4.065  9.264   1.00 39.09 ? 28   ARG A CB    1 
ATOM   237  C CG    . ARG A 1 29  ? -12.663 -5.331  10.100  1.00 46.00 ? 28   ARG A CG    1 
ATOM   238  C CD    . ARG A 1 29  ? -13.534 -5.320  11.345  1.00 51.58 ? 28   ARG A CD    1 
ATOM   239  N NE    . ARG A 1 29  ? -13.348 -6.540  12.132  1.00 57.43 ? 28   ARG A NE    1 
ATOM   240  C CZ    . ARG A 1 29  ? -13.621 -7.768  11.692  1.00 60.51 ? 28   ARG A CZ    1 
ATOM   241  N NH1   . ARG A 1 29  ? -14.099 -7.952  10.466  1.00 62.86 ? 28   ARG A NH1   1 
ATOM   242  N NH2   . ARG A 1 29  ? -13.418 -8.818  12.479  1.00 62.62 ? 28   ARG A NH2   1 
ATOM   243  N N     . ALA A 1 30  ? -11.876 -1.901  7.137   1.00 32.38 ? 29   ALA A N     1 
ATOM   244  C CA    . ALA A 1 30  ? -12.193 -0.727  6.329   1.00 34.00 ? 29   ALA A CA    1 
ATOM   245  C C     . ALA A 1 30  ? -11.909 -0.961  4.850   1.00 34.70 ? 29   ALA A C     1 
ATOM   246  O O     . ALA A 1 30  ? -12.592 -0.422  3.979   1.00 34.92 ? 29   ALA A O     1 
ATOM   247  C CB    . ALA A 1 30  ? -11.400 0.474   6.828   1.00 35.78 ? 29   ALA A CB    1 
ATOM   248  N N     . ILE A 1 31  ? -10.891 -1.765  4.573   1.00 34.39 ? 30   ILE A N     1 
ATOM   249  C CA    . ILE A 1 31  ? -10.508 -2.069  3.202   1.00 33.09 ? 30   ILE A CA    1 
ATOM   250  C C     . ILE A 1 31  ? -11.459 -3.081  2.565   1.00 32.94 ? 30   ILE A C     1 
ATOM   251  O O     . ILE A 1 31  ? -11.876 -2.908  1.422   1.00 35.16 ? 30   ILE A O     1 
ATOM   252  C CB    . ILE A 1 31  ? -9.056  -2.612  3.159   1.00 34.12 ? 30   ILE A CB    1 
ATOM   253  C CG1   . ILE A 1 31  ? -8.084  -1.514  3.609   1.00 33.59 ? 30   ILE A CG1   1 
ATOM   254  C CG2   . ILE A 1 31  ? -8.727  -3.124  1.766   1.00 33.96 ? 30   ILE A CG2   1 
ATOM   255  C CD1   . ILE A 1 31  ? -6.670  -1.993  3.836   1.00 36.54 ? 30   ILE A CD1   1 
ATOM   256  N N     . ASN A 1 32  ? -11.809 -4.133  3.299   1.00 30.85 ? 31   ASN A N     1 
ATOM   257  C CA    . ASN A 1 32  ? -12.709 -5.152  2.756   1.00 31.83 ? 31   ASN A CA    1 
ATOM   258  C C     . ASN A 1 32  ? -14.154 -4.672  2.603   1.00 32.61 ? 31   ASN A C     1 
ATOM   259  O O     . ASN A 1 32  ? -14.940 -5.271  1.862   1.00 31.13 ? 31   ASN A O     1 
ATOM   260  C CB    . ASN A 1 32  ? -12.664 -6.421  3.613   1.00 29.66 ? 31   ASN A CB    1 
ATOM   261  C CG    . ASN A 1 32  ? -11.355 -7.182  3.449   1.00 31.93 ? 31   ASN A CG    1 
ATOM   262  O OD1   . ASN A 1 32  ? -10.838 -7.307  2.339   1.00 28.97 ? 31   ASN A OD1   1 
ATOM   263  N ND2   . ASN A 1 32  ? -10.822 -7.703  4.551   1.00 31.16 ? 31   ASN A ND2   1 
ATOM   264  N N     . ASN A 1 33  ? -14.499 -3.584  3.287   1.00 33.27 ? 32   ASN A N     1 
ATOM   265  C CA    . ASN A 1 33  ? -15.853 -3.037  3.202   1.00 35.29 ? 32   ASN A CA    1 
ATOM   266  C C     . ASN A 1 33  ? -16.223 -2.698  1.756   1.00 35.16 ? 32   ASN A C     1 
ATOM   267  O O     . ASN A 1 33  ? -17.381 -2.825  1.362   1.00 35.85 ? 32   ASN A O     1 
ATOM   268  C CB    . ASN A 1 33  ? -15.984 -1.782  4.079   1.00 36.15 ? 32   ASN A CB    1 
ATOM   269  C CG    . ASN A 1 33  ? -17.336 -1.077  3.909   1.00 38.57 ? 32   ASN A CG    1 
ATOM   270  O OD1   . ASN A 1 33  ? -17.480 -0.170  3.087   1.00 42.36 ? 32   ASN A OD1   1 
ATOM   271  N ND2   . ASN A 1 33  ? -18.329 -1.504  4.679   1.00 36.55 ? 32   ASN A ND2   1 
ATOM   272  N N     . TYR A 1 34  ? -15.230 -2.290  0.971   1.00 34.74 ? 33   TYR A N     1 
ATOM   273  C CA    . TYR A 1 34  ? -15.445 -1.914  -0.425  1.00 35.95 ? 33   TYR A CA    1 
ATOM   274  C C     . TYR A 1 34  ? -15.141 -3.001  -1.449  1.00 37.06 ? 33   TYR A C     1 
ATOM   275  O O     . TYR A 1 34  ? -15.060 -2.706  -2.642  1.00 38.74 ? 33   TYR A O     1 
ATOM   276  C CB    . TYR A 1 34  ? -14.603 -0.681  -0.761  1.00 36.30 ? 33   TYR A CB    1 
ATOM   277  C CG    . TYR A 1 34  ? -14.965 0.527   0.064   1.00 37.25 ? 33   TYR A CG    1 
ATOM   278  C CD1   . TYR A 1 34  ? -16.085 1.297   -0.251  1.00 38.04 ? 33   TYR A CD1   1 
ATOM   279  C CD2   . TYR A 1 34  ? -14.222 0.869   1.196   1.00 38.08 ? 33   TYR A CD2   1 
ATOM   280  C CE1   . TYR A 1 34  ? -16.461 2.378   0.541   1.00 39.08 ? 33   TYR A CE1   1 
ATOM   281  C CE2   . TYR A 1 34  ? -14.591 1.950   1.996   1.00 38.39 ? 33   TYR A CE2   1 
ATOM   282  C CZ    . TYR A 1 34  ? -15.713 2.698   1.663   1.00 38.63 ? 33   TYR A CZ    1 
ATOM   283  O OH    . TYR A 1 34  ? -16.101 3.755   2.456   1.00 41.46 ? 33   TYR A OH    1 
ATOM   284  N N     . ARG A 1 35  ? -14.981 -4.246  -1.003  1.00 34.74 ? 34   ARG A N     1 
ATOM   285  C CA    . ARG A 1 35  ? -14.676 -5.343  -1.921  1.00 34.07 ? 34   ARG A CA    1 
ATOM   286  C C     . ARG A 1 35  ? -15.791 -6.385  -1.977  1.00 34.11 ? 34   ARG A C     1 
ATOM   287  O O     . ARG A 1 35  ? -16.717 -6.360  -1.166  1.00 35.19 ? 34   ARG A O     1 
ATOM   288  C CB    . ARG A 1 35  ? -13.372 -6.029  -1.502  1.00 35.23 ? 34   ARG A CB    1 
ATOM   289  C CG    . ARG A 1 35  ? -12.208 -5.072  -1.283  1.00 35.67 ? 34   ARG A CG    1 
ATOM   290  C CD    . ARG A 1 35  ? -10.917 -5.783  -0.897  1.00 38.03 ? 34   ARG A CD    1 
ATOM   291  N NE    . ARG A 1 35  ? -10.149 -6.192  -2.070  1.00 45.11 ? 34   ARG A NE    1 
ATOM   292  C CZ    . ARG A 1 35  ? -10.100 -7.432  -2.524  1.00 42.30 ? 34   ARG A CZ    1 
ATOM   293  N NH1   . ARG A 1 35  ? -10.769 -8.375  -1.897  1.00 47.31 ? 34   ARG A NH1   1 
ATOM   294  N NH2   . ARG A 1 35  ? -9.396  -7.730  -3.605  1.00 44.06 ? 34   ARG A NH2   1 
ATOM   295  N N     . TRP A 1 36  ? -15.692 -7.302  -2.936  1.00 32.32 ? 35   TRP A N     1 
ATOM   296  C CA    . TRP A 1 36  ? -16.674 -8.376  -3.084  1.00 32.15 ? 35   TRP A CA    1 
ATOM   297  C C     . TRP A 1 36  ? -16.223 -9.579  -2.239  1.00 32.18 ? 35   TRP A C     1 
ATOM   298  O O     . TRP A 1 36  ? -17.046 -10.286 -1.646  1.00 32.59 ? 35   TRP A O     1 
ATOM   299  C CB    . TRP A 1 36  ? -16.793 -8.773  -4.560  1.00 31.91 ? 35   TRP A CB    1 
ATOM   300  C CG    . TRP A 1 36  ? -17.880 -9.766  -4.846  1.00 35.28 ? 35   TRP A CG    1 
ATOM   301  C CD1   . TRP A 1 36  ? -17.723 -11.066 -5.230  1.00 36.08 ? 35   TRP A CD1   1 
ATOM   302  C CD2   . TRP A 1 36  ? -19.296 -9.530  -4.792  1.00 36.03 ? 35   TRP A CD2   1 
ATOM   303  N NE1   . TRP A 1 36  ? -18.952 -11.657 -5.422  1.00 37.28 ? 35   TRP A NE1   1 
ATOM   304  C CE2   . TRP A 1 36  ? -19.935 -10.739 -5.162  1.00 36.86 ? 35   TRP A CE2   1 
ATOM   305  C CE3   . TRP A 1 36  ? -20.087 -8.417  -4.468  1.00 35.62 ? 35   TRP A CE3   1 
ATOM   306  C CZ2   . TRP A 1 36  ? -21.330 -10.867 -5.220  1.00 36.36 ? 35   TRP A CZ2   1 
ATOM   307  C CZ3   . TRP A 1 36  ? -21.479 -8.542  -4.527  1.00 37.88 ? 35   TRP A CZ3   1 
ATOM   308  C CH2   . TRP A 1 36  ? -22.084 -9.760  -4.901  1.00 38.27 ? 35   TRP A CH2   1 
ATOM   309  N N     . ARG A 1 37  ? -14.910 -9.797  -2.185  1.00 30.64 ? 36   ARG A N     1 
ATOM   310  C CA    . ARG A 1 37  ? -14.325 -10.889 -1.404  1.00 29.92 ? 36   ARG A CA    1 
ATOM   311  C C     . ARG A 1 37  ? -13.151 -10.344 -0.593  1.00 31.12 ? 36   ARG A C     1 
ATOM   312  O O     . ARG A 1 37  ? -12.515 -9.378  -0.991  1.00 28.38 ? 36   ARG A O     1 
ATOM   313  C CB    . ARG A 1 37  ? -13.857 -12.010 -2.334  1.00 31.52 ? 36   ARG A CB    1 
ATOM   314  C CG    . ARG A 1 37  ? -15.004 -12.753 -3.013  1.00 35.04 ? 36   ARG A CG    1 
ATOM   315  C CD    . ARG A 1 37  ? -15.824 -13.556 -2.002  1.00 36.70 ? 36   ARG A CD    1 
ATOM   316  N NE    . ARG A 1 37  ? -16.934 -14.281 -2.625  1.00 40.30 ? 36   ARG A NE    1 
ATOM   317  C CZ    . ARG A 1 37  ? -18.198 -13.853 -2.663  1.00 41.90 ? 36   ARG A CZ    1 
ATOM   318  N NH1   . ARG A 1 37  ? -19.131 -14.591 -3.259  1.00 40.56 ? 36   ARG A NH1   1 
ATOM   319  N NH2   . ARG A 1 37  ? -18.539 -12.700 -2.097  1.00 36.39 ? 36   ARG A NH2   1 
ATOM   320  N N     . CYS A 1 38  ? -12.856 -10.946 0.552   1.00 31.84 ? 37   CYS A N     1 
ATOM   321  C CA    . CYS A 1 38  ? -11.758 -10.433 1.357   1.00 33.21 ? 37   CYS A CA    1 
ATOM   322  C C     . CYS A 1 38  ? -10.401 -10.511 0.662   1.00 31.23 ? 37   CYS A C     1 
ATOM   323  O O     . CYS A 1 38  ? -10.103 -11.467 -0.058  1.00 30.57 ? 37   CYS A O     1 
ATOM   324  C CB    . CYS A 1 38  ? -11.718 -11.144 2.708   1.00 37.60 ? 37   CYS A CB    1 
ATOM   325  S SG    . CYS A 1 38  ? -13.019 -10.553 3.840   1.00 44.28 ? 37   CYS A SG    1 
ATOM   326  N N     . LYS A 1 39  ? -9.585  -9.483  0.872   1.00 29.05 ? 38   LYS A N     1 
ATOM   327  C CA    . LYS A 1 39  ? -8.262  -9.432  0.260   1.00 29.79 ? 38   LYS A CA    1 
ATOM   328  C C     . LYS A 1 39  ? -7.403  -10.567 0.822   1.00 29.92 ? 38   LYS A C     1 
ATOM   329  O O     . LYS A 1 39  ? -7.332  -10.771 2.032   1.00 28.59 ? 38   LYS A O     1 
ATOM   330  C CB    . LYS A 1 39  ? -7.606  -8.072  0.534   1.00 28.86 ? 38   LYS A CB    1 
ATOM   331  C CG    . LYS A 1 39  ? -6.549  -7.684  -0.485  1.00 31.73 ? 38   LYS A CG    1 
ATOM   332  C CD    . LYS A 1 39  ? -6.033  -6.269  -0.251  1.00 30.99 ? 38   LYS A CD    1 
ATOM   333  C CE    . LYS A 1 39  ? -5.011  -5.879  -1.320  1.00 33.84 ? 38   LYS A CE    1 
ATOM   334  N NZ    . LYS A 1 39  ? -4.431  -4.522  -1.098  1.00 32.79 ? 38   LYS A NZ    1 
ATOM   335  N N     . ASN A 1 40  ? -6.750  -11.300 -0.069  1.00 30.59 ? 39   ASN A N     1 
ATOM   336  C CA    . ASN A 1 40  ? -5.934  -12.433 0.333   1.00 32.71 ? 39   ASN A CA    1 
ATOM   337  C C     . ASN A 1 40  ? -4.656  -12.053 1.084   1.00 32.88 ? 39   ASN A C     1 
ATOM   338  O O     . ASN A 1 40  ? -4.246  -12.742 2.016   1.00 31.00 ? 39   ASN A O     1 
ATOM   339  C CB    . ASN A 1 40  ? -5.592  -13.264 -0.900  1.00 37.24 ? 39   ASN A CB    1 
ATOM   340  C CG    . ASN A 1 40  ? -5.068  -14.632 -0.546  1.00 43.48 ? 39   ASN A CG    1 
ATOM   341  O OD1   . ASN A 1 40  ? -3.870  -14.889 -0.639  1.00 49.66 ? 39   ASN A OD1   1 
ATOM   342  N ND2   . ASN A 1 40  ? -5.965  -15.522 -0.125  1.00 45.50 ? 39   ASN A ND2   1 
ATOM   343  N N     . GLN A 1 41  ? -4.040  -10.945 0.694   1.00 30.45 ? 40   GLN A N     1 
ATOM   344  C CA    . GLN A 1 41  ? -2.806  -10.519 1.331   1.00 31.79 ? 40   GLN A CA    1 
ATOM   345  C C     . GLN A 1 41  ? -2.654  -9.009  1.234   1.00 30.21 ? 40   GLN A C     1 
ATOM   346  O O     . GLN A 1 41  ? -2.985  -8.424  0.208   1.00 28.90 ? 40   GLN A O     1 
ATOM   347  C CB    . GLN A 1 41  ? -1.629  -11.211 0.640   1.00 35.75 ? 40   GLN A CB    1 
ATOM   348  C CG    . GLN A 1 41  ? -0.312  -10.482 0.740   1.00 44.58 ? 40   GLN A CG    1 
ATOM   349  C CD    . GLN A 1 41  ? 0.500   -10.906 1.934   1.00 49.02 ? 40   GLN A CD    1 
ATOM   350  O OE1   . GLN A 1 41  ? 0.868   -12.074 2.056   1.00 53.73 ? 40   GLN A OE1   1 
ATOM   351  N NE2   . GLN A 1 41  ? 0.795   -9.962  2.823   1.00 48.87 ? 40   GLN A NE2   1 
ATOM   352  N N     . ASN A 1 42  ? -2.172  -8.379  2.306   1.00 26.20 ? 41   ASN A N     1 
ATOM   353  C CA    . ASN A 1 42  ? -1.961  -6.933  2.291   1.00 25.99 ? 41   ASN A CA    1 
ATOM   354  C C     . ASN A 1 42  ? -0.761  -6.575  3.169   1.00 27.05 ? 41   ASN A C     1 
ATOM   355  O O     . ASN A 1 42  ? -0.582  -7.148  4.251   1.00 29.03 ? 41   ASN A O     1 
ATOM   356  C CB    . ASN A 1 42  ? -3.214  -6.187  2.780   1.00 25.65 ? 41   ASN A CB    1 
ATOM   357  C CG    . ASN A 1 42  ? -3.142  -4.686  2.509   1.00 26.88 ? 41   ASN A CG    1 
ATOM   358  O OD1   . ASN A 1 42  ? -3.127  -4.251  1.354   1.00 26.02 ? 41   ASN A OD1   1 
ATOM   359  N ND2   . ASN A 1 42  ? -3.086  -3.891  3.574   1.00 24.33 ? 41   ASN A ND2   1 
ATOM   360  N N     . THR A 1 43  ? 0.057   -5.635  2.698   1.00 25.71 ? 42   THR A N     1 
ATOM   361  C CA    . THR A 1 43  ? 1.257   -5.210  3.425   1.00 24.19 ? 42   THR A CA    1 
ATOM   362  C C     . THR A 1 43  ? 1.206   -3.741  3.847   1.00 25.31 ? 42   THR A C     1 
ATOM   363  O O     . THR A 1 43  ? 0.870   -2.870  3.044   1.00 25.46 ? 42   THR A O     1 
ATOM   364  C CB    . THR A 1 43  ? 2.527   -5.424  2.552   1.00 24.80 ? 42   THR A CB    1 
ATOM   365  O OG1   . THR A 1 43  ? 2.693   -6.822  2.284   1.00 25.69 ? 42   THR A OG1   1 
ATOM   366  C CG2   . THR A 1 43  ? 3.783   -4.892  3.258   1.00 26.11 ? 42   THR A CG2   1 
ATOM   367  N N     . PHE A 1 44  ? 1.530   -3.477  5.112   1.00 24.45 ? 43   PHE A N     1 
ATOM   368  C CA    . PHE A 1 44  ? 1.567   -2.118  5.644   1.00 24.40 ? 43   PHE A CA    1 
ATOM   369  C C     . PHE A 1 44  ? 3.021   -1.721  5.869   1.00 26.60 ? 43   PHE A C     1 
ATOM   370  O O     . PHE A 1 44  ? 3.765   -2.452  6.522   1.00 24.59 ? 43   PHE A O     1 
ATOM   371  C CB    . PHE A 1 44  ? 0.831   -2.025  6.994   1.00 24.04 ? 43   PHE A CB    1 
ATOM   372  C CG    . PHE A 1 44  ? -0.668  -1.990  6.873   1.00 27.40 ? 43   PHE A CG    1 
ATOM   373  C CD1   . PHE A 1 44  ? -1.318  -0.835  6.443   1.00 27.57 ? 43   PHE A CD1   1 
ATOM   374  C CD2   . PHE A 1 44  ? -1.428  -3.120  7.168   1.00 26.61 ? 43   PHE A CD2   1 
ATOM   375  C CE1   . PHE A 1 44  ? -2.708  -0.805  6.305   1.00 28.42 ? 43   PHE A CE1   1 
ATOM   376  C CE2   . PHE A 1 44  ? -2.818  -3.100  7.036   1.00 27.72 ? 43   PHE A CE2   1 
ATOM   377  C CZ    . PHE A 1 44  ? -3.459  -1.948  6.605   1.00 27.11 ? 43   PHE A CZ    1 
ATOM   378  N N     . LEU A 1 45  ? 3.426   -0.574  5.320   1.00 24.46 ? 44   LEU A N     1 
ATOM   379  C CA    . LEU A 1 45  ? 4.786   -0.076  5.507   1.00 25.26 ? 44   LEU A CA    1 
ATOM   380  C C     . LEU A 1 45  ? 4.749   0.759   6.788   1.00 25.29 ? 44   LEU A C     1 
ATOM   381  O O     . LEU A 1 45  ? 3.913   1.658   6.917   1.00 23.63 ? 44   LEU A O     1 
ATOM   382  C CB    . LEU A 1 45  ? 5.209   0.826   4.335   1.00 26.94 ? 44   LEU A CB    1 
ATOM   383  C CG    . LEU A 1 45  ? 5.155   0.262   2.911   1.00 29.05 ? 44   LEU A CG    1 
ATOM   384  C CD1   . LEU A 1 45  ? 5.626   1.330   1.930   1.00 32.95 ? 44   LEU A CD1   1 
ATOM   385  C CD2   . LEU A 1 45  ? 6.032   -0.971  2.794   1.00 30.40 ? 44   LEU A CD2   1 
ATOM   386  N N     . ARG A 1 46  ? 5.632   0.462   7.736   1.00 24.12 ? 45   ARG A N     1 
ATOM   387  C CA    . ARG A 1 46  ? 5.655   1.225   8.971   1.00 26.40 ? 45   ARG A CA    1 
ATOM   388  C C     . ARG A 1 46  ? 6.552   2.449   8.789   1.00 28.01 ? 45   ARG A C     1 
ATOM   389  O O     . ARG A 1 46  ? 7.710   2.459   9.206   1.00 27.47 ? 45   ARG A O     1 
ATOM   390  C CB    . ARG A 1 46  ? 6.122   0.341   10.143  1.00 25.95 ? 45   ARG A CB    1 
ATOM   391  C CG    . ARG A 1 46  ? 5.165   -0.833  10.402  1.00 27.87 ? 45   ARG A CG    1 
ATOM   392  C CD    . ARG A 1 46  ? 5.468   -1.608  11.685  1.00 30.07 ? 45   ARG A CD    1 
ATOM   393  N NE    . ARG A 1 46  ? 5.157   -0.828  12.876  1.00 31.26 ? 45   ARG A NE    1 
ATOM   394  C CZ    . ARG A 1 46  ? 5.183   -1.310  14.118  1.00 33.04 ? 45   ARG A CZ    1 
ATOM   395  N NH1   . ARG A 1 46  ? 5.510   -2.578  14.339  1.00 28.97 ? 45   ARG A NH1   1 
ATOM   396  N NH2   . ARG A 1 46  ? 4.872   -0.522  15.137  1.00 32.11 ? 45   ARG A NH2   1 
ATOM   397  N N     . THR A 1 47  ? 5.992   3.473   8.149   1.00 27.62 ? 46   THR A N     1 
ATOM   398  C CA    . THR A 1 47  ? 6.698   4.725   7.881   1.00 30.07 ? 46   THR A CA    1 
ATOM   399  C C     . THR A 1 47  ? 5.656   5.841   7.754   1.00 30.20 ? 46   THR A C     1 
ATOM   400  O O     . THR A 1 47  ? 4.494   5.641   8.105   1.00 29.68 ? 46   THR A O     1 
ATOM   401  C CB    . THR A 1 47  ? 7.532   4.622   6.578   1.00 32.15 ? 46   THR A CB    1 
ATOM   402  O OG1   . THR A 1 47  ? 8.271   5.833   6.383   1.00 36.13 ? 46   THR A OG1   1 
ATOM   403  C CG2   . THR A 1 47  ? 6.623   4.381   5.369   1.00 32.43 ? 46   THR A CG2   1 
ATOM   404  N N     . THR A 1 48  ? 6.060   7.013   7.270   1.00 32.49 ? 47   THR A N     1 
ATOM   405  C CA    . THR A 1 48  ? 5.123   8.132   7.126   1.00 33.51 ? 47   THR A CA    1 
ATOM   406  C C     . THR A 1 48  ? 4.901   8.459   5.650   1.00 35.08 ? 47   THR A C     1 
ATOM   407  O O     . THR A 1 48  ? 5.759   8.178   4.821   1.00 33.98 ? 47   THR A O     1 
ATOM   408  C CB    . THR A 1 48  ? 5.659   9.407   7.816   1.00 35.62 ? 47   THR A CB    1 
ATOM   409  O OG1   . THR A 1 48  ? 6.838   9.856   7.134   1.00 37.19 ? 47   THR A OG1   1 
ATOM   410  C CG2   . THR A 1 48  ? 5.998   9.125   9.276   1.00 35.09 ? 47   THR A CG2   1 
ATOM   411  N N     . PHE A 1 49  ? 3.755   9.059   5.328   1.00 36.17 ? 48   PHE A N     1 
ATOM   412  C CA    . PHE A 1 49  ? 3.453   9.420   3.944   1.00 37.87 ? 48   PHE A CA    1 
ATOM   413  C C     . PHE A 1 49  ? 4.560   10.320  3.390   1.00 38.57 ? 48   PHE A C     1 
ATOM   414  O O     . PHE A 1 49  ? 4.988   10.162  2.245   1.00 37.35 ? 48   PHE A O     1 
ATOM   415  C CB    . PHE A 1 49  ? 2.106   10.149  3.854   1.00 38.23 ? 48   PHE A CB    1 
ATOM   416  C CG    . PHE A 1 49  ? 1.635   10.393  2.435   1.00 40.71 ? 48   PHE A CG    1 
ATOM   417  C CD1   . PHE A 1 49  ? 0.960   9.401   1.729   1.00 41.11 ? 48   PHE A CD1   1 
ATOM   418  C CD2   . PHE A 1 49  ? 1.890   11.607  1.799   1.00 40.60 ? 48   PHE A CD2   1 
ATOM   419  C CE1   . PHE A 1 49  ? 0.545   9.615   0.405   1.00 41.54 ? 48   PHE A CE1   1 
ATOM   420  C CE2   . PHE A 1 49  ? 1.480   11.831  0.477   1.00 41.62 ? 48   PHE A CE2   1 
ATOM   421  C CZ    . PHE A 1 49  ? 0.807   10.832  -0.219  1.00 41.62 ? 48   PHE A CZ    1 
ATOM   422  N N     . ALA A 1 50  ? 5.025   11.255  4.215   1.00 38.71 ? 49   ALA A N     1 
ATOM   423  C CA    . ALA A 1 50  ? 6.082   12.185  3.822   1.00 38.95 ? 49   ALA A CA    1 
ATOM   424  C C     . ALA A 1 50  ? 7.359   11.481  3.384   1.00 38.25 ? 49   ALA A C     1 
ATOM   425  O O     . ALA A 1 50  ? 8.020   11.922  2.444   1.00 38.38 ? 49   ALA A O     1 
ATOM   426  C CB    . ALA A 1 50  ? 6.392   13.145  4.977   1.00 40.03 ? 49   ALA A CB    1 
ATOM   427  N N     . ASN A 1 51  ? 7.712   10.393  4.067   1.00 38.13 ? 50   ASN A N     1 
ATOM   428  C CA    . ASN A 1 51  ? 8.920   9.640   3.736   1.00 37.36 ? 50   ASN A CA    1 
ATOM   429  C C     . ASN A 1 51  ? 8.811   8.912   2.397   1.00 36.15 ? 50   ASN A C     1 
ATOM   430  O O     . ASN A 1 51  ? 9.798   8.778   1.675   1.00 34.32 ? 50   ASN A O     1 
ATOM   431  C CB    . ASN A 1 51  ? 9.244   8.633   4.846   1.00 41.00 ? 50   ASN A CB    1 
ATOM   432  C CG    . ASN A 1 51  ? 9.747   9.305   6.117   1.00 45.37 ? 50   ASN A CG    1 
ATOM   433  O OD1   . ASN A 1 51  ? 9.892   8.661   7.157   1.00 50.53 ? 50   ASN A OD1   1 
ATOM   434  N ND2   . ASN A 1 51  ? 10.021  10.600  6.034   1.00 45.87 ? 50   ASN A ND2   1 
ATOM   435  N N     . VAL A 1 52  ? 7.614   8.437   2.066   1.00 34.95 ? 51   VAL A N     1 
ATOM   436  C CA    . VAL A 1 52  ? 7.412   7.738   0.797   1.00 33.23 ? 51   VAL A CA    1 
ATOM   437  C C     . VAL A 1 52  ? 7.496   8.751   -0.354  1.00 34.11 ? 51   VAL A C     1 
ATOM   438  O O     . VAL A 1 52  ? 8.054   8.460   -1.412  1.00 33.41 ? 51   VAL A O     1 
ATOM   439  C CB    . VAL A 1 52  ? 6.037   7.022   0.774   1.00 31.41 ? 51   VAL A CB    1 
ATOM   440  C CG1   . VAL A 1 52  ? 5.867   6.241   -0.530  1.00 29.11 ? 51   VAL A CG1   1 
ATOM   441  C CG2   . VAL A 1 52  ? 5.931   6.084   1.978   1.00 30.15 ? 51   VAL A CG2   1 
ATOM   442  N N     . VAL A 1 53  ? 6.941   9.941   -0.132  1.00 36.15 ? 52   VAL A N     1 
ATOM   443  C CA    . VAL A 1 53  ? 6.978   11.007  -1.131  1.00 38.82 ? 52   VAL A CA    1 
ATOM   444  C C     . VAL A 1 53  ? 8.427   11.326  -1.520  1.00 40.38 ? 52   VAL A C     1 
ATOM   445  O O     . VAL A 1 53  ? 8.708   11.625  -2.680  1.00 41.17 ? 52   VAL A O     1 
ATOM   446  C CB    . VAL A 1 53  ? 6.307   12.295  -0.594  1.00 39.85 ? 52   VAL A CB    1 
ATOM   447  C CG1   . VAL A 1 53  ? 6.535   13.452  -1.562  1.00 42.28 ? 52   VAL A CG1   1 
ATOM   448  C CG2   . VAL A 1 53  ? 4.817   12.063  -0.402  1.00 39.48 ? 52   VAL A CG2   1 
ATOM   449  N N     . ASN A 1 54  ? 9.339   11.255  -0.551  1.00 41.67 ? 53   ASN A N     1 
ATOM   450  C CA    . ASN A 1 54  ? 10.754  11.525  -0.800  1.00 44.06 ? 53   ASN A CA    1 
ATOM   451  C C     . ASN A 1 54  ? 11.365  10.449  -1.677  1.00 43.47 ? 53   ASN A C     1 
ATOM   452  O O     . ASN A 1 54  ? 12.213  10.729  -2.529  1.00 43.50 ? 53   ASN A O     1 
ATOM   453  C CB    . ASN A 1 54  ? 11.542  11.605  0.513   1.00 47.65 ? 53   ASN A CB    1 
ATOM   454  C CG    . ASN A 1 54  ? 11.353  12.928  1.227   1.00 52.66 ? 53   ASN A CG    1 
ATOM   455  O OD1   . ASN A 1 54  ? 11.573  13.993  0.648   1.00 54.57 ? 53   ASN A OD1   1 
ATOM   456  N ND2   . ASN A 1 54  ? 10.948  12.870  2.493   1.00 55.49 ? 53   ASN A ND2   1 
ATOM   457  N N     . VAL A 1 55  ? 10.943  9.210   -1.455  1.00 42.15 ? 54   VAL A N     1 
ATOM   458  C CA    . VAL A 1 55  ? 11.437  8.095   -2.248  1.00 41.59 ? 54   VAL A CA    1 
ATOM   459  C C     . VAL A 1 55  ? 11.028  8.326   -3.700  1.00 41.84 ? 54   VAL A C     1 
ATOM   460  O O     . VAL A 1 55  ? 11.739  7.939   -4.624  1.00 41.93 ? 54   VAL A O     1 
ATOM   461  C CB    . VAL A 1 55  ? 10.842  6.758   -1.754  1.00 40.68 ? 54   VAL A CB    1 
ATOM   462  C CG1   . VAL A 1 55  ? 11.273  5.624   -2.663  1.00 40.38 ? 54   VAL A CG1   1 
ATOM   463  C CG2   . VAL A 1 55  ? 11.294  6.490   -0.328  1.00 42.60 ? 54   VAL A CG2   1 
ATOM   464  N N     . CYS A 1 56  ? 9.872   8.956   -3.891  1.00 43.11 ? 55   CYS A N     1 
ATOM   465  C CA    . CYS A 1 56  ? 9.366   9.246   -5.228  1.00 44.96 ? 55   CYS A CA    1 
ATOM   466  C C     . CYS A 1 56  ? 10.327  10.157  -5.989  1.00 48.32 ? 55   CYS A C     1 
ATOM   467  O O     . CYS A 1 56  ? 10.536  9.992   -7.194  1.00 49.26 ? 55   CYS A O     1 
ATOM   468  C CB    . CYS A 1 56  ? 7.995   9.925   -5.152  1.00 41.94 ? 55   CYS A CB    1 
ATOM   469  S SG    . CYS A 1 56  ? 6.570   8.847   -4.782  1.00 39.13 ? 55   CYS A SG    1 
ATOM   470  N N     . GLY A 1 57  ? 10.916  11.110  -5.272  1.00 50.43 ? 56   GLY A N     1 
ATOM   471  C CA    . GLY A 1 57  ? 11.834  12.047  -5.891  1.00 53.87 ? 56   GLY A CA    1 
ATOM   472  C C     . GLY A 1 57  ? 13.226  11.547  -6.232  1.00 56.00 ? 56   GLY A C     1 
ATOM   473  O O     . GLY A 1 57  ? 14.074  12.342  -6.635  1.00 57.39 ? 56   GLY A O     1 
ATOM   474  N N     . ASN A 1 58  ? 13.485  10.249  -6.091  1.00 57.58 ? 57   ASN A N     1 
ATOM   475  C CA    . ASN A 1 58  ? 14.815  9.739   -6.404  1.00 58.99 ? 57   ASN A CA    1 
ATOM   476  C C     . ASN A 1 58  ? 14.910  9.064   -7.771  1.00 59.26 ? 57   ASN A C     1 
ATOM   477  O O     . ASN A 1 58  ? 14.014  9.193   -8.605  1.00 59.14 ? 57   ASN A O     1 
ATOM   478  C CB    . ASN A 1 58  ? 15.297  8.781   -5.303  1.00 60.26 ? 57   ASN A CB    1 
ATOM   479  C CG    . ASN A 1 58  ? 14.649  7.407   -5.378  1.00 61.44 ? 57   ASN A CG    1 
ATOM   480  O OD1   . ASN A 1 58  ? 14.911  6.549   -4.535  1.00 63.39 ? 57   ASN A OD1   1 
ATOM   481  N ND2   . ASN A 1 58  ? 13.808  7.189   -6.382  1.00 62.29 ? 57   ASN A ND2   1 
ATOM   482  N N     . GLN A 1 59  ? 16.012  8.352   -7.986  1.00 59.81 ? 58   GLN A N     1 
ATOM   483  C CA    . GLN A 1 59  ? 16.270  7.643   -9.237  1.00 60.70 ? 58   GLN A CA    1 
ATOM   484  C C     . GLN A 1 59  ? 15.062  6.846   -9.708  1.00 59.29 ? 58   GLN A C     1 
ATOM   485  O O     . GLN A 1 59  ? 14.463  6.100   -8.938  1.00 60.59 ? 58   GLN A O     1 
ATOM   486  C CB    . GLN A 1 59  ? 17.461  6.694   -9.062  1.00 63.86 ? 58   GLN A CB    1 
ATOM   487  C CG    . GLN A 1 59  ? 18.650  6.988   -9.970  1.00 66.98 ? 58   GLN A CG    1 
ATOM   488  C CD    . GLN A 1 59  ? 18.340  6.756   -11.436 1.00 68.68 ? 58   GLN A CD    1 
ATOM   489  O OE1   . GLN A 1 59  ? 18.022  5.637   -11.847 1.00 69.44 ? 58   GLN A OE1   1 
ATOM   490  N NE2   . GLN A 1 59  ? 18.434  7.815   -12.236 1.00 69.14 ? 58   GLN A NE2   1 
ATOM   491  N N     . SER A 1 60  ? 14.717  7.004   -10.980 1.00 57.15 ? 59   SER A N     1 
ATOM   492  C CA    . SER A 1 60  ? 13.586  6.294   -11.563 1.00 54.59 ? 59   SER A CA    1 
ATOM   493  C C     . SER A 1 60  ? 14.058  4.963   -12.151 1.00 52.00 ? 59   SER A C     1 
ATOM   494  O O     . SER A 1 60  ? 15.173  4.863   -12.663 1.00 52.93 ? 59   SER A O     1 
ATOM   495  C CB    . SER A 1 60  ? 12.941  7.157   -12.652 1.00 54.90 ? 59   SER A CB    1 
ATOM   496  O OG    . SER A 1 60  ? 11.741  6.576   -13.128 1.00 58.55 ? 59   SER A OG    1 
ATOM   497  N N     . ILE A 1 61  ? 13.213  3.940   -12.060 1.00 47.98 ? 60   ILE A N     1 
ATOM   498  C CA    . ILE A 1 61  ? 13.535  2.617   -12.591 1.00 44.56 ? 60   ILE A CA    1 
ATOM   499  C C     . ILE A 1 61  ? 12.268  1.971   -13.143 1.00 42.92 ? 60   ILE A C     1 
ATOM   500  O O     . ILE A 1 61  ? 11.160  2.416   -12.838 1.00 41.43 ? 60   ILE A O     1 
ATOM   501  C CB    . ILE A 1 61  ? 14.118  1.685   -11.490 1.00 47.22 ? 60   ILE A CB    1 
ATOM   502  C CG1   . ILE A 1 61  ? 13.103  1.519   -10.352 1.00 46.27 ? 60   ILE A CG1   1 
ATOM   503  C CG2   . ILE A 1 61  ? 15.429  2.261   -10.957 1.00 46.62 ? 60   ILE A CG2   1 
ATOM   504  C CD1   . ILE A 1 61  ? 13.496  0.490   -9.308  1.00 45.79 ? 60   ILE A CD1   1 
ATOM   505  N N     . ARG A 1 62  ? 12.429  0.929   -13.954 1.00 40.76 ? 61   ARG A N     1 
ATOM   506  C CA    . ARG A 1 62  ? 11.283  0.229   -14.523 1.00 40.67 ? 61   ARG A CA    1 
ATOM   507  C C     . ARG A 1 62  ? 10.640  -0.632  -13.455 1.00 40.42 ? 61   ARG A C     1 
ATOM   508  O O     . ARG A 1 62  ? 11.326  -1.308  -12.689 1.00 41.19 ? 61   ARG A O     1 
ATOM   509  C CB    . ARG A 1 62  ? 11.699  -0.637  -15.720 1.00 39.92 ? 61   ARG A CB    1 
ATOM   510  C CG    . ARG A 1 62  ? 12.046  0.184   -16.954 1.00 42.84 ? 61   ARG A CG    1 
ATOM   511  C CD    . ARG A 1 62  ? 12.383  -0.668  -18.169 1.00 44.08 ? 61   ARG A CD    1 
ATOM   512  N NE    . ARG A 1 62  ? 12.727  0.174   -19.315 1.00 44.25 ? 61   ARG A NE    1 
ATOM   513  C CZ    . ARG A 1 62  ? 11.861  0.940   -19.973 1.00 45.37 ? 61   ARG A CZ    1 
ATOM   514  N NH1   . ARG A 1 62  ? 10.586  0.975   -19.615 1.00 45.36 ? 61   ARG A NH1   1 
ATOM   515  N NH2   . ARG A 1 62  ? 12.278  1.691   -20.982 1.00 47.38 ? 61   ARG A NH2   1 
ATOM   516  N N     . CYS A 1 63  ? 9.316   -0.600  -13.400 1.00 38.62 ? 62   CYS A N     1 
ATOM   517  C CA    . CYS A 1 63  ? 8.591   -1.367  -12.404 1.00 37.76 ? 62   CYS A CA    1 
ATOM   518  C C     . CYS A 1 63  ? 8.746   -2.874  -12.619 1.00 38.02 ? 62   CYS A C     1 
ATOM   519  O O     . CYS A 1 63  ? 8.379   -3.405  -13.665 1.00 36.46 ? 62   CYS A O     1 
ATOM   520  C CB    . CYS A 1 63  ? 7.115   -0.975  -12.435 1.00 35.84 ? 62   CYS A CB    1 
ATOM   521  S SG    . CYS A 1 63  ? 6.787   0.787   -12.076 1.00 33.01 ? 62   CYS A SG    1 
ATOM   522  N N     . PRO A 1 64  ? 9.296   -3.582  -11.619 1.00 39.39 ? 63   PRO A N     1 
ATOM   523  C CA    . PRO A 1 64  ? 9.507   -5.031  -11.675 1.00 40.41 ? 63   PRO A CA    1 
ATOM   524  C C     . PRO A 1 64  ? 8.321   -5.835  -12.203 1.00 41.83 ? 63   PRO A C     1 
ATOM   525  O O     . PRO A 1 64  ? 8.483   -6.686  -13.081 1.00 42.47 ? 63   PRO A O     1 
ATOM   526  C CB    . PRO A 1 64  ? 9.842   -5.376  -10.231 1.00 41.44 ? 63   PRO A CB    1 
ATOM   527  C CG    . PRO A 1 64  ? 10.641  -4.196  -9.811  1.00 41.11 ? 63   PRO A CG    1 
ATOM   528  C CD    . PRO A 1 64  ? 9.846   -3.028  -10.368 1.00 39.98 ? 63   PRO A CD    1 
ATOM   529  N N     . HIS A 1 65  ? 7.127   -5.565  -11.676 1.00 41.43 ? 64   HIS A N     1 
ATOM   530  C CA    . HIS A 1 65  ? 5.932   -6.287  -12.103 1.00 42.49 ? 64   HIS A CA    1 
ATOM   531  C C     . HIS A 1 65  ? 5.315   -5.809  -13.422 1.00 42.86 ? 64   HIS A C     1 
ATOM   532  O O     . HIS A 1 65  ? 4.399   -6.443  -13.955 1.00 44.34 ? 64   HIS A O     1 
ATOM   533  C CB    . HIS A 1 65  ? 4.898   -6.273  -10.971 1.00 45.45 ? 64   HIS A CB    1 
ATOM   534  C CG    . HIS A 1 65  ? 5.243   -7.195  -9.841  1.00 47.40 ? 64   HIS A CG    1 
ATOM   535  N ND1   . HIS A 1 65  ? 4.805   -8.501  -9.783  1.00 47.87 ? 64   HIS A ND1   1 
ATOM   536  C CD2   . HIS A 1 65  ? 6.045   -7.022  -8.762  1.00 48.59 ? 64   HIS A CD2   1 
ATOM   537  C CE1   . HIS A 1 65  ? 5.323   -9.093  -8.722  1.00 47.84 ? 64   HIS A CE1   1 
ATOM   538  N NE2   . HIS A 1 65  ? 6.081   -8.218  -8.086  1.00 50.37 ? 64   HIS A NE2   1 
ATOM   539  N N     . ASN A 1 66  ? 5.816   -4.696  -13.951 1.00 41.13 ? 65   ASN A N     1 
ATOM   540  C CA    . ASN A 1 66  ? 5.341   -4.163  -15.230 1.00 39.34 ? 65   ASN A CA    1 
ATOM   541  C C     . ASN A 1 66  ? 6.412   -3.229  -15.780 1.00 37.39 ? 65   ASN A C     1 
ATOM   542  O O     . ASN A 1 66  ? 6.325   -2.007  -15.639 1.00 34.72 ? 65   ASN A O     1 
ATOM   543  C CB    . ASN A 1 66  ? 4.014   -3.409  -15.070 1.00 40.69 ? 65   ASN A CB    1 
ATOM   544  C CG    . ASN A 1 66  ? 3.422   -2.987  -16.409 1.00 44.18 ? 65   ASN A CG    1 
ATOM   545  O OD1   . ASN A 1 66  ? 2.331   -2.414  -16.471 1.00 45.45 ? 65   ASN A OD1   1 
ATOM   546  N ND2   . ASN A 1 66  ? 4.143   -3.269  -17.492 1.00 43.21 ? 65   ASN A ND2   1 
ATOM   547  N N     . ARG A 1 67  ? 7.421   -3.837  -16.401 1.00 35.93 ? 66   ARG A N     1 
ATOM   548  C CA    . ARG A 1 67  ? 8.568   -3.136  -16.977 1.00 35.20 ? 66   ARG A CA    1 
ATOM   549  C C     . ARG A 1 67  ? 8.262   -2.109  -18.062 1.00 33.98 ? 66   ARG A C     1 
ATOM   550  O O     . ARG A 1 67  ? 9.146   -1.350  -18.458 1.00 34.60 ? 66   ARG A O     1 
ATOM   551  C CB    . ARG A 1 67  ? 9.569   -4.153  -17.536 1.00 34.98 ? 66   ARG A CB    1 
ATOM   552  C CG    . ARG A 1 67  ? 10.260  -5.027  -16.499 1.00 35.24 ? 66   ARG A CG    1 
ATOM   553  C CD    . ARG A 1 67  ? 11.154  -6.062  -17.200 1.00 35.71 ? 66   ARG A CD    1 
ATOM   554  N NE    . ARG A 1 67  ? 12.102  -5.426  -18.117 1.00 31.68 ? 66   ARG A NE    1 
ATOM   555  C CZ    . ARG A 1 67  ? 13.119  -4.669  -17.722 1.00 30.62 ? 66   ARG A CZ    1 
ATOM   556  N NH1   . ARG A 1 67  ? 13.316  -4.461  -16.428 1.00 32.38 ? 66   ARG A NH1   1 
ATOM   557  N NH2   . ARG A 1 67  ? 13.931  -4.112  -18.611 1.00 28.61 ? 66   ARG A NH2   1 
ATOM   558  N N     . THR A 1 68  ? 7.037   -2.086  -18.572 1.00 35.75 ? 67   THR A N     1 
ATOM   559  C CA    . THR A 1 68  ? 6.712   -1.098  -19.597 1.00 36.56 ? 67   THR A CA    1 
ATOM   560  C C     . THR A 1 68  ? 6.593   0.280   -18.935 1.00 36.72 ? 67   THR A C     1 
ATOM   561  O O     . THR A 1 68  ? 6.645   1.309   -19.614 1.00 35.86 ? 67   THR A O     1 
ATOM   562  C CB    . THR A 1 68  ? 5.396   -1.447  -20.349 1.00 36.75 ? 67   THR A CB    1 
ATOM   563  O OG1   . THR A 1 68  ? 4.285   -1.389  -19.450 1.00 39.38 ? 67   THR A OG1   1 
ATOM   564  C CG2   . THR A 1 68  ? 5.479   -2.846  -20.935 1.00 37.00 ? 67   THR A CG2   1 
ATOM   565  N N     . LEU A 1 69  ? 6.454   0.289   -17.608 1.00 35.45 ? 68   LEU A N     1 
ATOM   566  C CA    . LEU A 1 69  ? 6.340   1.535   -16.844 1.00 37.13 ? 68   LEU A CA    1 
ATOM   567  C C     . LEU A 1 69  ? 7.678   1.925   -16.221 1.00 37.00 ? 68   LEU A C     1 
ATOM   568  O O     . LEU A 1 69  ? 8.269   1.147   -15.472 1.00 36.23 ? 68   LEU A O     1 
ATOM   569  C CB    . LEU A 1 69  ? 5.309   1.390   -15.723 1.00 39.15 ? 68   LEU A CB    1 
ATOM   570  C CG    . LEU A 1 69  ? 3.819   1.375   -16.054 1.00 42.05 ? 68   LEU A CG    1 
ATOM   571  C CD1   . LEU A 1 69  ? 3.506   0.272   -17.044 1.00 46.16 ? 68   LEU A CD1   1 
ATOM   572  C CD2   . LEU A 1 69  ? 3.036   1.178   -14.768 1.00 42.64 ? 68   LEU A CD2   1 
ATOM   573  N N     . ASN A 1 70  ? 8.145   3.133   -16.520 1.00 35.29 ? 69   ASN A N     1 
ATOM   574  C CA    . ASN A 1 70  ? 9.414   3.617   -15.985 1.00 38.77 ? 69   ASN A CA    1 
ATOM   575  C C     . ASN A 1 70  ? 9.125   4.696   -14.945 1.00 39.19 ? 69   ASN A C     1 
ATOM   576  O O     . ASN A 1 70  ? 9.738   5.764   -14.952 1.00 40.46 ? 69   ASN A O     1 
ATOM   577  C CB    . ASN A 1 70  ? 10.279  4.180   -17.128 1.00 42.97 ? 69   ASN A CB    1 
ATOM   578  C CG    . ASN A 1 70  ? 11.712  4.489   -16.696 1.00 47.11 ? 69   ASN A CG    1 
ATOM   579  O OD1   . ASN A 1 70  ? 12.345  3.706   -15.987 1.00 50.25 ? 69   ASN A OD1   1 
ATOM   580  N ND2   . ASN A 1 70  ? 12.230  5.629   -17.141 1.00 49.52 ? 69   ASN A ND2   1 
ATOM   581  N N     . ASN A 1 71  ? 8.193   4.398   -14.043 1.00 38.94 ? 70   ASN A N     1 
ATOM   582  C CA    . ASN A 1 71  ? 7.784   5.342   -13.004 1.00 39.17 ? 70   ASN A CA    1 
ATOM   583  C C     . ASN A 1 71  ? 7.936   4.800   -11.581 1.00 37.36 ? 70   ASN A C     1 
ATOM   584  O O     . ASN A 1 71  ? 7.269   5.287   -10.667 1.00 35.55 ? 70   ASN A O     1 
ATOM   585  C CB    . ASN A 1 71  ? 6.318   5.732   -13.217 1.00 42.98 ? 70   ASN A CB    1 
ATOM   586  C CG    . ASN A 1 71  ? 6.047   6.227   -14.621 1.00 46.41 ? 70   ASN A CG    1 
ATOM   587  O OD1   . ASN A 1 71  ? 6.416   7.344   -14.980 1.00 48.17 ? 70   ASN A OD1   1 
ATOM   588  N ND2   . ASN A 1 71  ? 5.406   5.388   -15.429 1.00 47.60 ? 70   ASN A ND2   1 
ATOM   589  N N     . CYS A 1 72  ? 8.798   3.803   -11.394 1.00 35.10 ? 71   CYS A N     1 
ATOM   590  C CA    . CYS A 1 72  ? 9.002   3.219   -10.074 1.00 34.50 ? 71   CYS A CA    1 
ATOM   591  C C     . CYS A 1 72  ? 10.250  3.735   -9.361  1.00 36.96 ? 71   CYS A C     1 
ATOM   592  O O     . CYS A 1 72  ? 11.189  4.217   -9.997  1.00 36.25 ? 71   CYS A O     1 
ATOM   593  C CB    . CYS A 1 72  ? 9.016   1.686   -10.170 1.00 31.61 ? 71   CYS A CB    1 
ATOM   594  S SG    . CYS A 1 72  ? 7.324   0.993   -10.128 1.00 32.36 ? 71   CYS A SG    1 
ATOM   595  N N     . HIS A 1 73  ? 10.241  3.638   -8.033  1.00 36.86 ? 72   HIS A N     1 
ATOM   596  C CA    . HIS A 1 73  ? 11.341  4.117   -7.199  1.00 39.91 ? 72   HIS A CA    1 
ATOM   597  C C     . HIS A 1 73  ? 11.559  3.186   -6.001  1.00 41.71 ? 72   HIS A C     1 
ATOM   598  O O     . HIS A 1 73  ? 10.605  2.841   -5.300  1.00 40.79 ? 72   HIS A O     1 
ATOM   599  C CB    . HIS A 1 73  ? 11.015  5.516   -6.684  1.00 40.47 ? 72   HIS A CB    1 
ATOM   600  C CG    . HIS A 1 73  ? 10.649  6.488   -7.762  1.00 44.49 ? 72   HIS A CG    1 
ATOM   601  N ND1   . HIS A 1 73  ? 11.589  7.198   -8.477  1.00 45.55 ? 72   HIS A ND1   1 
ATOM   602  C CD2   . HIS A 1 73  ? 9.443   6.856   -8.258  1.00 44.77 ? 72   HIS A CD2   1 
ATOM   603  C CE1   . HIS A 1 73  ? 10.979  7.964   -9.366  1.00 46.01 ? 72   HIS A CE1   1 
ATOM   604  N NE2   . HIS A 1 73  ? 9.676   7.774   -9.254  1.00 45.59 ? 72   HIS A NE2   1 
ATOM   605  N N     . ARG A 1 74  ? 12.809  2.791   -5.765  1.00 42.66 ? 73   ARG A N     1 
ATOM   606  C CA    . ARG A 1 74  ? 13.128  1.903   -4.645  1.00 44.60 ? 73   ARG A CA    1 
ATOM   607  C C     . ARG A 1 74  ? 13.645  2.697   -3.444  1.00 44.11 ? 73   ARG A C     1 
ATOM   608  O O     . ARG A 1 74  ? 14.380  3.671   -3.609  1.00 45.26 ? 73   ARG A O     1 
ATOM   609  C CB    . ARG A 1 74  ? 14.187  0.878   -5.059  1.00 46.25 ? 73   ARG A CB    1 
ATOM   610  C CG    . ARG A 1 74  ? 14.151  -0.385  -4.225  1.00 49.35 ? 73   ARG A CG    1 
ATOM   611  C CD    . ARG A 1 74  ? 15.461  -1.129  -4.266  1.00 54.11 ? 73   ARG A CD    1 
ATOM   612  N NE    . ARG A 1 74  ? 16.514  -0.357  -3.616  1.00 58.94 ? 73   ARG A NE    1 
ATOM   613  C CZ    . ARG A 1 74  ? 17.646  -0.878  -3.155  1.00 60.67 ? 73   ARG A CZ    1 
ATOM   614  N NH1   . ARG A 1 74  ? 17.875  -2.180  -3.269  1.00 61.52 ? 73   ARG A NH1   1 
ATOM   615  N NH2   . ARG A 1 74  ? 18.547  -0.095  -2.573  1.00 62.10 ? 73   ARG A NH2   1 
ATOM   616  N N     . SER A 1 75  ? 13.256  2.291   -2.237  1.00 43.67 ? 74   SER A N     1 
ATOM   617  C CA    . SER A 1 75  ? 13.718  2.982   -1.037  1.00 43.80 ? 74   SER A CA    1 
ATOM   618  C C     . SER A 1 75  ? 15.208  2.694   -0.862  1.00 44.92 ? 74   SER A C     1 
ATOM   619  O O     . SER A 1 75  ? 15.707  1.656   -1.306  1.00 44.18 ? 74   SER A O     1 
ATOM   620  C CB    . SER A 1 75  ? 12.951  2.503   0.204   1.00 40.98 ? 74   SER A CB    1 
ATOM   621  O OG    . SER A 1 75  ? 13.183  1.126   0.451   1.00 37.46 ? 74   SER A OG    1 
ATOM   622  N N     . ARG A 1 76  ? 15.920  3.611   -0.223  1.00 47.80 ? 75   ARG A N     1 
ATOM   623  C CA    . ARG A 1 76  ? 17.349  3.423   -0.007  1.00 51.47 ? 75   ARG A CA    1 
ATOM   624  C C     . ARG A 1 76  ? 17.612  2.501   1.176   1.00 50.77 ? 75   ARG A C     1 
ATOM   625  O O     . ARG A 1 76  ? 18.613  1.787   1.199   1.00 51.80 ? 75   ARG A O     1 
ATOM   626  C CB    . ARG A 1 76  ? 18.037  4.768   0.229   1.00 54.29 ? 75   ARG A CB    1 
ATOM   627  C CG    . ARG A 1 76  ? 17.474  5.567   1.391   1.00 59.59 ? 75   ARG A CG    1 
ATOM   628  C CD    . ARG A 1 76  ? 18.374  6.748   1.761   1.00 64.24 ? 75   ARG A CD    1 
ATOM   629  N NE    . ARG A 1 76  ? 18.654  7.631   0.628   1.00 69.05 ? 75   ARG A NE    1 
ATOM   630  C CZ    . ARG A 1 76  ? 19.588  7.405   -0.294  1.00 70.97 ? 75   ARG A CZ    1 
ATOM   631  N NH1   . ARG A 1 76  ? 20.349  6.318   -0.225  1.00 71.92 ? 75   ARG A NH1   1 
ATOM   632  N NH2   . ARG A 1 76  ? 19.760  8.265   -1.289  1.00 71.62 ? 75   ARG A NH2   1 
ATOM   633  N N     . PHE A 1 77  ? 16.705  2.515   2.149   1.00 50.18 ? 76   PHE A N     1 
ATOM   634  C CA    . PHE A 1 77  ? 16.833  1.689   3.350   1.00 49.29 ? 76   PHE A CA    1 
ATOM   635  C C     . PHE A 1 77  ? 15.702  0.670   3.509   1.00 46.21 ? 76   PHE A C     1 
ATOM   636  O O     . PHE A 1 77  ? 14.613  0.838   2.958   1.00 43.76 ? 76   PHE A O     1 
ATOM   637  C CB    . PHE A 1 77  ? 16.857  2.585   4.593   1.00 53.16 ? 76   PHE A CB    1 
ATOM   638  C CG    . PHE A 1 77  ? 18.103  3.417   4.726   1.00 58.61 ? 76   PHE A CG    1 
ATOM   639  C CD1   . PHE A 1 77  ? 18.117  4.537   5.555   1.00 60.41 ? 76   PHE A CD1   1 
ATOM   640  C CD2   . PHE A 1 77  ? 19.269  3.074   4.040   1.00 59.71 ? 76   PHE A CD2   1 
ATOM   641  C CE1   . PHE A 1 77  ? 19.271  5.305   5.698   1.00 61.91 ? 76   PHE A CE1   1 
ATOM   642  C CE2   . PHE A 1 77  ? 20.428  3.835   4.177   1.00 61.11 ? 76   PHE A CE2   1 
ATOM   643  C CZ    . PHE A 1 77  ? 20.430  4.952   5.007   1.00 61.76 ? 76   PHE A CZ    1 
ATOM   644  N N     . ARG A 1 78  ? 15.972  -0.390  4.261   1.00 42.05 ? 77   ARG A N     1 
ATOM   645  C CA    . ARG A 1 78  ? 14.962  -1.403  4.525   1.00 40.95 ? 77   ARG A CA    1 
ATOM   646  C C     . ARG A 1 78  ? 14.055  -0.812  5.602   1.00 38.62 ? 77   ARG A C     1 
ATOM   647  O O     . ARG A 1 78  ? 14.529  -0.145  6.518   1.00 39.10 ? 77   ARG A O     1 
ATOM   648  C CB    . ARG A 1 78  ? 15.615  -2.697  5.013   1.00 41.78 ? 77   ARG A CB    1 
ATOM   649  C CG    . ARG A 1 78  ? 16.170  -3.566  3.893   1.00 45.67 ? 77   ARG A CG    1 
ATOM   650  C CD    . ARG A 1 78  ? 16.810  -4.841  4.429   1.00 50.72 ? 77   ARG A CD    1 
ATOM   651  N NE    . ARG A 1 78  ? 18.215  -4.641  4.776   1.00 58.07 ? 77   ARG A NE    1 
ATOM   652  C CZ    . ARG A 1 78  ? 19.225  -4.770  3.917   1.00 59.49 ? 77   ARG A CZ    1 
ATOM   653  N NH1   . ARG A 1 78  ? 18.993  -5.108  2.656   1.00 60.76 ? 77   ARG A NH1   1 
ATOM   654  N NH2   . ARG A 1 78  ? 20.472  -4.553  4.318   1.00 61.21 ? 77   ARG A NH2   1 
ATOM   655  N N     . VAL A 1 79  ? 12.752  -1.037  5.484   1.00 35.70 ? 78   VAL A N     1 
ATOM   656  C CA    . VAL A 1 79  ? 11.802  -0.489  6.444   1.00 33.44 ? 78   VAL A CA    1 
ATOM   657  C C     . VAL A 1 79  ? 10.984  -1.601  7.100   1.00 31.89 ? 78   VAL A C     1 
ATOM   658  O O     . VAL A 1 79  ? 10.696  -2.616  6.466   1.00 30.79 ? 78   VAL A O     1 
ATOM   659  C CB    . VAL A 1 79  ? 10.833  0.509   5.734   1.00 34.96 ? 78   VAL A CB    1 
ATOM   660  C CG1   . VAL A 1 79  ? 9.913   -0.240  4.794   1.00 34.09 ? 78   VAL A CG1   1 
ATOM   661  C CG2   . VAL A 1 79  ? 10.024  1.286   6.750   1.00 39.09 ? 78   VAL A CG2   1 
ATOM   662  N N     . PRO A 1 80  ? 10.635  -1.443  8.390   1.00 29.95 ? 79   PRO A N     1 
ATOM   663  C CA    . PRO A 1 80  ? 9.838   -2.489  9.044   1.00 29.05 ? 79   PRO A CA    1 
ATOM   664  C C     . PRO A 1 80  ? 8.448   -2.552  8.400   1.00 27.49 ? 79   PRO A C     1 
ATOM   665  O O     . PRO A 1 80  ? 7.899   -1.525  7.984   1.00 26.19 ? 79   PRO A O     1 
ATOM   666  C CB    . PRO A 1 80  ? 9.807   -2.051  10.519  1.00 29.51 ? 79   PRO A CB    1 
ATOM   667  C CG    . PRO A 1 80  ? 10.136  -0.583  10.482  1.00 33.23 ? 79   PRO A CG    1 
ATOM   668  C CD    . PRO A 1 80  ? 11.143  -0.467  9.371   1.00 31.30 ? 79   PRO A CD    1 
ATOM   669  N N     . LEU A 1 81  ? 7.896   -3.756  8.308   1.00 25.63 ? 80   LEU A N     1 
ATOM   670  C CA    . LEU A 1 81  ? 6.592   -3.969  7.683   1.00 29.00 ? 80   LEU A CA    1 
ATOM   671  C C     . LEU A 1 81  ? 5.697   -4.901  8.482   1.00 28.18 ? 80   LEU A C     1 
ATOM   672  O O     . LEU A 1 81  ? 6.156   -5.654  9.346   1.00 27.09 ? 80   LEU A O     1 
ATOM   673  C CB    . LEU A 1 81  ? 6.756   -4.631  6.310   1.00 33.06 ? 80   LEU A CB    1 
ATOM   674  C CG    . LEU A 1 81  ? 7.925   -4.323  5.386   1.00 34.96 ? 80   LEU A CG    1 
ATOM   675  C CD1   . LEU A 1 81  ? 7.990   -5.387  4.303   1.00 35.03 ? 80   LEU A CD1   1 
ATOM   676  C CD2   . LEU A 1 81  ? 7.752   -2.947  4.783   1.00 37.03 ? 80   LEU A CD2   1 
ATOM   677  N N     . LEU A 1 82  ? 4.413   -4.866  8.149   1.00 27.09 ? 81   LEU A N     1 
ATOM   678  C CA    . LEU A 1 82  ? 3.440   -5.753  8.763   1.00 26.07 ? 81   LEU A CA    1 
ATOM   679  C C     . LEU A 1 82  ? 2.654   -6.388  7.615   1.00 27.08 ? 81   LEU A C     1 
ATOM   680  O O     . LEU A 1 82  ? 1.951   -5.689  6.872   1.00 25.78 ? 81   LEU A O     1 
ATOM   681  C CB    . LEU A 1 82  ? 2.479   -4.991  9.685   1.00 27.54 ? 81   LEU A CB    1 
ATOM   682  C CG    . LEU A 1 82  ? 1.307   -5.833  10.224  1.00 29.13 ? 81   LEU A CG    1 
ATOM   683  C CD1   . LEU A 1 82  ? 1.847   -7.039  10.966  1.00 28.52 ? 81   LEU A CD1   1 
ATOM   684  C CD2   . LEU A 1 82  ? 0.431   -4.990  11.148  1.00 29.66 ? 81   LEU A CD2   1 
ATOM   685  N N     . HIS A 1 83  ? 2.813   -7.697  7.449   1.00 25.14 ? 82   HIS A N     1 
ATOM   686  C CA    . HIS A 1 83  ? 2.094   -8.444  6.420   1.00 24.76 ? 82   HIS A CA    1 
ATOM   687  C C     . HIS A 1 83  ? 0.819   -8.996  7.064   1.00 25.75 ? 82   HIS A C     1 
ATOM   688  O O     . HIS A 1 83  ? 0.865   -9.524  8.174   1.00 25.58 ? 82   HIS A O     1 
ATOM   689  C CB    . HIS A 1 83  ? 2.920   -9.641  5.924   1.00 26.39 ? 82   HIS A CB    1 
ATOM   690  C CG    . HIS A 1 83  ? 4.156   -9.271  5.164   1.00 28.97 ? 82   HIS A CG    1 
ATOM   691  N ND1   . HIS A 1 83  ? 4.118   -8.724  3.899   1.00 30.90 ? 82   HIS A ND1   1 
ATOM   692  C CD2   . HIS A 1 83  ? 5.467   -9.410  5.476   1.00 28.01 ? 82   HIS A CD2   1 
ATOM   693  C CE1   . HIS A 1 83  ? 5.353   -8.547  3.462   1.00 30.59 ? 82   HIS A CE1   1 
ATOM   694  N NE2   . HIS A 1 83  ? 6.190   -8.956  4.399   1.00 31.30 ? 82   HIS A NE2   1 
ATOM   695  N N     . CYS A 1 84  ? -0.308  -8.876  6.368   1.00 24.28 ? 83   CYS A N     1 
ATOM   696  C CA    . CYS A 1 84  ? -1.584  -9.394  6.855   1.00 25.13 ? 83   CYS A CA    1 
ATOM   697  C C     . CYS A 1 84  ? -1.982  -10.542 5.934   1.00 25.71 ? 83   CYS A C     1 
ATOM   698  O O     . CYS A 1 84  ? -2.228  -10.326 4.751   1.00 22.93 ? 83   CYS A O     1 
ATOM   699  C CB    . CYS A 1 84  ? -2.650  -8.301  6.821   1.00 24.92 ? 83   CYS A CB    1 
ATOM   700  S SG    . CYS A 1 84  ? -2.379  -6.935  7.996   1.00 26.41 ? 83   CYS A SG    1 
ATOM   701  N N     . ASP A 1 85  ? -2.038  -11.759 6.477   1.00 27.38 ? 84   ASP A N     1 
ATOM   702  C CA    . ASP A 1 85  ? -2.368  -12.947 5.685   1.00 28.99 ? 84   ASP A CA    1 
ATOM   703  C C     . ASP A 1 85  ? -3.768  -13.492 5.979   1.00 29.41 ? 84   ASP A C     1 
ATOM   704  O O     . ASP A 1 85  ? -4.096  -13.786 7.128   1.00 28.63 ? 84   ASP A O     1 
ATOM   705  C CB    . ASP A 1 85  ? -1.342  -14.066 5.951   1.00 31.30 ? 84   ASP A CB    1 
ATOM   706  C CG    . ASP A 1 85  ? 0.106   -13.620 5.729   1.00 33.85 ? 84   ASP A CG    1 
ATOM   707  O OD1   . ASP A 1 85  ? 0.403   -13.023 4.671   1.00 32.52 ? 84   ASP A OD1   1 
ATOM   708  O OD2   . ASP A 1 85  ? 0.951   -13.880 6.615   1.00 29.53 ? 84   ASP A OD2   1 
ATOM   709  N N     . LEU A 1 86  ? -4.579  -13.647 4.936   1.00 29.89 ? 85   LEU A N     1 
ATOM   710  C CA    . LEU A 1 86  ? -5.938  -14.165 5.098   1.00 31.08 ? 85   LEU A CA    1 
ATOM   711  C C     . LEU A 1 86  ? -5.907  -15.633 5.513   1.00 34.28 ? 85   LEU A C     1 
ATOM   712  O O     . LEU A 1 86  ? -5.200  -16.444 4.906   1.00 32.60 ? 85   LEU A O     1 
ATOM   713  C CB    . LEU A 1 86  ? -6.732  -14.029 3.793   1.00 30.43 ? 85   LEU A CB    1 
ATOM   714  C CG    . LEU A 1 86  ? -8.188  -14.518 3.858   1.00 30.29 ? 85   LEU A CG    1 
ATOM   715  C CD1   . LEU A 1 86  ? -8.953  -13.720 4.909   1.00 27.75 ? 85   LEU A CD1   1 
ATOM   716  C CD2   . LEU A 1 86  ? -8.852  -14.365 2.488   1.00 28.57 ? 85   LEU A CD2   1 
ATOM   717  N N     . ILE A 1 87  ? -6.688  -15.971 6.535   1.00 37.93 ? 86   ILE A N     1 
ATOM   718  C CA    . ILE A 1 87  ? -6.753  -17.342 7.042   1.00 44.73 ? 86   ILE A CA    1 
ATOM   719  C C     . ILE A 1 87  ? -7.865  -18.183 6.413   1.00 49.27 ? 86   ILE A C     1 
ATOM   720  O O     . ILE A 1 87  ? -7.655  -19.350 6.082   1.00 50.57 ? 86   ILE A O     1 
ATOM   721  C CB    . ILE A 1 87  ? -6.949  -17.354 8.574   1.00 43.53 ? 86   ILE A CB    1 
ATOM   722  C CG1   . ILE A 1 87  ? -5.704  -16.789 9.259   1.00 42.84 ? 86   ILE A CG1   1 
ATOM   723  C CG2   . ILE A 1 87  ? -7.229  -18.772 9.055   1.00 45.02 ? 86   ILE A CG2   1 
ATOM   724  C CD1   . ILE A 1 87  ? -5.860  -16.621 10.744  1.00 45.65 ? 86   ILE A CD1   1 
ATOM   725  N N     . ASN A 1 88  ? -9.042  -17.588 6.257   1.00 54.90 ? 87   ASN A N     1 
ATOM   726  C CA    . ASN A 1 88  ? -10.193 -18.286 5.688   1.00 62.26 ? 87   ASN A CA    1 
ATOM   727  C C     . ASN A 1 88  ? -10.464 -17.906 4.227   1.00 66.27 ? 87   ASN A C     1 
ATOM   728  O O     . ASN A 1 88  ? -11.361 -17.106 3.941   1.00 66.76 ? 87   ASN A O     1 
ATOM   729  C CB    . ASN A 1 88  ? -11.433 -17.992 6.542   1.00 63.73 ? 87   ASN A CB    1 
ATOM   730  C CG    . ASN A 1 88  ? -11.654 -16.498 6.761   1.00 65.19 ? 87   ASN A CG    1 
ATOM   731  O OD1   . ASN A 1 88  ? -10.802 -15.802 7.318   1.00 63.78 ? 87   ASN A OD1   1 
ATOM   732  N ND2   . ASN A 1 88  ? -12.805 -16.001 6.320   1.00 66.31 ? 87   ASN A ND2   1 
ATOM   733  N N     . PRO A 1 89  ? -9.702  -18.487 3.282   1.00 69.57 ? 88   PRO A N     1 
ATOM   734  C CA    . PRO A 1 89  ? -9.878  -18.189 1.857   1.00 72.85 ? 88   PRO A CA    1 
ATOM   735  C C     . PRO A 1 89  ? -11.090 -18.887 1.237   1.00 75.76 ? 88   PRO A C     1 
ATOM   736  O O     . PRO A 1 89  ? -11.195 -20.116 1.258   1.00 76.26 ? 88   PRO A O     1 
ATOM   737  C CB    . PRO A 1 89  ? -8.560  -18.657 1.251   1.00 72.27 ? 88   PRO A CB    1 
ATOM   738  C CG    . PRO A 1 89  ? -8.255  -19.870 2.065   1.00 72.19 ? 88   PRO A CG    1 
ATOM   739  C CD    . PRO A 1 89  ? -8.581  -19.424 3.484   1.00 70.28 ? 88   PRO A CD    1 
ATOM   740  N N     . GLY A 1 90  ? -12.001 -18.090 0.684   1.00 78.43 ? 89   GLY A N     1 
ATOM   741  C CA    . GLY A 1 90  ? -13.195 -18.640 0.066   1.00 80.86 ? 89   GLY A CA    1 
ATOM   742  C C     . GLY A 1 90  ? -14.161 -19.197 1.095   1.00 82.55 ? 89   GLY A C     1 
ATOM   743  O O     . GLY A 1 90  ? -15.354 -19.351 0.825   1.00 83.37 ? 89   GLY A O     1 
ATOM   744  N N     . ALA A 1 91  ? -13.640 -19.495 2.281   1.00 83.61 ? 90   ALA A N     1 
ATOM   745  C CA    . ALA A 1 91  ? -14.444 -20.040 3.363   1.00 84.59 ? 90   ALA A CA    1 
ATOM   746  C C     . ALA A 1 91  ? -15.499 -19.050 3.849   1.00 85.32 ? 90   ALA A C     1 
ATOM   747  O O     . ALA A 1 91  ? -16.501 -18.809 3.170   1.00 85.58 ? 90   ALA A O     1 
ATOM   748  C CB    . ALA A 1 91  ? -13.540 -20.454 4.523   1.00 84.68 ? 90   ALA A CB    1 
ATOM   749  N N     . GLN A 1 92  ? -15.260 -18.472 5.024   1.00 85.90 ? 91   GLN A N     1 
ATOM   750  C CA    . GLN A 1 92  ? -16.180 -17.520 5.641   1.00 85.97 ? 91   GLN A CA    1 
ATOM   751  C C     . GLN A 1 92  ? -16.483 -16.271 4.805   1.00 85.21 ? 91   GLN A C     1 
ATOM   752  O O     . GLN A 1 92  ? -15.651 -15.806 4.021   1.00 84.88 ? 91   GLN A O     1 
ATOM   753  C CB    . GLN A 1 92  ? -15.640 -17.120 7.019   1.00 87.01 ? 91   GLN A CB    1 
ATOM   754  C CG    . GLN A 1 92  ? -15.506 -18.304 7.977   1.00 88.15 ? 91   GLN A CG    1 
ATOM   755  C CD    . GLN A 1 92  ? -14.661 -17.992 9.198   1.00 88.74 ? 91   GLN A CD    1 
ATOM   756  O OE1   . GLN A 1 92  ? -14.969 -17.081 9.968   1.00 89.14 ? 91   GLN A OE1   1 
ATOM   757  N NE2   . GLN A 1 92  ? -13.587 -18.754 9.382   1.00 88.95 ? 91   GLN A NE2   1 
ATOM   758  N N     . ASN A 1 93  ? -17.691 -15.742 4.993   1.00 84.22 ? 92   ASN A N     1 
ATOM   759  C CA    . ASN A 1 93  ? -18.175 -14.560 4.282   1.00 82.90 ? 92   ASN A CA    1 
ATOM   760  C C     . ASN A 1 93  ? -17.227 -13.368 4.344   1.00 81.25 ? 92   ASN A C     1 
ATOM   761  O O     . ASN A 1 93  ? -16.333 -13.313 5.187   1.00 81.21 ? 92   ASN A O     1 
ATOM   762  C CB    . ASN A 1 93  ? -19.537 -14.137 4.844   1.00 84.04 ? 92   ASN A CB    1 
ATOM   763  C CG    . ASN A 1 93  ? -20.599 -15.204 4.665   1.00 85.05 ? 92   ASN A CG    1 
ATOM   764  O OD1   . ASN A 1 93  ? -20.437 -16.340 5.115   1.00 84.97 ? 92   ASN A OD1   1 
ATOM   765  N ND2   . ASN A 1 93  ? -21.697 -14.842 4.006   1.00 85.42 ? 92   ASN A ND2   1 
ATOM   766  N N     . ILE A 1 94  ? -17.444 -12.409 3.447   1.00 79.07 ? 93   ILE A N     1 
ATOM   767  C CA    . ILE A 1 94  ? -16.625 -11.205 3.393   1.00 76.97 ? 93   ILE A CA    1 
ATOM   768  C C     . ILE A 1 94  ? -16.917 -10.317 4.605   1.00 75.85 ? 93   ILE A C     1 
ATOM   769  O O     . ILE A 1 94  ? -16.415 -9.197  4.712   1.00 75.85 ? 93   ILE A O     1 
ATOM   770  C CB    . ILE A 1 94  ? -16.890 -10.404 2.089   1.00 76.79 ? 93   ILE A CB    1 
ATOM   771  C CG1   . ILE A 1 94  ? -15.972 -9.179  2.032   1.00 76.15 ? 93   ILE A CG1   1 
ATOM   772  C CG2   . ILE A 1 94  ? -18.355 -9.994  2.014   1.00 76.88 ? 93   ILE A CG2   1 
ATOM   773  C CD1   . ILE A 1 94  ? -16.143 -8.335  0.803   1.00 76.11 ? 93   ILE A CD1   1 
ATOM   774  N N     . SER A 1 95  ? -17.730 -10.828 5.523   1.00 73.98 ? 94   SER A N     1 
ATOM   775  C CA    . SER A 1 95  ? -18.077 -10.080 6.721   1.00 72.35 ? 94   SER A CA    1 
ATOM   776  C C     . SER A 1 95  ? -17.303 -10.566 7.946   1.00 70.05 ? 94   SER A C     1 
ATOM   777  O O     . SER A 1 95  ? -17.124 -9.820  8.911   1.00 70.58 ? 94   SER A O     1 
ATOM   778  C CB    . SER A 1 95  ? -19.587 -10.173 6.980   1.00 73.33 ? 94   SER A CB    1 
ATOM   779  O OG    . SER A 1 95  ? -20.031 -11.520 6.958   1.00 75.08 ? 94   SER A OG    1 
ATOM   780  N N     . ASN A 1 96  ? -16.833 -11.811 7.904   1.00 66.64 ? 95   ASN A N     1 
ATOM   781  C CA    . ASN A 1 96  ? -16.089 -12.366 9.031   1.00 63.59 ? 95   ASN A CA    1 
ATOM   782  C C     . ASN A 1 96  ? -14.722 -12.912 8.615   1.00 59.45 ? 95   ASN A C     1 
ATOM   783  O O     . ASN A 1 96  ? -14.443 -14.099 8.783   1.00 59.51 ? 95   ASN A O     1 
ATOM   784  C CB    . ASN A 1 96  ? -16.897 -13.483 9.700   1.00 65.93 ? 95   ASN A CB    1 
ATOM   785  C CG    . ASN A 1 96  ? -18.352 -13.101 9.928   1.00 68.56 ? 95   ASN A CG    1 
ATOM   786  O OD1   . ASN A 1 96  ? -19.162 -13.103 8.997   1.00 69.53 ? 95   ASN A OD1   1 
ATOM   787  N ND2   . ASN A 1 96  ? -18.688 -12.763 11.170  1.00 69.47 ? 95   ASN A ND2   1 
ATOM   788  N N     . CYS A 1 97  ? -13.867 -12.049 8.076   1.00 53.42 ? 96   CYS A N     1 
ATOM   789  C CA    . CYS A 1 97  ? -12.544 -12.495 7.662   1.00 48.24 ? 96   CYS A CA    1 
ATOM   790  C C     . CYS A 1 97  ? -11.497 -12.249 8.723   1.00 44.08 ? 96   CYS A C     1 
ATOM   791  O O     . CYS A 1 97  ? -11.426 -11.167 9.311   1.00 40.52 ? 96   CYS A O     1 
ATOM   792  C CB    . CYS A 1 97  ? -12.132 -11.814 6.373   1.00 47.56 ? 96   CYS A CB    1 
ATOM   793  S SG    . CYS A 1 97  ? -13.310 -12.143 5.036   1.00 51.06 ? 96   CYS A SG    1 
ATOM   794  N N     . ARG A 1 98  ? -10.685 -13.269 8.961   1.00 41.68 ? 97   ARG A N     1 
ATOM   795  C CA    . ARG A 1 98  ? -9.638  -13.183 9.961   1.00 39.69 ? 97   ARG A CA    1 
ATOM   796  C C     . ARG A 1 98  ? -8.267  -13.233 9.311   1.00 34.84 ? 97   ARG A C     1 
ATOM   797  O O     . ARG A 1 98  ? -8.066  -13.942 8.328   1.00 35.29 ? 97   ARG A O     1 
ATOM   798  C CB    . ARG A 1 98  ? -9.791  -14.328 10.964  1.00 43.57 ? 97   ARG A CB    1 
ATOM   799  C CG    . ARG A 1 98  ? -11.142 -14.353 11.662  1.00 50.03 ? 97   ARG A CG    1 
ATOM   800  C CD    . ARG A 1 98  ? -11.007 -14.673 13.150  1.00 56.51 ? 97   ARG A CD    1 
ATOM   801  N NE    . ARG A 1 98  ? -10.354 -13.597 13.903  1.00 62.84 ? 97   ARG A NE    1 
ATOM   802  C CZ    . ARG A 1 98  ? -9.041  -13.368 13.931  1.00 64.37 ? 97   ARG A CZ    1 
ATOM   803  N NH1   . ARG A 1 98  ? -8.207  -14.142 13.246  1.00 66.23 ? 97   ARG A NH1   1 
ATOM   804  N NH2   . ARG A 1 98  ? -8.559  -12.358 14.646  1.00 63.43 ? 97   ARG A NH2   1 
ATOM   805  N N     . TYR A 1 99  ? -7.330  -12.478 9.872   1.00 31.75 ? 98   TYR A N     1 
ATOM   806  C CA    . TYR A 1 99  ? -5.973  -12.420 9.343   1.00 29.81 ? 98   TYR A CA    1 
ATOM   807  C C     . TYR A 1 99  ? -4.898  -12.785 10.364  1.00 29.67 ? 98   TYR A C     1 
ATOM   808  O O     . TYR A 1 99  ? -5.090  -12.624 11.572  1.00 29.27 ? 98   TYR A O     1 
ATOM   809  C CB    . TYR A 1 99  ? -5.668  -11.007 8.813   1.00 28.40 ? 98   TYR A CB    1 
ATOM   810  C CG    . TYR A 1 99  ? -6.423  -10.635 7.556   1.00 27.51 ? 98   TYR A CG    1 
ATOM   811  C CD1   . TYR A 1 99  ? -7.767  -10.258 7.604   1.00 26.88 ? 98   TYR A CD1   1 
ATOM   812  C CD2   . TYR A 1 99  ? -5.805  -10.704 6.311   1.00 26.19 ? 98   TYR A CD2   1 
ATOM   813  C CE1   . TYR A 1 99  ? -8.477  -9.960  6.429   1.00 27.23 ? 98   TYR A CE1   1 
ATOM   814  C CE2   . TYR A 1 99  ? -6.497  -10.412 5.140   1.00 26.62 ? 98   TYR A CE2   1 
ATOM   815  C CZ    . TYR A 1 99  ? -7.836  -10.042 5.204   1.00 27.10 ? 98   TYR A CZ    1 
ATOM   816  O OH    . TYR A 1 99  ? -8.521  -9.776  4.035   1.00 27.29 ? 98   TYR A OH    1 
ATOM   817  N N     . ALA A 1 100 ? -3.766  -13.277 9.863   1.00 28.46 ? 99   ALA A N     1 
ATOM   818  C CA    . ALA A 1 100 ? -2.624  -13.603 10.716  1.00 27.39 ? 99   ALA A CA    1 
ATOM   819  C C     . ALA A 1 100 ? -1.663  -12.419 10.559  1.00 28.93 ? 99   ALA A C     1 
ATOM   820  O O     . ALA A 1 100 ? -1.534  -11.874 9.463   1.00 27.01 ? 99   ALA A O     1 
ATOM   821  C CB    . ALA A 1 100 ? -1.957  -14.887 10.244  1.00 27.07 ? 99   ALA A CB    1 
ATOM   822  N N     . ASP A 1 101 ? -1.004  -12.014 11.646  1.00 26.92 ? 100  ASP A N     1 
ATOM   823  C CA    . ASP A 1 101 ? -0.069  -10.894 11.603  1.00 28.98 ? 100  ASP A CA    1 
ATOM   824  C C     . ASP A 1 101 ? 1.351   -11.422 11.412  1.00 30.31 ? 100  ASP A C     1 
ATOM   825  O O     . ASP A 1 101 ? 1.770   -12.347 12.108  1.00 29.85 ? 100  ASP A O     1 
ATOM   826  C CB    . ASP A 1 101 ? -0.170  -10.085 12.898  1.00 32.48 ? 100  ASP A CB    1 
ATOM   827  C CG    . ASP A 1 101 ? -1.566  -9.524  13.119  1.00 35.98 ? 100  ASP A CG    1 
ATOM   828  O OD1   . ASP A 1 101 ? -1.785  -8.323  12.863  1.00 36.74 ? 100  ASP A OD1   1 
ATOM   829  O OD2   . ASP A 1 101 ? -2.450  -10.300 13.534  1.00 40.99 ? 100  ASP A OD2   1 
ATOM   830  N N     . ARG A 1 102 ? 2.092   -10.829 10.480  1.00 26.65 ? 101  ARG A N     1 
ATOM   831  C CA    . ARG A 1 102 ? 3.444   -11.293 10.188  1.00 27.34 ? 101  ARG A CA    1 
ATOM   832  C C     . ARG A 1 102 ? 4.433   -10.140 9.955   1.00 27.54 ? 101  ARG A C     1 
ATOM   833  O O     . ARG A 1 102 ? 4.364   -9.446  8.943   1.00 27.46 ? 101  ARG A O     1 
ATOM   834  C CB    . ARG A 1 102 ? 3.378   -12.196 8.955   1.00 29.20 ? 101  ARG A CB    1 
ATOM   835  C CG    . ARG A 1 102 ? 4.612   -12.987 8.654   1.00 33.31 ? 101  ARG A CG    1 
ATOM   836  C CD    . ARG A 1 102 ? 4.335   -13.936 7.498   1.00 36.40 ? 101  ARG A CD    1 
ATOM   837  N NE    . ARG A 1 102 ? 5.161   -13.591 6.356   1.00 43.89 ? 101  ARG A NE    1 
ATOM   838  C CZ    . ARG A 1 102 ? 4.710   -13.095 5.214   1.00 40.63 ? 101  ARG A CZ    1 
ATOM   839  N NH1   . ARG A 1 102 ? 3.416   -12.882 5.031   1.00 40.47 ? 101  ARG A NH1   1 
ATOM   840  N NH2   . ARG A 1 102 ? 5.573   -12.796 4.259   1.00 43.08 ? 101  ARG A NH2   1 
ATOM   841  N N     . PRO A 1 103 ? 5.373   -9.934  10.894  1.00 27.84 ? 102  PRO A N     1 
ATOM   842  C CA    . PRO A 1 103 ? 6.373   -8.863  10.787  1.00 27.46 ? 102  PRO A CA    1 
ATOM   843  C C     . PRO A 1 103 ? 7.395   -9.183  9.707   1.00 28.00 ? 102  PRO A C     1 
ATOM   844  O O     . PRO A 1 103 ? 7.613   -10.345 9.381   1.00 27.68 ? 102  PRO A O     1 
ATOM   845  C CB    . PRO A 1 103 ? 7.039   -8.845  12.177  1.00 29.47 ? 102  PRO A CB    1 
ATOM   846  C CG    . PRO A 1 103 ? 6.104   -9.645  13.064  1.00 31.97 ? 102  PRO A CG    1 
ATOM   847  C CD    . PRO A 1 103 ? 5.563   -10.701 12.136  1.00 29.26 ? 102  PRO A CD    1 
ATOM   848  N N     . GLY A 1 104 ? 8.023   -8.146  9.166   1.00 26.77 ? 103  GLY A N     1 
ATOM   849  C CA    . GLY A 1 104 ? 9.039   -8.334  8.145   1.00 27.91 ? 103  GLY A CA    1 
ATOM   850  C C     . GLY A 1 104 ? 9.862   -7.063  8.025   1.00 28.87 ? 103  GLY A C     1 
ATOM   851  O O     . GLY A 1 104 ? 9.577   -6.076  8.698   1.00 27.87 ? 103  GLY A O     1 
ATOM   852  N N     . ARG A 1 105 ? 10.890  -7.080  7.185   1.00 29.64 ? 104  ARG A N     1 
ATOM   853  C CA    . ARG A 1 105 ? 11.709  -5.889  6.987   1.00 31.72 ? 104  ARG A CA    1 
ATOM   854  C C     . ARG A 1 105 ? 12.448  -5.934  5.667   1.00 32.80 ? 104  ARG A C     1 
ATOM   855  O O     . ARG A 1 105 ? 13.262  -6.826  5.430   1.00 32.92 ? 104  ARG A O     1 
ATOM   856  C CB    . ARG A 1 105 ? 12.733  -5.706  8.110   1.00 34.83 ? 104  ARG A CB    1 
ATOM   857  C CG    . ARG A 1 105 ? 13.628  -4.494  7.860   1.00 39.21 ? 104  ARG A CG    1 
ATOM   858  C CD    . ARG A 1 105 ? 14.512  -4.147  9.037   1.00 42.26 ? 104  ARG A CD    1 
ATOM   859  N NE    . ARG A 1 105 ? 15.920  -4.149  8.660   1.00 46.98 ? 104  ARG A NE    1 
ATOM   860  C CZ    . ARG A 1 105 ? 16.781  -3.185  8.971   1.00 47.97 ? 104  ARG A CZ    1 
ATOM   861  N NH1   . ARG A 1 105 ? 16.376  -2.131  9.667   1.00 49.67 ? 104  ARG A NH1   1 
ATOM   862  N NH2   . ARG A 1 105 ? 18.046  -3.284  8.595   1.00 47.47 ? 104  ARG A NH2   1 
ATOM   863  N N     . ARG A 1 106 ? 12.165  -4.964  4.805   1.00 32.19 ? 105  ARG A N     1 
ATOM   864  C CA    . ARG A 1 106 ? 12.830  -4.904  3.518   1.00 34.08 ? 105  ARG A CA    1 
ATOM   865  C C     . ARG A 1 106 ? 12.655  -3.594  2.780   1.00 32.48 ? 105  ARG A C     1 
ATOM   866  O O     . ARG A 1 106 ? 12.009  -2.664  3.272   1.00 28.18 ? 105  ARG A O     1 
ATOM   867  C CB    . ARG A 1 106 ? 12.364  -6.057  2.633   1.00 39.37 ? 105  ARG A CB    1 
ATOM   868  C CG    . ARG A 1 106 ? 10.904  -6.385  2.727   1.00 43.44 ? 105  ARG A CG    1 
ATOM   869  C CD    . ARG A 1 106 ? 10.676  -7.756  2.135   1.00 48.99 ? 105  ARG A CD    1 
ATOM   870  N NE    . ARG A 1 106 ? 11.647  -8.702  2.677   1.00 55.67 ? 105  ARG A NE    1 
ATOM   871  C CZ    . ARG A 1 106 ? 11.675  -10.003 2.397   1.00 59.31 ? 105  ARG A CZ    1 
ATOM   872  N NH1   . ARG A 1 106 ? 10.778  -10.528 1.569   1.00 60.88 ? 105  ARG A NH1   1 
ATOM   873  N NH2   . ARG A 1 106 ? 12.602  -10.781 2.950   1.00 59.09 ? 105  ARG A NH2   1 
ATOM   874  N N     . PHE A 1 107 ? 13.275  -3.527  1.604   1.00 31.44 ? 106  PHE A N     1 
ATOM   875  C CA    . PHE A 1 107 ? 13.190  -2.352  0.748   1.00 30.76 ? 106  PHE A CA    1 
ATOM   876  C C     . PHE A 1 107 ? 11.817  -2.421  0.089   1.00 29.72 ? 106  PHE A C     1 
ATOM   877  O O     . PHE A 1 107 ? 11.232  -3.493  -0.024  1.00 29.97 ? 106  PHE A O     1 
ATOM   878  C CB    . PHE A 1 107 ? 14.244  -2.417  -0.366  1.00 35.32 ? 106  PHE A CB    1 
ATOM   879  C CG    . PHE A 1 107 ? 15.671  -2.336  0.114   1.00 36.88 ? 106  PHE A CG    1 
ATOM   880  C CD1   . PHE A 1 107 ? 16.197  -1.137  0.585   1.00 38.39 ? 106  PHE A CD1   1 
ATOM   881  C CD2   . PHE A 1 107 ? 16.497  -3.456  0.064   1.00 39.96 ? 106  PHE A CD2   1 
ATOM   882  C CE1   . PHE A 1 107 ? 17.532  -1.051  0.998   1.00 39.35 ? 106  PHE A CE1   1 
ATOM   883  C CE2   . PHE A 1 107 ? 17.837  -3.384  0.478   1.00 38.95 ? 106  PHE A CE2   1 
ATOM   884  C CZ    . PHE A 1 107 ? 18.350  -2.179  0.943   1.00 39.84 ? 106  PHE A CZ    1 
ATOM   885  N N     . TYR A 1 108 ? 11.288  -1.289  -0.340  1.00 30.32 ? 107  TYR A N     1 
ATOM   886  C CA    . TYR A 1 108 ? 10.015  -1.329  -1.038  1.00 29.70 ? 107  TYR A CA    1 
ATOM   887  C C     . TYR A 1 108 ? 10.167  -0.551  -2.330  1.00 29.43 ? 107  TYR A C     1 
ATOM   888  O O     . TYR A 1 108 ? 11.048  0.302   -2.443  1.00 28.83 ? 107  TYR A O     1 
ATOM   889  C CB    . TYR A 1 108 ? 8.874   -0.744  -0.192  1.00 28.57 ? 107  TYR A CB    1 
ATOM   890  C CG    . TYR A 1 108 ? 9.027   0.698   0.209   1.00 30.64 ? 107  TYR A CG    1 
ATOM   891  C CD1   . TYR A 1 108 ? 9.575   1.044   1.446   1.00 33.05 ? 107  TYR A CD1   1 
ATOM   892  C CD2   . TYR A 1 108 ? 8.604   1.724   -0.634  1.00 32.22 ? 107  TYR A CD2   1 
ATOM   893  C CE1   . TYR A 1 108 ? 9.694   2.374   1.834   1.00 34.21 ? 107  TYR A CE1   1 
ATOM   894  C CE2   . TYR A 1 108 ? 8.718   3.061   -0.256  1.00 33.06 ? 107  TYR A CE2   1 
ATOM   895  C CZ    . TYR A 1 108 ? 9.264   3.376   0.979   1.00 35.30 ? 107  TYR A CZ    1 
ATOM   896  O OH    . TYR A 1 108 ? 9.375   4.691   1.361   1.00 36.23 ? 107  TYR A OH    1 
ATOM   897  N N     . VAL A 1 109 ? 9.330   -0.871  -3.309  1.00 30.74 ? 108  VAL A N     1 
ATOM   898  C CA    . VAL A 1 109 ? 9.356   -0.185  -4.594  1.00 30.70 ? 108  VAL A CA    1 
ATOM   899  C C     . VAL A 1 109 ? 7.956   0.341   -4.883  1.00 29.75 ? 108  VAL A C     1 
ATOM   900  O O     . VAL A 1 109 ? 7.008   -0.442  -4.980  1.00 27.86 ? 108  VAL A O     1 
ATOM   901  C CB    . VAL A 1 109 ? 9.763   -1.137  -5.735  1.00 32.69 ? 108  VAL A CB    1 
ATOM   902  C CG1   . VAL A 1 109 ? 9.828   -0.365  -7.058  1.00 33.38 ? 108  VAL A CG1   1 
ATOM   903  C CG2   . VAL A 1 109 ? 11.106  -1.786  -5.418  1.00 34.45 ? 108  VAL A CG2   1 
ATOM   904  N N     . VAL A 1 110 ? 7.828   1.659   -5.012  1.00 28.74 ? 109  VAL A N     1 
ATOM   905  C CA    . VAL A 1 110 ? 6.530   2.280   -5.286  1.00 30.35 ? 109  VAL A CA    1 
ATOM   906  C C     . VAL A 1 110 ? 6.512   2.986   -6.633  1.00 29.77 ? 109  VAL A C     1 
ATOM   907  O O     . VAL A 1 110 ? 7.552   3.434   -7.111  1.00 30.89 ? 109  VAL A O     1 
ATOM   908  C CB    . VAL A 1 110 ? 6.144   3.340   -4.201  1.00 30.70 ? 109  VAL A CB    1 
ATOM   909  C CG1   . VAL A 1 110 ? 5.926   2.666   -2.851  1.00 28.84 ? 109  VAL A CG1   1 
ATOM   910  C CG2   . VAL A 1 110 ? 7.232   4.417   -4.097  1.00 31.46 ? 109  VAL A CG2   1 
ATOM   911  N N     . ALA A 1 111 ? 5.335   3.058   -7.250  1.00 29.34 ? 110  ALA A N     1 
ATOM   912  C CA    . ALA A 1 111 ? 5.177   3.766   -8.514  1.00 27.79 ? 110  ALA A CA    1 
ATOM   913  C C     . ALA A 1 111 ? 4.597   5.100   -8.089  1.00 29.98 ? 110  ALA A C     1 
ATOM   914  O O     . ALA A 1 111 ? 3.702   5.140   -7.242  1.00 29.96 ? 110  ALA A O     1 
ATOM   915  C CB    . ALA A 1 111 ? 4.194   3.031   -9.438  1.00 28.90 ? 110  ALA A CB    1 
ATOM   916  N N     . CYS A 1 112 ? 5.105   6.191   -8.653  1.00 30.83 ? 111  CYS A N     1 
ATOM   917  C CA    . CYS A 1 112 ? 4.617   7.521   -8.299  1.00 33.71 ? 111  CYS A CA    1 
ATOM   918  C C     . CYS A 1 112 ? 4.119   8.252   -9.540  1.00 35.47 ? 111  CYS A C     1 
ATOM   919  O O     . CYS A 1 112 ? 4.628   8.031   -10.635 1.00 36.95 ? 111  CYS A O     1 
ATOM   920  C CB    . CYS A 1 112 ? 5.735   8.328   -7.648  1.00 33.91 ? 111  CYS A CB    1 
ATOM   921  S SG    . CYS A 1 112 ? 6.608   7.479   -6.282  1.00 35.53 ? 111  CYS A SG    1 
ATOM   922  N N     . ASP A 1 113 ? 3.135   9.129   -9.365  1.00 35.87 ? 112  ASP A N     1 
ATOM   923  C CA    . ASP A 1 113 ? 2.570   9.872   -10.487 1.00 37.58 ? 112  ASP A CA    1 
ATOM   924  C C     . ASP A 1 113 ? 2.213   11.288  -10.037 1.00 38.97 ? 112  ASP A C     1 
ATOM   925  O O     . ASP A 1 113 ? 2.346   11.624  -8.860  1.00 38.44 ? 112  ASP A O     1 
ATOM   926  C CB    . ASP A 1 113 ? 1.318   9.141   -10.990 1.00 37.48 ? 112  ASP A CB    1 
ATOM   927  C CG    . ASP A 1 113 ? 0.943   9.510   -12.419 1.00 38.65 ? 112  ASP A CG    1 
ATOM   928  O OD1   . ASP A 1 113 ? 1.701   10.248  -13.086 1.00 36.79 ? 112  ASP A OD1   1 
ATOM   929  O OD2   . ASP A 1 113 ? -0.120  9.043   -12.876 1.00 37.60 ? 112  ASP A OD2   1 
ATOM   930  N N     . ASN A 1 114 ? 1.775   12.119  -10.978 1.00 41.50 ? 113  ASN A N     1 
ATOM   931  C CA    . ASN A 1 114 ? 1.390   13.489  -10.660 1.00 42.40 ? 113  ASN A CA    1 
ATOM   932  C C     . ASN A 1 114 ? 0.159   13.431  -9.771  1.00 44.21 ? 113  ASN A C     1 
ATOM   933  O O     . ASN A 1 114 ? -0.696  12.561  -9.943  1.00 44.11 ? 113  ASN A O     1 
ATOM   934  C CB    . ASN A 1 114 ? 1.067   14.267  -11.940 1.00 45.74 ? 113  ASN A CB    1 
ATOM   935  C CG    . ASN A 1 114 ? 2.283   14.477  -12.815 1.00 47.55 ? 113  ASN A CG    1 
ATOM   936  O OD1   . ASN A 1 114 ? 3.251   15.120  -12.409 1.00 48.47 ? 113  ASN A OD1   1 
ATOM   937  N ND2   . ASN A 1 114 ? 2.243   13.931  -14.024 1.00 50.33 ? 113  ASN A ND2   1 
ATOM   938  N N     . ARG A 1 115 ? 0.061   14.359  -8.826  1.00 45.58 ? 114  ARG A N     1 
ATOM   939  C CA    . ARG A 1 115 ? -1.069  14.379  -7.907  1.00 48.33 ? 114  ARG A CA    1 
ATOM   940  C C     . ARG A 1 115 ? -2.404  14.627  -8.605  1.00 50.44 ? 114  ARG A C     1 
ATOM   941  O O     . ARG A 1 115 ? -2.457  15.148  -9.722  1.00 49.22 ? 114  ARG A O     1 
ATOM   942  C CB    . ARG A 1 115 ? -0.857  15.445  -6.827  1.00 50.65 ? 114  ARG A CB    1 
ATOM   943  C CG    . ARG A 1 115 ? -1.098  16.872  -7.305  1.00 53.86 ? 114  ARG A CG    1 
ATOM   944  C CD    . ARG A 1 115 ? -0.939  17.883  -6.177  1.00 56.76 ? 114  ARG A CD    1 
ATOM   945  N NE    . ARG A 1 115 ? -1.385  19.214  -6.584  1.00 60.43 ? 114  ARG A NE    1 
ATOM   946  C CZ    . ARG A 1 115 ? -2.659  19.576  -6.705  1.00 61.50 ? 114  ARG A CZ    1 
ATOM   947  N NH1   . ARG A 1 115 ? -3.629  18.709  -6.448  1.00 62.68 ? 114  ARG A NH1   1 
ATOM   948  N NH2   . ARG A 1 115 ? -2.968  20.807  -7.092  1.00 63.12 ? 114  ARG A NH2   1 
ATOM   949  N N     . ASP A 1 116 ? -3.479  14.235  -7.930  1.00 51.07 ? 115  ASP A N     1 
ATOM   950  C CA    . ASP A 1 116 ? -4.838  14.418  -8.424  1.00 53.35 ? 115  ASP A CA    1 
ATOM   951  C C     . ASP A 1 116 ? -5.262  15.808  -7.947  1.00 54.44 ? 115  ASP A C     1 
ATOM   952  O O     . ASP A 1 116 ? -4.770  16.292  -6.928  1.00 53.29 ? 115  ASP A O     1 
ATOM   953  C CB    . ASP A 1 116 ? -5.757  13.357  -7.808  1.00 54.45 ? 115  ASP A CB    1 
ATOM   954  C CG    . ASP A 1 116 ? -7.173  13.413  -8.352  1.00 56.68 ? 115  ASP A CG    1 
ATOM   955  O OD1   . ASP A 1 116 ? -7.416  12.869  -9.449  1.00 59.32 ? 115  ASP A OD1   1 
ATOM   956  O OD2   . ASP A 1 116 ? -8.047  14.008  -7.687  1.00 57.47 ? 115  ASP A OD2   1 
ATOM   957  N N     . PRO A 1 117 ? -6.170  16.472  -8.677  1.00 56.04 ? 116  PRO A N     1 
ATOM   958  C CA    . PRO A 1 117 ? -6.603  17.807  -8.248  1.00 56.46 ? 116  PRO A CA    1 
ATOM   959  C C     . PRO A 1 117 ? -7.128  17.831  -6.809  1.00 56.63 ? 116  PRO A C     1 
ATOM   960  O O     . PRO A 1 117 ? -7.016  18.842  -6.113  1.00 56.90 ? 116  PRO A O     1 
ATOM   961  C CB    . PRO A 1 117 ? -7.675  18.171  -9.280  1.00 56.75 ? 116  PRO A CB    1 
ATOM   962  C CG    . PRO A 1 117 ? -8.187  16.823  -9.741  1.00 57.92 ? 116  PRO A CG    1 
ATOM   963  C CD    . PRO A 1 117 ? -6.910  16.039  -9.874  1.00 56.43 ? 116  PRO A CD    1 
ATOM   964  N N     . ARG A 1 118 ? -7.683  16.704  -6.364  1.00 56.56 ? 117  ARG A N     1 
ATOM   965  C CA    . ARG A 1 118 ? -8.224  16.583  -5.012  1.00 56.64 ? 117  ARG A CA    1 
ATOM   966  C C     . ARG A 1 118 ? -7.145  16.369  -3.946  1.00 56.61 ? 117  ARG A C     1 
ATOM   967  O O     . ARG A 1 118 ? -7.416  16.484  -2.751  1.00 56.68 ? 117  ARG A O     1 
ATOM   968  C CB    . ARG A 1 118 ? -9.230  15.431  -4.953  1.00 57.40 ? 117  ARG A CB    1 
ATOM   969  C CG    . ARG A 1 118 ? -10.538 15.702  -5.671  1.00 56.89 ? 117  ARG A CG    1 
ATOM   970  C CD    . ARG A 1 118 ? -11.375 14.438  -5.751  1.00 59.11 ? 117  ARG A CD    1 
ATOM   971  N NE    . ARG A 1 118 ? -10.731 13.433  -6.593  1.00 59.76 ? 117  ARG A NE    1 
ATOM   972  C CZ    . ARG A 1 118 ? -11.169 12.188  -6.745  1.00 60.16 ? 117  ARG A CZ    1 
ATOM   973  N NH1   . ARG A 1 118 ? -10.515 11.347  -7.536  1.00 60.10 ? 117  ARG A NH1   1 
ATOM   974  N NH2   . ARG A 1 118 ? -12.256 11.782  -6.104  1.00 61.24 ? 117  ARG A NH2   1 
ATOM   975  N N     . ASP A 1 119 ? -5.929  16.049  -4.377  1.00 55.78 ? 118  ASP A N     1 
ATOM   976  C CA    . ASP A 1 119 ? -4.829  15.836  -3.440  1.00 56.06 ? 118  ASP A CA    1 
ATOM   977  C C     . ASP A 1 119 ? -4.249  17.168  -2.961  1.00 57.95 ? 118  ASP A C     1 
ATOM   978  O O     . ASP A 1 119 ? -4.536  18.222  -3.524  1.00 58.32 ? 118  ASP A O     1 
ATOM   979  C CB    . ASP A 1 119 ? -3.714  15.005  -4.092  1.00 52.36 ? 118  ASP A CB    1 
ATOM   980  C CG    . ASP A 1 119 ? -4.099  13.545  -4.283  1.00 50.29 ? 118  ASP A CG    1 
ATOM   981  O OD1   . ASP A 1 119 ? -4.561  12.915  -3.309  1.00 47.45 ? 118  ASP A OD1   1 
ATOM   982  O OD2   . ASP A 1 119 ? -3.932  13.024  -5.405  1.00 47.94 ? 118  ASP A OD2   1 
ATOM   983  N N     . SER A 1 120 ? -3.432  17.109  -1.915  1.00 60.36 ? 119  SER A N     1 
ATOM   984  C CA    . SER A 1 120 ? -2.792  18.302  -1.372  1.00 61.20 ? 119  SER A CA    1 
ATOM   985  C C     . SER A 1 120 ? -1.810  18.880  -2.386  1.00 62.09 ? 119  SER A C     1 
ATOM   986  O O     . SER A 1 120 ? -1.009  18.151  -2.972  1.00 62.09 ? 119  SER A O     1 
ATOM   987  C CB    . SER A 1 120 ? -2.045  17.956  -0.080  1.00 61.91 ? 119  SER A CB    1 
ATOM   988  O OG    . SER A 1 120 ? -1.185  19.013  0.316   1.00 62.00 ? 119  SER A OG    1 
ATOM   989  N N     . PRO A 1 121 ? -1.863  20.202  -2.613  1.00 62.55 ? 120  PRO A N     1 
ATOM   990  C CA    . PRO A 1 121 ? -0.953  20.842  -3.570  1.00 62.41 ? 120  PRO A CA    1 
ATOM   991  C C     . PRO A 1 121 ? 0.488   20.853  -3.071  1.00 62.19 ? 120  PRO A C     1 
ATOM   992  O O     . PRO A 1 121 ? 1.417   21.148  -3.823  1.00 61.83 ? 120  PRO A O     1 
ATOM   993  C CB    . PRO A 1 121 ? -1.537  22.246  -3.712  1.00 63.37 ? 120  PRO A CB    1 
ATOM   994  C CG    . PRO A 1 121 ? -2.132  22.494  -2.357  1.00 63.75 ? 120  PRO A CG    1 
ATOM   995  C CD    . PRO A 1 121 ? -2.814  21.181  -2.056  1.00 62.91 ? 120  PRO A CD    1 
ATOM   996  N N     . ARG A 1 122 ? 0.667   20.520  -1.796  1.00 61.96 ? 121  ARG A N     1 
ATOM   997  C CA    . ARG A 1 122 ? 1.992   20.495  -1.194  1.00 62.00 ? 121  ARG A CA    1 
ATOM   998  C C     . ARG A 1 122 ? 2.890   19.484  -1.891  1.00 61.58 ? 121  ARG A C     1 
ATOM   999  O O     . ARG A 1 122 ? 4.084   19.725  -2.079  1.00 61.69 ? 121  ARG A O     1 
ATOM   1000 C CB    . ARG A 1 122 ? 1.893   20.138  0.285   1.00 64.15 ? 121  ARG A CB    1 
ATOM   1001 C CG    . ARG A 1 122 ? 3.163   20.422  1.070   1.00 67.57 ? 121  ARG A CG    1 
ATOM   1002 C CD    . ARG A 1 122 ? 3.059   19.886  2.485   1.00 70.30 ? 121  ARG A CD    1 
ATOM   1003 N NE    . ARG A 1 122 ? 1.688   19.957  2.984   1.00 73.35 ? 121  ARG A NE    1 
ATOM   1004 C CZ    . ARG A 1 122 ? 1.330   19.695  4.236   1.00 74.55 ? 121  ARG A CZ    1 
ATOM   1005 N NH1   . ARG A 1 122 ? 2.245   19.346  5.132   1.00 75.18 ? 121  ARG A NH1   1 
ATOM   1006 N NH2   . ARG A 1 122 ? 0.052   19.769  4.589   1.00 74.52 ? 121  ARG A NH2   1 
ATOM   1007 N N     . TYR A 1 123 ? 2.310   18.348  -2.272  1.00 59.48 ? 122  TYR A N     1 
ATOM   1008 C CA    . TYR A 1 123 ? 3.065   17.298  -2.941  1.00 57.39 ? 122  TYR A CA    1 
ATOM   1009 C C     . TYR A 1 123 ? 2.671   17.140  -4.405  1.00 55.52 ? 122  TYR A C     1 
ATOM   1010 O O     . TYR A 1 123 ? 1.634   16.558  -4.719  1.00 55.67 ? 122  TYR A O     1 
ATOM   1011 C CB    . TYR A 1 123 ? 2.863   15.969  -2.215  1.00 57.90 ? 122  TYR A CB    1 
ATOM   1012 C CG    . TYR A 1 123 ? 3.249   16.009  -0.756  1.00 57.76 ? 122  TYR A CG    1 
ATOM   1013 C CD1   . TYR A 1 123 ? 4.549   16.339  -0.369  1.00 57.97 ? 122  TYR A CD1   1 
ATOM   1014 C CD2   . TYR A 1 123 ? 2.321   15.709  0.239   1.00 57.28 ? 122  TYR A CD2   1 
ATOM   1015 C CE1   . TYR A 1 123 ? 4.913   16.368  0.973   1.00 58.29 ? 122  TYR A CE1   1 
ATOM   1016 C CE2   . TYR A 1 123 ? 2.674   15.733  1.583   1.00 58.35 ? 122  TYR A CE2   1 
ATOM   1017 C CZ    . TYR A 1 123 ? 3.972   16.063  1.943   1.00 58.72 ? 122  TYR A CZ    1 
ATOM   1018 O OH    . TYR A 1 123 ? 4.331   16.076  3.270   1.00 60.32 ? 122  TYR A OH    1 
ATOM   1019 N N     . PRO A 1 124 ? 3.503   17.659  -5.320  1.00 54.04 ? 123  PRO A N     1 
ATOM   1020 C CA    . PRO A 1 124 ? 3.247   17.576  -6.762  1.00 52.25 ? 123  PRO A CA    1 
ATOM   1021 C C     . PRO A 1 124 ? 3.281   16.136  -7.276  1.00 50.49 ? 123  PRO A C     1 
ATOM   1022 O O     . PRO A 1 124 ? 2.511   15.771  -8.164  1.00 49.79 ? 123  PRO A O     1 
ATOM   1023 C CB    . PRO A 1 124 ? 4.361   18.433  -7.358  1.00 52.85 ? 123  PRO A CB    1 
ATOM   1024 C CG    . PRO A 1 124 ? 5.479   18.258  -6.374  1.00 53.66 ? 123  PRO A CG    1 
ATOM   1025 C CD    . PRO A 1 124 ? 4.757   18.386  -5.055  1.00 53.25 ? 123  PRO A CD    1 
ATOM   1026 N N     . VAL A 1 125 ? 4.183   15.330  -6.716  1.00 48.13 ? 124  VAL A N     1 
ATOM   1027 C CA    . VAL A 1 125 ? 4.320   13.928  -7.102  1.00 45.68 ? 124  VAL A CA    1 
ATOM   1028 C C     . VAL A 1 125 ? 4.040   13.046  -5.885  1.00 44.41 ? 124  VAL A C     1 
ATOM   1029 O O     . VAL A 1 125 ? 4.637   13.231  -4.824  1.00 44.62 ? 124  VAL A O     1 
ATOM   1030 C CB    . VAL A 1 125 ? 5.732   13.628  -7.635  1.00 44.90 ? 124  VAL A CB    1 
ATOM   1031 C CG1   . VAL A 1 125 ? 5.811   12.192  -8.125  1.00 44.77 ? 124  VAL A CG1   1 
ATOM   1032 C CG2   . VAL A 1 125 ? 6.069   14.584  -8.766  1.00 48.78 ? 124  VAL A CG2   1 
ATOM   1033 N N     . VAL A 1 126 ? 3.138   12.080  -6.051  1.00 41.81 ? 125  VAL A N     1 
ATOM   1034 C CA    . VAL A 1 126 ? 2.747   11.197  -4.956  1.00 37.64 ? 125  VAL A CA    1 
ATOM   1035 C C     . VAL A 1 126 ? 2.779   9.700   -5.300  1.00 35.29 ? 125  VAL A C     1 
ATOM   1036 O O     . VAL A 1 126 ? 2.752   9.327   -6.476  1.00 34.13 ? 125  VAL A O     1 
ATOM   1037 C CB    . VAL A 1 126 ? 1.318   11.561  -4.475  1.00 37.13 ? 125  VAL A CB    1 
ATOM   1038 C CG1   . VAL A 1 126 ? 1.323   12.926  -3.791  1.00 38.25 ? 125  VAL A CG1   1 
ATOM   1039 C CG2   . VAL A 1 126 ? 0.361   11.589  -5.663  1.00 36.05 ? 125  VAL A CG2   1 
ATOM   1040 N N     . PRO A 1 127 ? 2.856   8.825   -4.273  1.00 32.37 ? 126  PRO A N     1 
ATOM   1041 C CA    . PRO A 1 127 ? 2.881   7.369   -4.480  1.00 30.39 ? 126  PRO A CA    1 
ATOM   1042 C C     . PRO A 1 127 ? 1.459   6.869   -4.780  1.00 28.34 ? 126  PRO A C     1 
ATOM   1043 O O     . PRO A 1 127 ? 0.504   7.284   -4.125  1.00 27.95 ? 126  PRO A O     1 
ATOM   1044 C CB    . PRO A 1 127 ? 3.409   6.841   -3.149  1.00 31.54 ? 126  PRO A CB    1 
ATOM   1045 C CG    . PRO A 1 127 ? 2.814   7.804   -2.158  1.00 30.82 ? 126  PRO A CG    1 
ATOM   1046 C CD    . PRO A 1 127 ? 3.047   9.152   -2.845  1.00 32.57 ? 126  PRO A CD    1 
ATOM   1047 N N     . VAL A 1 128 ? 1.313   5.991   -5.766  1.00 28.47 ? 127  VAL A N     1 
ATOM   1048 C CA    . VAL A 1 128 ? -0.009  5.480   -6.118  1.00 27.69 ? 127  VAL A CA    1 
ATOM   1049 C C     . VAL A 1 128 ? -0.131  3.957   -6.133  1.00 29.78 ? 127  VAL A C     1 
ATOM   1050 O O     . VAL A 1 128 ? -1.240  3.424   -6.212  1.00 27.08 ? 127  VAL A O     1 
ATOM   1051 C CB    . VAL A 1 128 ? -0.468  6.020   -7.499  1.00 27.92 ? 127  VAL A CB    1 
ATOM   1052 C CG1   . VAL A 1 128 ? -0.635  7.537   -7.434  1.00 24.03 ? 127  VAL A CG1   1 
ATOM   1053 C CG2   . VAL A 1 128 ? 0.538   5.639   -8.581  1.00 28.57 ? 127  VAL A CG2   1 
ATOM   1054 N N     . HIS A 1 129 ? 0.995   3.253   -6.045  1.00 30.06 ? 128  HIS A N     1 
ATOM   1055 C CA    . HIS A 1 129 ? 0.964   1.794   -6.070  1.00 31.69 ? 128  HIS A CA    1 
ATOM   1056 C C     . HIS A 1 129 ? 2.225   1.163   -5.475  1.00 30.71 ? 128  HIS A C     1 
ATOM   1057 O O     . HIS A 1 129 ? 3.332   1.655   -5.692  1.00 31.43 ? 128  HIS A O     1 
ATOM   1058 C CB    . HIS A 1 129 ? 0.786   1.322   -7.521  1.00 37.71 ? 128  HIS A CB    1 
ATOM   1059 C CG    . HIS A 1 129 ? 0.751   -0.164  -7.677  1.00 42.54 ? 128  HIS A CG    1 
ATOM   1060 N ND1   . HIS A 1 129 ? -0.241  -0.947  -7.125  1.00 45.43 ? 128  HIS A ND1   1 
ATOM   1061 C CD2   . HIS A 1 129 ? 1.594   -1.015  -8.311  1.00 45.85 ? 128  HIS A CD2   1 
ATOM   1062 C CE1   . HIS A 1 129 ? -0.005  -2.217  -7.409  1.00 47.44 ? 128  HIS A CE1   1 
ATOM   1063 N NE2   . HIS A 1 129 ? 1.103   -2.286  -8.128  1.00 47.35 ? 128  HIS A NE2   1 
ATOM   1064 N N     . LEU A 1 130 ? 2.043   0.080   -4.722  1.00 29.14 ? 129  LEU A N     1 
ATOM   1065 C CA    . LEU A 1 130 ? 3.157   -0.652  -4.114  1.00 30.49 ? 129  LEU A CA    1 
ATOM   1066 C C     . LEU A 1 130 ? 3.496   -1.793  -5.078  1.00 32.04 ? 129  LEU A C     1 
ATOM   1067 O O     . LEU A 1 130 ? 2.754   -2.767  -5.173  1.00 30.89 ? 129  LEU A O     1 
ATOM   1068 C CB    . LEU A 1 130 ? 2.740   -1.219  -2.746  1.00 30.07 ? 129  LEU A CB    1 
ATOM   1069 C CG    . LEU A 1 130 ? 3.791   -2.059  -2.005  1.00 31.23 ? 129  LEU A CG    1 
ATOM   1070 C CD1   . LEU A 1 130 ? 5.052   -1.220  -1.786  1.00 29.96 ? 129  LEU A CD1   1 
ATOM   1071 C CD2   . LEU A 1 130 ? 3.233   -2.552  -0.668  1.00 30.55 ? 129  LEU A CD2   1 
ATOM   1072 N N     . ASP A 1 131 ? 4.603   -1.669  -5.804  1.00 33.98 ? 130  ASP A N     1 
ATOM   1073 C CA    . ASP A 1 131 ? 4.969   -2.699  -6.776  1.00 36.99 ? 130  ASP A CA    1 
ATOM   1074 C C     . ASP A 1 131 ? 5.457   -3.981  -6.128  1.00 39.29 ? 130  ASP A C     1 
ATOM   1075 O O     . ASP A 1 131 ? 5.017   -5.075  -6.492  1.00 41.39 ? 130  ASP A O     1 
ATOM   1076 C CB    . ASP A 1 131 ? 6.033   -2.178  -7.748  1.00 39.82 ? 130  ASP A CB    1 
ATOM   1077 C CG    . ASP A 1 131 ? 6.310   -3.156  -8.886  1.00 43.33 ? 130  ASP A CG    1 
ATOM   1078 O OD1   . ASP A 1 131 ? 6.835   -4.255  -8.617  1.00 47.04 ? 130  ASP A OD1   1 
ATOM   1079 O OD2   . ASP A 1 131 ? 5.993   -2.833  -10.047 1.00 44.52 ? 130  ASP A OD2   1 
ATOM   1080 N N     . THR A 1 132 ? 6.364   -3.854  -5.169  1.00 39.17 ? 131  THR A N     1 
ATOM   1081 C CA    . THR A 1 132 ? 6.888   -5.029  -4.495  1.00 39.37 ? 131  THR A CA    1 
ATOM   1082 C C     . THR A 1 132 ? 7.835   -4.638  -3.370  1.00 39.14 ? 131  THR A C     1 
ATOM   1083 O O     . THR A 1 132 ? 8.186   -3.468  -3.209  1.00 36.53 ? 131  THR A O     1 
ATOM   1084 C CB    . THR A 1 132 ? 7.652   -5.936  -5.490  1.00 41.00 ? 131  THR A CB    1 
ATOM   1085 O OG1   . THR A 1 132 ? 7.943   -7.198  -4.874  1.00 42.01 ? 131  THR A OG1   1 
ATOM   1086 C CG2   . THR A 1 132 ? 8.955   -5.271  -5.913  1.00 39.04 ? 131  THR A CG2   1 
ATOM   1087 N N     . THR A 1 133 ? 8.232   -5.634  -2.588  1.00 40.60 ? 132  THR A N     1 
ATOM   1088 C CA    . THR A 1 133 ? 9.163   -5.442  -1.485  1.00 41.82 ? 132  THR A CA    1 
ATOM   1089 C C     . THR A 1 133 ? 10.296  -6.437  -1.734  1.00 44.14 ? 132  THR A C     1 
ATOM   1090 O O     . THR A 1 133 ? 10.050  -7.535  -2.234  1.00 44.48 ? 132  THR A O     1 
ATOM   1091 C CB    . THR A 1 133 ? 8.488   -5.759  -0.131  1.00 42.57 ? 132  THR A CB    1 
ATOM   1092 O OG1   . THR A 1 133 ? 7.963   -7.095  -0.158  1.00 42.48 ? 132  THR A OG1   1 
ATOM   1093 C CG2   . THR A 1 133 ? 7.351   -4.777  0.146   1.00 41.18 ? 132  THR A CG2   1 
ATOM   1094 N N     . ILE A 1 134 ? 11.533  -6.061  -1.413  1.00 44.20 ? 133  ILE A N     1 
ATOM   1095 C CA    . ILE A 1 134 ? 12.658  -6.970  -1.624  1.00 47.30 ? 133  ILE A CA    1 
ATOM   1096 C C     . ILE A 1 134 ? 13.535  -7.136  -0.381  1.00 46.34 ? 133  ILE A C     1 
ATOM   1097 O O     . ILE A 1 134 ? 13.943  -6.152  0.242   1.00 46.23 ? 133  ILE A O     1 
ATOM   1098 C CB    . ILE A 1 134 ? 13.551  -6.511  -2.808  1.00 49.12 ? 133  ILE A CB    1 
ATOM   1099 C CG1   . ILE A 1 134 ? 14.221  -5.175  -2.483  1.00 50.01 ? 133  ILE A CG1   1 
ATOM   1100 C CG2   . ILE A 1 134 ? 12.708  -6.372  -4.072  1.00 49.22 ? 133  ILE A CG2   1 
ATOM   1101 C CD1   . ILE A 1 134 ? 15.221  -4.729  -3.530  1.00 52.07 ? 133  ILE A CD1   1 
HETATM 1102 P P1    . A2P B 2 .   ? -3.242  -2.978  -4.281  1.00 54.22 ? 1134 A2P A P1    1 
HETATM 1103 O O1P   . A2P B 2 .   ? -2.619  -1.681  -3.944  1.00 55.31 ? 1134 A2P A O1P   1 
HETATM 1104 O O2P   . A2P B 2 .   ? -4.718  -2.823  -4.260  1.00 54.48 ? 1134 A2P A O2P   1 
HETATM 1105 O O3P   . A2P B 2 .   ? -2.829  -4.002  -3.290  1.00 54.18 ? 1134 A2P A O3P   1 
HETATM 1106 P P2    . A2P B 2 .   ? -7.871  -6.005  -6.743  1.00 63.31 ? 1134 A2P A P2    1 
HETATM 1107 O O4P   . A2P B 2 .   ? -7.839  -7.000  -5.636  1.00 61.46 ? 1134 A2P A O4P   1 
HETATM 1108 O O5P   . A2P B 2 .   ? -8.549  -4.761  -6.342  1.00 60.86 ? 1134 A2P A O5P   1 
HETATM 1109 O O6P   . A2P B 2 .   ? -8.545  -6.579  -7.849  1.00 60.87 ? 1134 A2P A O6P   1 
HETATM 1110 O "O5'" . A2P B 2 .   ? -6.406  -5.703  -7.370  1.00 60.67 ? 1134 A2P A "O5'" 1 
HETATM 1111 C "C5'" . A2P B 2 .   ? -5.519  -6.916  -7.359  1.00 58.49 ? 1134 A2P A "C5'" 1 
HETATM 1112 C "C4'" . A2P B 2 .   ? -4.051  -6.482  -7.395  1.00 57.65 ? 1134 A2P A "C4'" 1 
HETATM 1113 O "O4'" . A2P B 2 .   ? -3.880  -5.510  -8.514  1.00 56.54 ? 1134 A2P A "O4'" 1 
HETATM 1114 C "C3'" . A2P B 2 .   ? -3.474  -5.773  -6.155  1.00 56.99 ? 1134 A2P A "C3'" 1 
HETATM 1115 O "O3'" . A2P B 2 .   ? -2.180  -6.169  -5.789  1.00 56.83 ? 1134 A2P A "O3'" 1 
HETATM 1116 C "C2'" . A2P B 2 .   ? -3.626  -4.282  -6.545  1.00 55.93 ? 1134 A2P A "C2'" 1 
HETATM 1117 O "O2'" . A2P B 2 .   ? -2.742  -3.442  -5.771  1.00 55.11 ? 1134 A2P A "O2'" 1 
HETATM 1118 C "C1'" . A2P B 2 .   ? -3.238  -4.293  -7.984  1.00 55.22 ? 1134 A2P A "C1'" 1 
HETATM 1119 N N9    . A2P B 2 .   ? -3.752  -3.101  -8.762  1.00 54.25 ? 1134 A2P A N9    1 
HETATM 1120 C C8    . A2P B 2 .   ? -5.039  -2.527  -8.780  1.00 53.84 ? 1134 A2P A C8    1 
HETATM 1121 N N7    . A2P B 2 .   ? -5.109  -1.478  -9.599  1.00 54.20 ? 1134 A2P A N7    1 
HETATM 1122 C C5    . A2P B 2 .   ? -3.853  -1.366  -10.121 1.00 54.43 ? 1134 A2P A C5    1 
HETATM 1123 C C6    . A2P B 2 .   ? -3.254  -0.425  -11.084 1.00 54.86 ? 1134 A2P A C6    1 
HETATM 1124 N N6    . A2P B 2 .   ? -3.915  0.561   -11.648 1.00 53.85 ? 1134 A2P A N6    1 
HETATM 1125 N N1    . A2P B 2 .   ? -1.917  -0.640  -11.374 1.00 55.06 ? 1134 A2P A N1    1 
HETATM 1126 C C2    . A2P B 2 .   ? -1.177  -1.666  -10.806 1.00 55.90 ? 1134 A2P A C2    1 
HETATM 1127 N N3    . A2P B 2 .   ? -1.652  -2.549  -9.931  1.00 54.61 ? 1134 A2P A N3    1 
HETATM 1128 C C4    . A2P B 2 .   ? -2.970  -2.361  -9.627  1.00 54.37 ? 1134 A2P A C4    1 
HETATM 1129 O O     . HOH C 3 .   ? -3.906  3.532   -5.260  1.00 29.21 ? 2001 HOH A O     1 
HETATM 1130 O O     . HOH C 3 .   ? -6.667  9.833   -8.422  1.00 44.09 ? 2002 HOH A O     1 
HETATM 1131 O O     . HOH C 3 .   ? -8.411  -3.550  -1.986  1.00 48.89 ? 2003 HOH A O     1 
HETATM 1132 O O     . HOH C 3 .   ? -0.101  5.027   12.840  1.00 41.86 ? 2004 HOH A O     1 
HETATM 1133 O O     . HOH C 3 .   ? 16.586  1.648   -19.732 1.00 54.59 ? 2005 HOH A O     1 
HETATM 1134 O O     . HOH C 3 .   ? -0.149  -5.494  14.725  1.00 48.51 ? 2006 HOH A O     1 
HETATM 1135 O O     . HOH C 3 .   ? -5.168  -3.969  17.865  1.00 54.52 ? 2007 HOH A O     1 
HETATM 1136 O O     . HOH C 3 .   ? -10.901 -8.368  8.897   1.00 40.16 ? 2008 HOH A O     1 
HETATM 1137 O O     . HOH C 3 .   ? -12.346 -7.583  6.820   1.00 33.86 ? 2009 HOH A O     1 
HETATM 1138 O O     . HOH C 3 .   ? 5.294   -11.382 15.330  1.00 53.24 ? 2010 HOH A O     1 
HETATM 1139 O O     . HOH C 3 .   ? -13.398 -7.982  -4.554  1.00 47.66 ? 2011 HOH A O     1 
HETATM 1140 O O     . HOH C 3 .   ? -10.527 -14.114 -0.530  1.00 49.10 ? 2012 HOH A O     1 
HETATM 1141 O O     . HOH C 3 .   ? -10.223 -11.109 -2.988  1.00 60.78 ? 2013 HOH A O     1 
HETATM 1142 O O     . HOH C 3 .   ? -14.519 -13.248 1.205   1.00 48.00 ? 2014 HOH A O     1 
HETATM 1143 O O     . HOH C 3 .   ? -7.261  -10.819 -3.093  1.00 44.82 ? 2015 HOH A O     1 
HETATM 1144 O O     . HOH C 3 .   ? 1.480   -8.538  0.198   1.00 58.06 ? 2016 HOH A O     1 
HETATM 1145 O O     . HOH C 3 .   ? 0.272   -5.395  -0.373  1.00 29.92 ? 2017 HOH A O     1 
HETATM 1146 O O     . HOH C 3 .   ? 10.704  5.610   7.659   1.00 53.57 ? 2018 HOH A O     1 
HETATM 1147 O O     . HOH C 3 .   ? 1.819   6.713   9.412   1.00 43.08 ? 2019 HOH A O     1 
HETATM 1148 O O     . HOH C 3 .   ? 1.583   9.210   7.341   1.00 40.84 ? 2020 HOH A O     1 
HETATM 1149 O O     . HOH C 3 .   ? 3.444   12.267  6.475   1.00 42.25 ? 2021 HOH A O     1 
HETATM 1150 O O     . HOH C 3 .   ? 14.847  4.100   -7.312  1.00 35.81 ? 2022 HOH A O     1 
HETATM 1151 O O     . HOH C 3 .   ? 17.308  3.385   -14.553 1.00 53.92 ? 2023 HOH A O     1 
HETATM 1152 O O     . HOH C 3 .   ? 15.454  -0.601  -18.943 1.00 43.43 ? 2024 HOH A O     1 
HETATM 1153 O O     . HOH C 3 .   ? 7.332   -7.304  -15.819 1.00 45.79 ? 2025 HOH A O     1 
HETATM 1154 O O     . HOH C 3 .   ? 15.237  -2.259  -15.012 1.00 30.40 ? 2026 HOH A O     1 
HETATM 1155 O O     . HOH C 3 .   ? 7.972   8.742   -11.374 1.00 47.19 ? 2027 HOH A O     1 
HETATM 1156 O O     . HOH C 3 .   ? 18.901  -0.985  5.132   1.00 47.39 ? 2028 HOH A O     1 
HETATM 1157 O O     . HOH C 3 .   ? 7.027   -4.803  11.867  1.00 33.31 ? 2029 HOH A O     1 
HETATM 1158 O O     . HOH C 3 .   ? 8.892   -10.141 4.956   1.00 43.70 ? 2030 HOH A O     1 
HETATM 1159 O O     . HOH C 3 .   ? 1.262   -15.758 8.572   1.00 33.06 ? 2031 HOH A O     1 
HETATM 1160 O O     . HOH C 3 .   ? -5.750  -20.915 5.528   1.00 46.90 ? 2032 HOH A O     1 
HETATM 1161 O O     . HOH C 3 .   ? -10.538 -21.572 5.618   1.00 55.73 ? 2033 HOH A O     1 
HETATM 1162 O O     . HOH C 3 .   ? -4.633  -14.719 13.882  1.00 48.50 ? 2034 HOH A O     1 
HETATM 1163 O O     . HOH C 3 .   ? 2.696   -11.411 15.054  1.00 50.70 ? 2035 HOH A O     1 
HETATM 1164 O O     . HOH C 3 .   ? -5.106  -10.070 13.307  1.00 35.59 ? 2036 HOH A O     1 
HETATM 1165 O O     . HOH C 3 .   ? -1.901  -13.160 14.270  1.00 65.48 ? 2037 HOH A O     1 
HETATM 1166 O O     . HOH C 3 .   ? 0.799   -13.804 14.213  1.00 52.00 ? 2038 HOH A O     1 
HETATM 1167 O O     . HOH C 3 .   ? 5.300   -12.224 1.740   1.00 46.99 ? 2039 HOH A O     1 
HETATM 1168 O O     . HOH C 3 .   ? 11.423  -9.683  6.083   1.00 38.30 ? 2040 HOH A O     1 
HETATM 1169 O O     . HOH C 3 .   ? 14.827  -0.188  10.557  1.00 49.69 ? 2041 HOH A O     1 
HETATM 1170 O O     . HOH C 3 .   ? 10.508  5.219   3.858   1.00 39.72 ? 2042 HOH A O     1 
HETATM 1171 O O     . HOH C 3 .   ? -2.858  10.455  -8.917  1.00 51.19 ? 2043 HOH A O     1 
HETATM 1172 O O     . HOH C 3 .   ? -3.619  10.454  -6.408  1.00 32.84 ? 2044 HOH A O     1 
HETATM 1173 O O     . HOH C 3 .   ? -0.424  15.624  -2.700  1.00 49.33 ? 2045 HOH A O     1 
HETATM 1174 O O     . HOH C 3 .   ? 5.899   15.752  -4.237  1.00 55.30 ? 2046 HOH A O     1 
HETATM 1175 O O     . HOH C 3 .   ? -2.543  1.429   -8.314  1.00 57.41 ? 2047 HOH A O     1 
HETATM 1176 O O     . HOH C 3 .   ? 4.611   -7.791  -5.073  1.00 62.55 ? 2048 HOH A O     1 
HETATM 1177 O O     . HOH C 3 .   ? 2.512   -5.483  -8.101  1.00 52.68 ? 2049 HOH A O     1 
HETATM 1178 O O     . HOH C 3 .   ? -0.447  -0.696  -4.333  1.00 45.33 ? 2050 HOH A O     1 
HETATM 1179 O O     . HOH C 3 .   ? -3.212  1.293   -3.381  1.00 31.11 ? 2051 HOH A O     1 
HETATM 1180 O O     . HOH C 3 .   ? -5.974  -8.406  -4.261  1.00 53.04 ? 2052 HOH A O     1 
HETATM 1181 O O     . HOH C 3 .   ? -8.254  -2.367  -7.662  1.00 48.15 ? 2053 HOH A O     1 
HETATM 1182 O O     . HOH C 3 .   ? -6.430  -0.713  -5.821  1.00 50.92 ? 2054 HOH A O     1 
# 
